data_2WOS
# 
_entry.id   2WOS 
# 
_audit_conform.dict_name       mmcif_pdbx.dic 
_audit_conform.dict_version    5.398 
_audit_conform.dict_location   http://mmcif.pdb.org/dictionaries/ascii/mmcif_pdbx.dic 
# 
loop_
_database_2.database_id 
_database_2.database_code 
_database_2.pdbx_database_accession 
_database_2.pdbx_DOI 
PDB   2WOS         pdb_00002wos 10.2210/pdb2wos/pdb 
PDBE  EBI-40576    ?            ?                   
WWPDB D_1290040576 ?            ?                   
# 
loop_
_pdbx_audit_revision_history.ordinal 
_pdbx_audit_revision_history.data_content_type 
_pdbx_audit_revision_history.major_revision 
_pdbx_audit_revision_history.minor_revision 
_pdbx_audit_revision_history.revision_date 
1 'Structure model' 1 0 2009-10-20 
2 'Structure model' 1 1 2011-05-08 
3 'Structure model' 1 2 2011-07-13 
4 'Structure model' 1 3 2023-12-20 
5 'Structure model' 1 4 2024-11-13 
# 
_pdbx_audit_revision_details.ordinal             1 
_pdbx_audit_revision_details.revision_ordinal    1 
_pdbx_audit_revision_details.data_content_type   'Structure model' 
_pdbx_audit_revision_details.provider            repository 
_pdbx_audit_revision_details.type                'Initial release' 
_pdbx_audit_revision_details.description         ? 
_pdbx_audit_revision_details.details             ? 
# 
loop_
_pdbx_audit_revision_group.ordinal 
_pdbx_audit_revision_group.revision_ordinal 
_pdbx_audit_revision_group.data_content_type 
_pdbx_audit_revision_group.group 
1 2 'Structure model' 'Version format compliance' 
2 3 'Structure model' 'Version format compliance' 
3 4 'Structure model' 'Data collection'           
4 4 'Structure model' 'Database references'       
5 4 'Structure model' 'Derived calculations'      
6 4 'Structure model' Other                       
7 4 'Structure model' 'Refinement description'    
8 5 'Structure model' 'Structure summary'         
# 
loop_
_pdbx_audit_revision_category.ordinal 
_pdbx_audit_revision_category.revision_ordinal 
_pdbx_audit_revision_category.data_content_type 
_pdbx_audit_revision_category.category 
1  4 'Structure model' chem_comp_atom                
2  4 'Structure model' chem_comp_bond                
3  4 'Structure model' database_2                    
4  4 'Structure model' pdbx_database_status          
5  4 'Structure model' pdbx_initial_refinement_model 
6  4 'Structure model' pdbx_struct_conn_angle        
7  4 'Structure model' struct_conn                   
8  4 'Structure model' struct_site                   
9  5 'Structure model' pdbx_entry_details            
10 5 'Structure model' pdbx_modification_feature     
# 
loop_
_pdbx_audit_revision_item.ordinal 
_pdbx_audit_revision_item.revision_ordinal 
_pdbx_audit_revision_item.data_content_type 
_pdbx_audit_revision_item.item 
1  4 'Structure model' '_database_2.pdbx_DOI'                        
2  4 'Structure model' '_database_2.pdbx_database_accession'         
3  4 'Structure model' '_pdbx_database_status.status_code_sf'        
4  4 'Structure model' '_pdbx_struct_conn_angle.ptnr1_auth_comp_id'  
5  4 'Structure model' '_pdbx_struct_conn_angle.ptnr1_auth_seq_id'   
6  4 'Structure model' '_pdbx_struct_conn_angle.ptnr1_label_asym_id' 
7  4 'Structure model' '_pdbx_struct_conn_angle.ptnr1_label_atom_id' 
8  4 'Structure model' '_pdbx_struct_conn_angle.ptnr1_label_comp_id' 
9  4 'Structure model' '_pdbx_struct_conn_angle.ptnr1_label_seq_id'  
10 4 'Structure model' '_pdbx_struct_conn_angle.ptnr1_symmetry'      
11 4 'Structure model' '_pdbx_struct_conn_angle.ptnr2_auth_comp_id'  
12 4 'Structure model' '_pdbx_struct_conn_angle.ptnr2_auth_seq_id'   
13 4 'Structure model' '_pdbx_struct_conn_angle.ptnr2_label_asym_id' 
14 4 'Structure model' '_pdbx_struct_conn_angle.ptnr2_label_atom_id' 
15 4 'Structure model' '_pdbx_struct_conn_angle.ptnr2_label_comp_id' 
16 4 'Structure model' '_pdbx_struct_conn_angle.ptnr3_auth_comp_id'  
17 4 'Structure model' '_pdbx_struct_conn_angle.ptnr3_auth_seq_id'   
18 4 'Structure model' '_pdbx_struct_conn_angle.ptnr3_label_asym_id' 
19 4 'Structure model' '_pdbx_struct_conn_angle.ptnr3_label_atom_id' 
20 4 'Structure model' '_pdbx_struct_conn_angle.ptnr3_label_comp_id' 
21 4 'Structure model' '_pdbx_struct_conn_angle.ptnr3_label_seq_id'  
22 4 'Structure model' '_pdbx_struct_conn_angle.ptnr3_symmetry'      
23 4 'Structure model' '_pdbx_struct_conn_angle.value'               
24 4 'Structure model' '_struct_conn.pdbx_dist_value'                
25 4 'Structure model' '_struct_conn.ptnr1_auth_comp_id'             
26 4 'Structure model' '_struct_conn.ptnr1_auth_seq_id'              
27 4 'Structure model' '_struct_conn.ptnr1_label_asym_id'            
28 4 'Structure model' '_struct_conn.ptnr1_label_atom_id'            
29 4 'Structure model' '_struct_conn.ptnr1_label_comp_id'            
30 4 'Structure model' '_struct_conn.ptnr1_label_seq_id'             
31 4 'Structure model' '_struct_conn.ptnr1_symmetry'                 
32 4 'Structure model' '_struct_conn.ptnr2_auth_comp_id'             
33 4 'Structure model' '_struct_conn.ptnr2_auth_seq_id'              
34 4 'Structure model' '_struct_conn.ptnr2_label_asym_id'            
35 4 'Structure model' '_struct_conn.ptnr2_label_atom_id'            
36 4 'Structure model' '_struct_conn.ptnr2_label_comp_id'            
37 4 'Structure model' '_struct_conn.ptnr2_label_seq_id'             
38 4 'Structure model' '_struct_conn.ptnr2_symmetry'                 
39 4 'Structure model' '_struct_site.pdbx_auth_asym_id'              
40 4 'Structure model' '_struct_site.pdbx_auth_comp_id'              
41 4 'Structure model' '_struct_site.pdbx_auth_seq_id'               
# 
_pdbx_database_status.status_code                     REL 
_pdbx_database_status.entry_id                        2WOS 
_pdbx_database_status.deposit_site                    PDBE 
_pdbx_database_status.process_site                    PDBE 
_pdbx_database_status.SG_entry                        . 
_pdbx_database_status.recvd_initial_deposition_date   2009-07-27 
_pdbx_database_status.pdb_format_compatible           Y 
_pdbx_database_status.status_code_sf                  REL 
_pdbx_database_status.status_code_mr                  ? 
_pdbx_database_status.status_code_cs                  ? 
_pdbx_database_status.methods_development_category    ? 
_pdbx_database_status.status_code_nmr_data            ? 
# 
loop_
_pdbx_database_related.db_name 
_pdbx_database_related.db_id 
_pdbx_database_related.content_type 
_pdbx_database_related.details 
PDB 2WND unspecified 'STRUCTURE OF AN S100A7 TRIPLE MUTANT'                                
PDB 1PSR unspecified 'HUMAN PSORIASIN (S100A7)'                                            
PDB 3PSR unspecified 'HUMAN PSORIASIN (S100A7) CA2+ BOUND FORM (CRYSTAL FORM I)'           
PDB 2PSR unspecified 'HUMAN PSORIASIN (S100A7) CA2+ AND ZN2+ BOUND FORM (CRYSTAL FORM II)' 
PDB 2WOR unspecified 'CO-STRUCTURE OF S100A7 WITH 1,8 ANS'                                 
# 
loop_
_audit_author.name 
_audit_author.pdbx_ordinal 
'Leon, R.'        1 
'Murray, J.I.'    2 
'Cragg, G.'       3 
'Farnell, B.'     4 
'Pace, T.C.'      5 
'Bohne, C.'       6 
'Boulanger, M.J.' 7 
'Hof, F.'         8 
# 
_citation.id                        primary 
_citation.title                     
'Identification and Characterization of Binding Sites on S100A7, a Participant in Cancer and Inflammation Pathways.' 
_citation.journal_abbrev            Biochemistry 
_citation.journal_volume            48 
_citation.page_first                10591 
_citation.page_last                 ? 
_citation.year                      2009 
_citation.journal_id_ASTM           BICHAW 
_citation.country                   US 
_citation.journal_id_ISSN           0006-2960 
_citation.journal_id_CSD            0033 
_citation.book_publisher            ? 
_citation.pdbx_database_id_PubMed   19810752 
_citation.pdbx_database_id_DOI      10.1021/BI901330G 
# 
loop_
_citation_author.citation_id 
_citation_author.name 
_citation_author.ordinal 
_citation_author.identifier_ORCID 
primary 'Leon, R.'        1  ? 
primary 'Murray, J.I.'    2  ? 
primary 'Cragg, G.'       3  ? 
primary 'Farnell, B.'     4  ? 
primary 'West, N.R.'      5  ? 
primary 'Pace, T.C.'      6  ? 
primary 'Watson, P.H.'    7  ? 
primary 'Bohne, C.'       8  ? 
primary 'Boulanger, M.J.' 9  ? 
primary 'Hof, F.'         10 ? 
# 
loop_
_entity.id 
_entity.type 
_entity.src_method 
_entity.pdbx_description 
_entity.formula_weight 
_entity.pdbx_number_of_molecules 
_entity.pdbx_ec 
_entity.pdbx_mutation 
_entity.pdbx_fragment 
_entity.details 
1 polymer     man 'PROTEIN S100-A7'                                                   11343.784 1  ? ? 'RESIDUES 2-101' '2,6 ANS' 
2 non-polymer syn 'CALCIUM ION'                                                       40.078    1  ? ? ?                ?         
3 non-polymer syn '6-[(1E)-CYCLOHEXA-2,4-DIEN-1-YLIDENEAMINO]NAPHTHALENE-2-SULFONATE' 299.344   1  ? ? ?                ?         
4 non-polymer syn 'ZINC ION'                                                          65.409    1  ? ? ?                ?         
5 water       nat water                                                               18.015    99 ? ? ?                ?         
# 
_entity_name_com.entity_id   1 
_entity_name_com.name        'CALCIUM-BINDING PROTEIN A7, PSORIASIN' 
# 
_entity_poly.entity_id                      1 
_entity_poly.type                           'polypeptide(L)' 
_entity_poly.nstd_linkage                   no 
_entity_poly.nstd_monomer                   no 
_entity_poly.pdbx_seq_one_letter_code       
;SNTQAERSIIGMIDMFHKYTRRDDKIDKPSLLTMMKENFPNFLSACDKKGTNYLADVFEKKDKNEDKKIDFSEFLSLLGD
IATDYHKQSHGAAPCSGGSQ
;
_entity_poly.pdbx_seq_one_letter_code_can   
;SNTQAERSIIGMIDMFHKYTRRDDKIDKPSLLTMMKENFPNFLSACDKKGTNYLADVFEKKDKNEDKKIDFSEFLSLLGD
IATDYHKQSHGAAPCSGGSQ
;
_entity_poly.pdbx_strand_id                 A 
_entity_poly.pdbx_target_identifier         ? 
# 
loop_
_pdbx_entity_nonpoly.entity_id 
_pdbx_entity_nonpoly.name 
_pdbx_entity_nonpoly.comp_id 
2 'CALCIUM ION'                                                       CA  
3 '6-[(1E)-CYCLOHEXA-2,4-DIEN-1-YLIDENEAMINO]NAPHTHALENE-2-SULFONATE' 6AN 
4 'ZINC ION'                                                          ZN  
5 water                                                               HOH 
# 
loop_
_entity_poly_seq.entity_id 
_entity_poly_seq.num 
_entity_poly_seq.mon_id 
_entity_poly_seq.hetero 
1 1   SER n 
1 2   ASN n 
1 3   THR n 
1 4   GLN n 
1 5   ALA n 
1 6   GLU n 
1 7   ARG n 
1 8   SER n 
1 9   ILE n 
1 10  ILE n 
1 11  GLY n 
1 12  MET n 
1 13  ILE n 
1 14  ASP n 
1 15  MET n 
1 16  PHE n 
1 17  HIS n 
1 18  LYS n 
1 19  TYR n 
1 20  THR n 
1 21  ARG n 
1 22  ARG n 
1 23  ASP n 
1 24  ASP n 
1 25  LYS n 
1 26  ILE n 
1 27  ASP n 
1 28  LYS n 
1 29  PRO n 
1 30  SER n 
1 31  LEU n 
1 32  LEU n 
1 33  THR n 
1 34  MET n 
1 35  MET n 
1 36  LYS n 
1 37  GLU n 
1 38  ASN n 
1 39  PHE n 
1 40  PRO n 
1 41  ASN n 
1 42  PHE n 
1 43  LEU n 
1 44  SER n 
1 45  ALA n 
1 46  CYS n 
1 47  ASP n 
1 48  LYS n 
1 49  LYS n 
1 50  GLY n 
1 51  THR n 
1 52  ASN n 
1 53  TYR n 
1 54  LEU n 
1 55  ALA n 
1 56  ASP n 
1 57  VAL n 
1 58  PHE n 
1 59  GLU n 
1 60  LYS n 
1 61  LYS n 
1 62  ASP n 
1 63  LYS n 
1 64  ASN n 
1 65  GLU n 
1 66  ASP n 
1 67  LYS n 
1 68  LYS n 
1 69  ILE n 
1 70  ASP n 
1 71  PHE n 
1 72  SER n 
1 73  GLU n 
1 74  PHE n 
1 75  LEU n 
1 76  SER n 
1 77  LEU n 
1 78  LEU n 
1 79  GLY n 
1 80  ASP n 
1 81  ILE n 
1 82  ALA n 
1 83  THR n 
1 84  ASP n 
1 85  TYR n 
1 86  HIS n 
1 87  LYS n 
1 88  GLN n 
1 89  SER n 
1 90  HIS n 
1 91  GLY n 
1 92  ALA n 
1 93  ALA n 
1 94  PRO n 
1 95  CYS n 
1 96  SER n 
1 97  GLY n 
1 98  GLY n 
1 99  SER n 
1 100 GLN n 
# 
_entity_src_gen.entity_id                          1 
_entity_src_gen.pdbx_src_id                        1 
_entity_src_gen.pdbx_alt_source_flag               sample 
_entity_src_gen.pdbx_seq_type                      ? 
_entity_src_gen.pdbx_beg_seq_num                   ? 
_entity_src_gen.pdbx_end_seq_num                   ? 
_entity_src_gen.gene_src_common_name               ? 
_entity_src_gen.gene_src_genus                     ? 
_entity_src_gen.pdbx_gene_src_gene                 ? 
_entity_src_gen.gene_src_species                   ? 
_entity_src_gen.gene_src_strain                    ? 
_entity_src_gen.gene_src_tissue                    ? 
_entity_src_gen.gene_src_tissue_fraction           ? 
_entity_src_gen.gene_src_details                   ? 
_entity_src_gen.pdbx_gene_src_fragment             ? 
_entity_src_gen.pdbx_gene_src_scientific_name      'HOMO SAPIENS' 
_entity_src_gen.pdbx_gene_src_ncbi_taxonomy_id     9606 
_entity_src_gen.pdbx_gene_src_variant              ? 
_entity_src_gen.pdbx_gene_src_cell_line            ? 
_entity_src_gen.pdbx_gene_src_atcc                 ? 
_entity_src_gen.pdbx_gene_src_organ                ? 
_entity_src_gen.pdbx_gene_src_organelle            ? 
_entity_src_gen.pdbx_gene_src_cell                 ? 
_entity_src_gen.pdbx_gene_src_cellular_location    ? 
_entity_src_gen.host_org_common_name               ? 
_entity_src_gen.pdbx_host_org_scientific_name      'ESCHERICHIA COLI' 
_entity_src_gen.pdbx_host_org_ncbi_taxonomy_id     511693 
_entity_src_gen.host_org_genus                     ? 
_entity_src_gen.pdbx_host_org_gene                 ? 
_entity_src_gen.pdbx_host_org_organ                ? 
_entity_src_gen.host_org_species                   ? 
_entity_src_gen.pdbx_host_org_tissue               ? 
_entity_src_gen.pdbx_host_org_tissue_fraction      ? 
_entity_src_gen.pdbx_host_org_strain               BL21 
_entity_src_gen.pdbx_host_org_variant              ? 
_entity_src_gen.pdbx_host_org_cell_line            ? 
_entity_src_gen.pdbx_host_org_atcc                 ? 
_entity_src_gen.pdbx_host_org_culture_collection   ? 
_entity_src_gen.pdbx_host_org_cell                 ? 
_entity_src_gen.pdbx_host_org_organelle            ? 
_entity_src_gen.pdbx_host_org_cellular_location    ? 
_entity_src_gen.pdbx_host_org_vector_type          ? 
_entity_src_gen.pdbx_host_org_vector               ? 
_entity_src_gen.host_org_details                   ? 
_entity_src_gen.expression_system_id               ? 
_entity_src_gen.plasmid_name                       PET28A 
_entity_src_gen.plasmid_details                    ? 
_entity_src_gen.pdbx_description                   ? 
# 
loop_
_chem_comp.id 
_chem_comp.type 
_chem_comp.mon_nstd_flag 
_chem_comp.name 
_chem_comp.pdbx_synonyms 
_chem_comp.formula 
_chem_comp.formula_weight 
6AN non-polymer         . '6-[(1E)-CYCLOHEXA-2,4-DIEN-1-YLIDENEAMINO]NAPHTHALENE-2-SULFONATE' 
'2-ANILINONAPHTHALENE-6-SULFONIC ACID' 'C16 H13 N O3 S' 299.344 
ALA 'L-peptide linking' y ALANINE                                                             ? 'C3 H7 N O2'     89.093  
ARG 'L-peptide linking' y ARGININE                                                            ? 'C6 H15 N4 O2 1' 175.209 
ASN 'L-peptide linking' y ASPARAGINE                                                          ? 'C4 H8 N2 O3'    132.118 
ASP 'L-peptide linking' y 'ASPARTIC ACID'                                                     ? 'C4 H7 N O4'     133.103 
CA  non-polymer         . 'CALCIUM ION'                                                       ? 'Ca 2'           40.078  
CYS 'L-peptide linking' y CYSTEINE                                                            ? 'C3 H7 N O2 S'   121.158 
GLN 'L-peptide linking' y GLUTAMINE                                                           ? 'C5 H10 N2 O3'   146.144 
GLU 'L-peptide linking' y 'GLUTAMIC ACID'                                                     ? 'C5 H9 N O4'     147.129 
GLY 'peptide linking'   y GLYCINE                                                             ? 'C2 H5 N O2'     75.067  
HIS 'L-peptide linking' y HISTIDINE                                                           ? 'C6 H10 N3 O2 1' 156.162 
HOH non-polymer         . WATER                                                               ? 'H2 O'           18.015  
ILE 'L-peptide linking' y ISOLEUCINE                                                          ? 'C6 H13 N O2'    131.173 
LEU 'L-peptide linking' y LEUCINE                                                             ? 'C6 H13 N O2'    131.173 
LYS 'L-peptide linking' y LYSINE                                                              ? 'C6 H15 N2 O2 1' 147.195 
MET 'L-peptide linking' y METHIONINE                                                          ? 'C5 H11 N O2 S'  149.211 
PHE 'L-peptide linking' y PHENYLALANINE                                                       ? 'C9 H11 N O2'    165.189 
PRO 'L-peptide linking' y PROLINE                                                             ? 'C5 H9 N O2'     115.130 
SER 'L-peptide linking' y SERINE                                                              ? 'C3 H7 N O3'     105.093 
THR 'L-peptide linking' y THREONINE                                                           ? 'C4 H9 N O3'     119.119 
TYR 'L-peptide linking' y TYROSINE                                                            ? 'C9 H11 N O3'    181.189 
VAL 'L-peptide linking' y VALINE                                                              ? 'C5 H11 N O2'    117.146 
ZN  non-polymer         . 'ZINC ION'                                                          ? 'Zn 2'           65.409  
# 
loop_
_pdbx_poly_seq_scheme.asym_id 
_pdbx_poly_seq_scheme.entity_id 
_pdbx_poly_seq_scheme.seq_id 
_pdbx_poly_seq_scheme.mon_id 
_pdbx_poly_seq_scheme.ndb_seq_num 
_pdbx_poly_seq_scheme.pdb_seq_num 
_pdbx_poly_seq_scheme.auth_seq_num 
_pdbx_poly_seq_scheme.pdb_mon_id 
_pdbx_poly_seq_scheme.auth_mon_id 
_pdbx_poly_seq_scheme.pdb_strand_id 
_pdbx_poly_seq_scheme.pdb_ins_code 
_pdbx_poly_seq_scheme.hetero 
A 1 1   SER 1   1   1  SER SER A . n 
A 1 2   ASN 2   2   2  ASN ASN A . n 
A 1 3   THR 3   3   3  THR THR A . n 
A 1 4   GLN 4   4   4  GLN GLN A . n 
A 1 5   ALA 5   5   5  ALA ALA A . n 
A 1 6   GLU 6   6   6  GLU GLU A . n 
A 1 7   ARG 7   7   7  ARG ARG A . n 
A 1 8   SER 8   8   8  SER SER A . n 
A 1 9   ILE 9   9   9  ILE ILE A . n 
A 1 10  ILE 10  10  10 ILE ILE A . n 
A 1 11  GLY 11  11  11 GLY GLY A . n 
A 1 12  MET 12  12  12 MET MET A . n 
A 1 13  ILE 13  13  13 ILE ILE A . n 
A 1 14  ASP 14  14  14 ASP ASP A . n 
A 1 15  MET 15  15  15 MET MET A . n 
A 1 16  PHE 16  16  16 PHE PHE A . n 
A 1 17  HIS 17  17  17 HIS HIS A . n 
A 1 18  LYS 18  18  18 LYS LYS A . n 
A 1 19  TYR 19  19  19 TYR TYR A . n 
A 1 20  THR 20  20  20 THR THR A . n 
A 1 21  ARG 21  21  21 ARG ARG A . n 
A 1 22  ARG 22  22  22 ARG ARG A . n 
A 1 23  ASP 23  23  23 ASP ASP A . n 
A 1 24  ASP 24  24  24 ASP ASP A . n 
A 1 25  LYS 25  25  25 LYS LYS A . n 
A 1 26  ILE 26  26  26 ILE ILE A . n 
A 1 27  ASP 27  27  27 ASP ASP A . n 
A 1 28  LYS 28  28  28 LYS LYS A . n 
A 1 29  PRO 29  29  29 PRO PRO A . n 
A 1 30  SER 30  30  30 SER SER A . n 
A 1 31  LEU 31  31  31 LEU LEU A . n 
A 1 32  LEU 32  32  32 LEU LEU A . n 
A 1 33  THR 33  33  33 THR THR A . n 
A 1 34  MET 34  34  34 MET MET A . n 
A 1 35  MET 35  35  35 MET MET A . n 
A 1 36  LYS 36  36  36 LYS LYS A . n 
A 1 37  GLU 37  37  37 GLU GLU A . n 
A 1 38  ASN 38  38  38 ASN ASN A . n 
A 1 39  PHE 39  39  39 PHE PHE A . n 
A 1 40  PRO 40  40  40 PRO PRO A . n 
A 1 41  ASN 41  41  41 ASN ASN A . n 
A 1 42  PHE 42  42  42 PHE PHE A . n 
A 1 43  LEU 43  43  43 LEU LEU A . n 
A 1 44  SER 44  44  44 SER SER A . n 
A 1 45  ALA 45  45  45 ALA ALA A . n 
A 1 46  CYS 46  46  46 CYS CYS A . n 
A 1 47  ASP 47  47  47 ASP ASP A . n 
A 1 48  LYS 48  48  48 LYS LYS A . n 
A 1 49  LYS 49  49  49 LYS LYS A . n 
A 1 50  GLY 50  50  50 GLY GLY A . n 
A 1 51  THR 51  51  51 THR THR A . n 
A 1 52  ASN 52  52  52 ASN ASN A . n 
A 1 53  TYR 53  53  53 TYR TYR A . n 
A 1 54  LEU 54  54  54 LEU LEU A . n 
A 1 55  ALA 55  55  55 ALA ALA A . n 
A 1 56  ASP 56  56  56 ASP ASP A . n 
A 1 57  VAL 57  57  57 VAL VAL A . n 
A 1 58  PHE 58  58  58 PHE PHE A . n 
A 1 59  GLU 59  59  59 GLU GLU A . n 
A 1 60  LYS 60  60  60 LYS LYS A . n 
A 1 61  LYS 61  61  61 LYS LYS A . n 
A 1 62  ASP 62  62  62 ASP ASP A . n 
A 1 63  LYS 63  63  63 LYS LYS A . n 
A 1 64  ASN 64  64  64 ASN ASN A . n 
A 1 65  GLU 65  65  65 GLU GLU A . n 
A 1 66  ASP 66  66  66 ASP ASP A . n 
A 1 67  LYS 67  67  67 LYS LYS A . n 
A 1 68  LYS 68  68  68 LYS LYS A . n 
A 1 69  ILE 69  69  69 ILE ILE A . n 
A 1 70  ASP 70  70  70 ASP ASP A . n 
A 1 71  PHE 71  71  71 PHE PHE A . n 
A 1 72  SER 72  72  72 SER SER A . n 
A 1 73  GLU 73  73  73 GLU GLU A . n 
A 1 74  PHE 74  74  74 PHE PHE A . n 
A 1 75  LEU 75  75  75 LEU LEU A . n 
A 1 76  SER 76  76  76 SER SER A . n 
A 1 77  LEU 77  77  77 LEU LEU A . n 
A 1 78  LEU 78  78  78 LEU LEU A . n 
A 1 79  GLY 79  79  79 GLY GLY A . n 
A 1 80  ASP 80  80  80 ASP ASP A . n 
A 1 81  ILE 81  81  81 ILE ILE A . n 
A 1 82  ALA 82  82  82 ALA ALA A . n 
A 1 83  THR 83  83  83 THR THR A . n 
A 1 84  ASP 84  84  84 ASP ASP A . n 
A 1 85  TYR 85  85  85 TYR TYR A . n 
A 1 86  HIS 86  86  86 HIS HIS A . n 
A 1 87  LYS 87  87  87 LYS LYS A . n 
A 1 88  GLN 88  88  88 GLN GLN A . n 
A 1 89  SER 89  89  89 SER SER A . n 
A 1 90  HIS 90  90  90 HIS HIS A . n 
A 1 91  GLY 91  91  91 GLY GLY A . n 
A 1 92  ALA 92  92  92 ALA ALA A . n 
A 1 93  ALA 93  93  93 ALA ALA A . n 
A 1 94  PRO 94  94  94 PRO PRO A . n 
A 1 95  CYS 95  95  95 CYS CYS A . n 
A 1 96  SER 96  96  96 SER SER A . n 
A 1 97  GLY 97  97  ?  ?   ?   A . n 
A 1 98  GLY 98  98  ?  ?   ?   A . n 
A 1 99  SER 99  99  ?  ?   ?   A . n 
A 1 100 GLN 100 100 ?  ?   ?   A . n 
# 
loop_
_pdbx_nonpoly_scheme.asym_id 
_pdbx_nonpoly_scheme.entity_id 
_pdbx_nonpoly_scheme.mon_id 
_pdbx_nonpoly_scheme.ndb_seq_num 
_pdbx_nonpoly_scheme.pdb_seq_num 
_pdbx_nonpoly_scheme.auth_seq_num 
_pdbx_nonpoly_scheme.pdb_mon_id 
_pdbx_nonpoly_scheme.auth_mon_id 
_pdbx_nonpoly_scheme.pdb_strand_id 
_pdbx_nonpoly_scheme.pdb_ins_code 
B 2 CA  1  1097 1097 CA  CA  A . 
C 3 6AN 1  1098 1098 6AN 6AN A . 
D 4 ZN  1  1099 1099 ZN  ZN  A . 
E 5 HOH 1  2001 2001 HOH HOH A . 
E 5 HOH 2  2002 2002 HOH HOH A . 
E 5 HOH 3  2003 2003 HOH HOH A . 
E 5 HOH 4  2004 2004 HOH HOH A . 
E 5 HOH 5  2005 2005 HOH HOH A . 
E 5 HOH 6  2006 2006 HOH HOH A . 
E 5 HOH 7  2007 2007 HOH HOH A . 
E 5 HOH 8  2008 2008 HOH HOH A . 
E 5 HOH 9  2009 2009 HOH HOH A . 
E 5 HOH 10 2010 2010 HOH HOH A . 
E 5 HOH 11 2011 2011 HOH HOH A . 
E 5 HOH 12 2012 2012 HOH HOH A . 
E 5 HOH 13 2013 2013 HOH HOH A . 
E 5 HOH 14 2014 2014 HOH HOH A . 
E 5 HOH 15 2015 2015 HOH HOH A . 
E 5 HOH 16 2016 2016 HOH HOH A . 
E 5 HOH 17 2017 2017 HOH HOH A . 
E 5 HOH 18 2018 2018 HOH HOH A . 
E 5 HOH 19 2019 2019 HOH HOH A . 
E 5 HOH 20 2020 2020 HOH HOH A . 
E 5 HOH 21 2021 2021 HOH HOH A . 
E 5 HOH 22 2022 2022 HOH HOH A . 
E 5 HOH 23 2023 2023 HOH HOH A . 
E 5 HOH 24 2024 2024 HOH HOH A . 
E 5 HOH 25 2025 2025 HOH HOH A . 
E 5 HOH 26 2026 2026 HOH HOH A . 
E 5 HOH 27 2027 2027 HOH HOH A . 
E 5 HOH 28 2028 2028 HOH HOH A . 
E 5 HOH 29 2029 2029 HOH HOH A . 
E 5 HOH 30 2030 2030 HOH HOH A . 
E 5 HOH 31 2031 2031 HOH HOH A . 
E 5 HOH 32 2032 2032 HOH HOH A . 
E 5 HOH 33 2033 2033 HOH HOH A . 
E 5 HOH 34 2034 2034 HOH HOH A . 
E 5 HOH 35 2035 2035 HOH HOH A . 
E 5 HOH 36 2036 2036 HOH HOH A . 
E 5 HOH 37 2037 2037 HOH HOH A . 
E 5 HOH 38 2038 2038 HOH HOH A . 
E 5 HOH 39 2039 2039 HOH HOH A . 
E 5 HOH 40 2040 2040 HOH HOH A . 
E 5 HOH 41 2041 2041 HOH HOH A . 
E 5 HOH 42 2042 2042 HOH HOH A . 
E 5 HOH 43 2043 2043 HOH HOH A . 
E 5 HOH 44 2044 2044 HOH HOH A . 
E 5 HOH 45 2045 2045 HOH HOH A . 
E 5 HOH 46 2046 2046 HOH HOH A . 
E 5 HOH 47 2047 2047 HOH HOH A . 
E 5 HOH 48 2048 2048 HOH HOH A . 
E 5 HOH 49 2049 2049 HOH HOH A . 
E 5 HOH 50 2050 2050 HOH HOH A . 
E 5 HOH 51 2051 2051 HOH HOH A . 
E 5 HOH 52 2052 2052 HOH HOH A . 
E 5 HOH 53 2053 2053 HOH HOH A . 
E 5 HOH 54 2054 2054 HOH HOH A . 
E 5 HOH 55 2055 2055 HOH HOH A . 
E 5 HOH 56 2056 2056 HOH HOH A . 
E 5 HOH 57 2057 2057 HOH HOH A . 
E 5 HOH 58 2058 2058 HOH HOH A . 
E 5 HOH 59 2059 2059 HOH HOH A . 
E 5 HOH 60 2060 2060 HOH HOH A . 
E 5 HOH 61 2061 2061 HOH HOH A . 
E 5 HOH 62 2062 2062 HOH HOH A . 
E 5 HOH 63 2063 2063 HOH HOH A . 
E 5 HOH 64 2064 2064 HOH HOH A . 
E 5 HOH 65 2065 2065 HOH HOH A . 
E 5 HOH 66 2066 2066 HOH HOH A . 
E 5 HOH 67 2067 2067 HOH HOH A . 
E 5 HOH 68 2068 2068 HOH HOH A . 
E 5 HOH 69 2069 2069 HOH HOH A . 
E 5 HOH 70 2070 2070 HOH HOH A . 
E 5 HOH 71 2071 2071 HOH HOH A . 
E 5 HOH 72 2072 2072 HOH HOH A . 
E 5 HOH 73 2073 2073 HOH HOH A . 
E 5 HOH 74 2074 2074 HOH HOH A . 
E 5 HOH 75 2075 2075 HOH HOH A . 
E 5 HOH 76 2076 2076 HOH HOH A . 
E 5 HOH 77 2077 2077 HOH HOH A . 
E 5 HOH 78 2078 2078 HOH HOH A . 
E 5 HOH 79 2079 2079 HOH HOH A . 
E 5 HOH 80 2080 2080 HOH HOH A . 
E 5 HOH 81 2081 2081 HOH HOH A . 
E 5 HOH 82 2082 2082 HOH HOH A . 
E 5 HOH 83 2083 2083 HOH HOH A . 
E 5 HOH 84 2084 2084 HOH HOH A . 
E 5 HOH 85 2085 2085 HOH HOH A . 
E 5 HOH 86 2086 2086 HOH HOH A . 
E 5 HOH 87 2087 2087 HOH HOH A . 
E 5 HOH 88 2088 2088 HOH HOH A . 
E 5 HOH 89 2089 2089 HOH HOH A . 
E 5 HOH 90 2090 2090 HOH HOH A . 
E 5 HOH 91 2091 2091 HOH HOH A . 
E 5 HOH 92 2092 2092 HOH HOH A . 
E 5 HOH 93 2093 2093 HOH HOH A . 
E 5 HOH 94 2094 2094 HOH HOH A . 
E 5 HOH 95 2095 2095 HOH HOH A . 
E 5 HOH 96 2096 2096 HOH HOH A . 
E 5 HOH 97 2097 2097 HOH HOH A . 
E 5 HOH 98 2098 2098 HOH HOH A . 
E 5 HOH 99 2099 2099 HOH HOH A . 
# 
loop_
_software.name 
_software.classification 
_software.version 
_software.citation_id 
_software.pdbx_ordinal 
REFMAC  refinement       5.5.0088 ? 1 
iMOSFLM 'data reduction' .        ? 2 
SCALA   'data scaling'   .        ? 3 
MOLREP  phasing          .        ? 4 
# 
_cell.entry_id           2WOS 
_cell.length_a           51.610 
_cell.length_b           51.610 
_cell.length_c           116.910 
_cell.angle_alpha        90.00 
_cell.angle_beta         90.00 
_cell.angle_gamma        90.00 
_cell.Z_PDB              8 
_cell.pdbx_unique_axis   ? 
# 
_symmetry.entry_id                         2WOS 
_symmetry.space_group_name_H-M             'P 43 21 2' 
_symmetry.pdbx_full_space_group_name_H-M   ? 
_symmetry.cell_setting                     ? 
_symmetry.Int_Tables_number                96 
# 
_exptl.entry_id          2WOS 
_exptl.method            'X-RAY DIFFRACTION' 
_exptl.crystals_number   1 
# 
_exptl_crystal.id                    1 
_exptl_crystal.density_meas          ? 
_exptl_crystal.density_Matthews      3.12 
_exptl_crystal.density_percent_sol   60.27 
_exptl_crystal.description           NONE 
# 
_diffrn.id                     1 
_diffrn.ambient_temp           100 
_diffrn.ambient_temp_details   ? 
_diffrn.crystal_id             1 
# 
_diffrn_detector.diffrn_id              1 
_diffrn_detector.detector               CCD 
_diffrn_detector.type                   MARRESEARCH 
_diffrn_detector.pdbx_collection_date   2008-04-17 
_diffrn_detector.details                ? 
# 
_diffrn_radiation.diffrn_id                        1 
_diffrn_radiation.wavelength_id                    1 
_diffrn_radiation.pdbx_monochromatic_or_laue_m_l   M 
_diffrn_radiation.monochromator                    ? 
_diffrn_radiation.pdbx_diffrn_protocol             'SINGLE WAVELENGTH' 
_diffrn_radiation.pdbx_scattering_type             x-ray 
# 
_diffrn_radiation_wavelength.id           1 
_diffrn_radiation_wavelength.wavelength   0.976 
_diffrn_radiation_wavelength.wt           1.0 
# 
_diffrn_source.diffrn_id                   1 
_diffrn_source.source                      SYNCHROTRON 
_diffrn_source.type                        'SSRL BEAMLINE BL9-2' 
_diffrn_source.pdbx_synchrotron_site       SSRL 
_diffrn_source.pdbx_synchrotron_beamline   BL9-2 
_diffrn_source.pdbx_wavelength             0.976 
_diffrn_source.pdbx_wavelength_list        ? 
# 
_reflns.pdbx_diffrn_id               1 
_reflns.pdbx_ordinal                 1 
_reflns.entry_id                     2WOS 
_reflns.observed_criterion_sigma_I   2.0 
_reflns.observed_criterion_sigma_F   ? 
_reflns.d_resolution_low             47.30 
_reflns.d_resolution_high            1.70 
_reflns.number_obs                   18138 
_reflns.number_all                   ? 
_reflns.percent_possible_obs         99.9 
_reflns.pdbx_Rmerge_I_obs            0.07 
_reflns.pdbx_Rsym_value              ? 
_reflns.pdbx_netI_over_sigmaI        33.20 
_reflns.B_iso_Wilson_estimate        ? 
_reflns.pdbx_redundancy              18.4 
# 
_reflns_shell.pdbx_diffrn_id         1 
_reflns_shell.pdbx_ordinal           1 
_reflns_shell.d_res_high             1.70 
_reflns_shell.d_res_low              1.74 
_reflns_shell.percent_possible_all   99.9 
_reflns_shell.Rmerge_I_obs           0.24 
_reflns_shell.pdbx_Rsym_value        ? 
_reflns_shell.meanI_over_sigI_obs    10.90 
_reflns_shell.pdbx_redundancy        15.7 
# 
_refine.pdbx_refine_id                           'X-RAY DIFFRACTION' 
_refine.entry_id                                 2WOS 
_refine.pdbx_diffrn_id                           1 
_refine.pdbx_TLS_residual_ADP_flag               ? 
_refine.ls_number_reflns_obs                     17211 
_refine.ls_number_reflns_all                     ? 
_refine.pdbx_ls_sigma_I                          ? 
_refine.pdbx_ls_sigma_F                          . 
_refine.pdbx_data_cutoff_high_absF               ? 
_refine.pdbx_data_cutoff_low_absF                ? 
_refine.pdbx_data_cutoff_high_rms_absF           ? 
_refine.ls_d_res_low                             47.21 
_refine.ls_d_res_high                            1.70 
_refine.ls_percent_reflns_obs                    99.99 
_refine.ls_R_factor_obs                          0.18210 
_refine.ls_R_factor_all                          ? 
_refine.ls_R_factor_R_work                       0.18070 
_refine.ls_R_factor_R_free                       0.21023 
_refine.ls_R_factor_R_free_error                 ? 
_refine.ls_R_factor_R_free_error_details         ? 
_refine.ls_percent_reflns_R_free                 5.1 
_refine.ls_number_reflns_R_free                  927 
_refine.ls_number_parameters                     ? 
_refine.ls_number_restraints                     ? 
_refine.occupancy_min                            ? 
_refine.occupancy_max                            ? 
_refine.correlation_coeff_Fo_to_Fc               0.951 
_refine.correlation_coeff_Fo_to_Fc_free          0.928 
_refine.B_iso_mean                               17.625 
_refine.aniso_B[1][1]                            0.22 
_refine.aniso_B[2][2]                            0.22 
_refine.aniso_B[3][3]                            -0.44 
_refine.aniso_B[1][2]                            0.00 
_refine.aniso_B[1][3]                            0.00 
_refine.aniso_B[2][3]                            0.00 
_refine.solvent_model_details                    MASK 
_refine.solvent_model_param_ksol                 ? 
_refine.solvent_model_param_bsol                 ? 
_refine.pdbx_solvent_vdw_probe_radii             1.40 
_refine.pdbx_solvent_ion_probe_radii             0.80 
_refine.pdbx_solvent_shrinkage_radii             0.80 
_refine.pdbx_ls_cross_valid_method               THROUGHOUT 
_refine.details                                  'HYDROGENS HAVE BEEN ADDED IN THE RIDING POSITIONS.' 
_refine.pdbx_starting_model                      'PDB ENTRY 2PSR' 
_refine.pdbx_method_to_determine_struct          'MOLECULAR REPLACEMENT' 
_refine.pdbx_isotropic_thermal_model             ? 
_refine.pdbx_stereochemistry_target_values       'MAXIMUM LIKELIHOOD' 
_refine.pdbx_stereochem_target_val_spec_case     ? 
_refine.pdbx_R_Free_selection_details            RANDOM 
_refine.pdbx_overall_ESU_R                       0.080 
_refine.pdbx_overall_ESU_R_Free                  0.083 
_refine.overall_SU_ML                            0.041 
_refine.pdbx_overall_phase_error                 ? 
_refine.overall_SU_B                             1.169 
_refine.overall_SU_R_Cruickshank_DPI             ? 
_refine.pdbx_overall_SU_R_free_Cruickshank_DPI   ? 
_refine.pdbx_overall_SU_R_Blow_DPI               ? 
_refine.pdbx_overall_SU_R_free_Blow_DPI          ? 
# 
_refine_hist.pdbx_refine_id                   'X-RAY DIFFRACTION' 
_refine_hist.cycle_id                         LAST 
_refine_hist.pdbx_number_atoms_protein        769 
_refine_hist.pdbx_number_atoms_nucleic_acid   0 
_refine_hist.pdbx_number_atoms_ligand         23 
_refine_hist.number_atoms_solvent             99 
_refine_hist.number_atoms_total               891 
_refine_hist.d_res_high                       1.70 
_refine_hist.d_res_low                        47.21 
# 
loop_
_refine_ls_restr.type 
_refine_ls_restr.dev_ideal 
_refine_ls_restr.dev_ideal_target 
_refine_ls_restr.weight 
_refine_ls_restr.number 
_refine_ls_restr.pdbx_refine_id 
_refine_ls_restr.pdbx_restraint_function 
r_bond_refined_d             0.036  0.022  ? 807  'X-RAY DIFFRACTION' ? 
r_bond_other_d               ?      ?      ? ?    'X-RAY DIFFRACTION' ? 
r_angle_refined_deg          2.753  1.993  ? 1082 'X-RAY DIFFRACTION' ? 
r_angle_other_deg            ?      ?      ? ?    'X-RAY DIFFRACTION' ? 
r_dihedral_angle_1_deg       5.434  5.000  ? 95   'X-RAY DIFFRACTION' ? 
r_dihedral_angle_2_deg       35.819 25.263 ? 38   'X-RAY DIFFRACTION' ? 
r_dihedral_angle_3_deg       13.448 15.000 ? 153  'X-RAY DIFFRACTION' ? 
r_dihedral_angle_4_deg       22.530 15.000 ? 3    'X-RAY DIFFRACTION' ? 
r_chiral_restr               0.195  0.200  ? 112  'X-RAY DIFFRACTION' ? 
r_gen_planes_refined         0.015  0.021  ? 602  'X-RAY DIFFRACTION' ? 
r_gen_planes_other           ?      ?      ? ?    'X-RAY DIFFRACTION' ? 
r_nbd_refined                ?      ?      ? ?    'X-RAY DIFFRACTION' ? 
r_nbd_other                  ?      ?      ? ?    'X-RAY DIFFRACTION' ? 
r_nbtor_refined              ?      ?      ? ?    'X-RAY DIFFRACTION' ? 
r_nbtor_other                ?      ?      ? ?    'X-RAY DIFFRACTION' ? 
r_xyhbond_nbd_refined        ?      ?      ? ?    'X-RAY DIFFRACTION' ? 
r_xyhbond_nbd_other          ?      ?      ? ?    'X-RAY DIFFRACTION' ? 
r_metal_ion_refined          ?      ?      ? ?    'X-RAY DIFFRACTION' ? 
r_metal_ion_other            ?      ?      ? ?    'X-RAY DIFFRACTION' ? 
r_symmetry_vdw_refined       ?      ?      ? ?    'X-RAY DIFFRACTION' ? 
r_symmetry_vdw_other         ?      ?      ? ?    'X-RAY DIFFRACTION' ? 
r_symmetry_hbond_refined     ?      ?      ? ?    'X-RAY DIFFRACTION' ? 
r_symmetry_hbond_other       ?      ?      ? ?    'X-RAY DIFFRACTION' ? 
r_symmetry_metal_ion_refined ?      ?      ? ?    'X-RAY DIFFRACTION' ? 
r_symmetry_metal_ion_other   ?      ?      ? ?    'X-RAY DIFFRACTION' ? 
r_mcbond_it                  1.625  1.500  ? 480  'X-RAY DIFFRACTION' ? 
r_mcbond_other               ?      ?      ? ?    'X-RAY DIFFRACTION' ? 
r_mcangle_it                 2.705  2.000  ? 772  'X-RAY DIFFRACTION' ? 
r_mcangle_other              ?      ?      ? ?    'X-RAY DIFFRACTION' ? 
r_scbond_it                  4.166  3.000  ? 327  'X-RAY DIFFRACTION' ? 
r_scbond_other               ?      ?      ? ?    'X-RAY DIFFRACTION' ? 
r_scangle_it                 6.741  4.500  ? 310  'X-RAY DIFFRACTION' ? 
r_scangle_other              ?      ?      ? ?    'X-RAY DIFFRACTION' ? 
r_long_range_B_refined       ?      ?      ? ?    'X-RAY DIFFRACTION' ? 
r_long_range_B_other         ?      ?      ? ?    'X-RAY DIFFRACTION' ? 
r_rigid_bond_restr           ?      ?      ? ?    'X-RAY DIFFRACTION' ? 
r_sphericity_free            ?      ?      ? ?    'X-RAY DIFFRACTION' ? 
r_sphericity_bonded          ?      ?      ? ?    'X-RAY DIFFRACTION' ? 
# 
_refine_ls_shell.pdbx_refine_id                   'X-RAY DIFFRACTION' 
_refine_ls_shell.pdbx_total_number_of_bins_used   20 
_refine_ls_shell.d_res_high                       1.700 
_refine_ls_shell.d_res_low                        1.744 
_refine_ls_shell.number_reflns_R_work             1231 
_refine_ls_shell.R_factor_R_work                  0.216 
_refine_ls_shell.percent_reflns_obs               100.00 
_refine_ls_shell.R_factor_R_free                  0.254 
_refine_ls_shell.R_factor_R_free_error            ? 
_refine_ls_shell.percent_reflns_R_free            ? 
_refine_ls_shell.number_reflns_R_free             74 
_refine_ls_shell.number_reflns_all                ? 
_refine_ls_shell.R_factor_all                     ? 
# 
_struct.entry_id                  2WOS 
_struct.title                     'Structure of human S100A7 in complex with 2,6 ANS' 
_struct.pdbx_model_details        ? 
_struct.pdbx_CASP_flag            ? 
_struct.pdbx_model_type_details   ? 
# 
_struct_keywords.entry_id        2WOS 
_struct_keywords.pdbx_keywords   'CALCIUM-BINDING PROTEIN' 
_struct_keywords.text            
'CALCIUM-BINDING PROTEIN, DISULFIDE BOND, CYTOPLASM, ACETYLATION, POLYMORPHISM, METAL-BINDING, S100A7, CALCIUM, SECRETED, PSORIASIN' 
# 
loop_
_struct_asym.id 
_struct_asym.pdbx_blank_PDB_chainid_flag 
_struct_asym.pdbx_modified 
_struct_asym.entity_id 
_struct_asym.details 
A N N 1 ? 
B N N 2 ? 
C N N 3 ? 
D N N 4 ? 
E N N 5 ? 
# 
_struct_ref.id                         1 
_struct_ref.db_name                    UNP 
_struct_ref.db_code                    S10A7_HUMAN 
_struct_ref.entity_id                  1 
_struct_ref.pdbx_seq_one_letter_code   ? 
_struct_ref.pdbx_align_begin           ? 
_struct_ref.pdbx_db_accession          P31151 
_struct_ref.pdbx_db_isoform            ? 
# 
_struct_ref_seq.align_id                      1 
_struct_ref_seq.ref_id                        1 
_struct_ref_seq.pdbx_PDB_id_code              2WOS 
_struct_ref_seq.pdbx_strand_id                A 
_struct_ref_seq.seq_align_beg                 1 
_struct_ref_seq.pdbx_seq_align_beg_ins_code   ? 
_struct_ref_seq.seq_align_end                 100 
_struct_ref_seq.pdbx_seq_align_end_ins_code   ? 
_struct_ref_seq.pdbx_db_accession             P31151 
_struct_ref_seq.db_align_beg                  2 
_struct_ref_seq.pdbx_db_align_beg_ins_code    ? 
_struct_ref_seq.db_align_end                  101 
_struct_ref_seq.pdbx_db_align_end_ins_code    ? 
_struct_ref_seq.pdbx_auth_seq_align_beg       1 
_struct_ref_seq.pdbx_auth_seq_align_end       100 
# 
_struct_ref_seq_dif.align_id                     1 
_struct_ref_seq_dif.pdbx_pdb_id_code             2WOS 
_struct_ref_seq_dif.mon_id                       ASP 
_struct_ref_seq_dif.pdbx_pdb_strand_id           A 
_struct_ref_seq_dif.seq_num                      27 
_struct_ref_seq_dif.pdbx_pdb_ins_code            ? 
_struct_ref_seq_dif.pdbx_seq_db_name             UNP 
_struct_ref_seq_dif.pdbx_seq_db_accession_code   P31151 
_struct_ref_seq_dif.db_mon_id                    GLU 
_struct_ref_seq_dif.pdbx_seq_db_seq_num          28 
_struct_ref_seq_dif.details                      conflict 
_struct_ref_seq_dif.pdbx_auth_seq_num            27 
_struct_ref_seq_dif.pdbx_ordinal                 1 
# 
_pdbx_struct_assembly.id                   1 
_pdbx_struct_assembly.details              software_defined_assembly 
_pdbx_struct_assembly.method_details       PISA 
_pdbx_struct_assembly.oligomeric_details   dimeric 
_pdbx_struct_assembly.oligomeric_count     2 
# 
loop_
_pdbx_struct_assembly_prop.biol_id 
_pdbx_struct_assembly_prop.type 
_pdbx_struct_assembly_prop.value 
_pdbx_struct_assembly_prop.details 
1 'ABSA (A^2)' 3070   ? 
1 MORE         -113.2 ? 
1 'SSA (A^2)'  10100  ? 
# 
_pdbx_struct_assembly_gen.assembly_id       1 
_pdbx_struct_assembly_gen.oper_expression   1,2 
_pdbx_struct_assembly_gen.asym_id_list      A,B,C,D,E 
# 
loop_
_pdbx_struct_oper_list.id 
_pdbx_struct_oper_list.type 
_pdbx_struct_oper_list.name 
_pdbx_struct_oper_list.symmetry_operation 
_pdbx_struct_oper_list.matrix[1][1] 
_pdbx_struct_oper_list.matrix[1][2] 
_pdbx_struct_oper_list.matrix[1][3] 
_pdbx_struct_oper_list.vector[1] 
_pdbx_struct_oper_list.matrix[2][1] 
_pdbx_struct_oper_list.matrix[2][2] 
_pdbx_struct_oper_list.matrix[2][3] 
_pdbx_struct_oper_list.vector[2] 
_pdbx_struct_oper_list.matrix[3][1] 
_pdbx_struct_oper_list.matrix[3][2] 
_pdbx_struct_oper_list.matrix[3][3] 
_pdbx_struct_oper_list.vector[3] 
1 'identity operation'         1_555 x,y,z  1.0000000000 0.0000000000  0.0000000000 0.0000000000 0.0000000000  1.0000000000  0.0000000000  0.0000000000  0.0000000000 0.0000000000  1.0000000000  0.0000000000 
2 'crystal symmetry operation' 7_555 y,x,-z 0.8094580870 -0.5667288419 0.1536099770 4.2905994309 -0.5667288419 -0.8224984692 -0.0481112025 16.1518860714 0.1536099770 -0.0481112025 -0.9869596178 9.0494112257 
# 
_struct_biol.id   1 
# 
loop_
_struct_conf.conf_type_id 
_struct_conf.id 
_struct_conf.pdbx_PDB_helix_id 
_struct_conf.beg_label_comp_id 
_struct_conf.beg_label_asym_id 
_struct_conf.beg_label_seq_id 
_struct_conf.pdbx_beg_PDB_ins_code 
_struct_conf.end_label_comp_id 
_struct_conf.end_label_asym_id 
_struct_conf.end_label_seq_id 
_struct_conf.pdbx_end_PDB_ins_code 
_struct_conf.beg_auth_comp_id 
_struct_conf.beg_auth_asym_id 
_struct_conf.beg_auth_seq_id 
_struct_conf.end_auth_comp_id 
_struct_conf.end_auth_asym_id 
_struct_conf.end_auth_seq_id 
_struct_conf.pdbx_PDB_helix_class 
_struct_conf.details 
_struct_conf.pdbx_PDB_helix_length 
HELX_P HELX_P1 1 THR A 3  ? ILE A 10 ? THR A 3  ILE A 10 1 ? 8  
HELX_P HELX_P2 2 MET A 12 ? THR A 20 ? MET A 12 THR A 20 1 ? 9  
HELX_P HELX_P3 3 ASP A 27 ? PHE A 39 ? ASP A 27 PHE A 39 1 ? 13 
HELX_P HELX_P4 4 PHE A 39 ? LYS A 49 ? PHE A 39 LYS A 49 1 ? 11 
HELX_P HELX_P5 5 ASN A 52 ? ALA A 55 ? ASN A 52 ALA A 55 5 ? 4  
HELX_P HELX_P6 6 ASP A 56 ? ASP A 62 ? ASP A 56 ASP A 62 1 ? 7  
HELX_P HELX_P7 7 ASP A 70 ? LEU A 78 ? ASP A 70 LEU A 78 1 ? 9  
HELX_P HELX_P8 8 ASP A 80 ? HIS A 90 ? ASP A 80 HIS A 90 1 ? 11 
# 
_struct_conf_type.id          HELX_P 
_struct_conf_type.criteria    ? 
_struct_conf_type.reference   ? 
# 
loop_
_struct_conn.id 
_struct_conn.conn_type_id 
_struct_conn.pdbx_leaving_atom_flag 
_struct_conn.pdbx_PDB_id 
_struct_conn.ptnr1_label_asym_id 
_struct_conn.ptnr1_label_comp_id 
_struct_conn.ptnr1_label_seq_id 
_struct_conn.ptnr1_label_atom_id 
_struct_conn.pdbx_ptnr1_label_alt_id 
_struct_conn.pdbx_ptnr1_PDB_ins_code 
_struct_conn.pdbx_ptnr1_standard_comp_id 
_struct_conn.ptnr1_symmetry 
_struct_conn.ptnr2_label_asym_id 
_struct_conn.ptnr2_label_comp_id 
_struct_conn.ptnr2_label_seq_id 
_struct_conn.ptnr2_label_atom_id 
_struct_conn.pdbx_ptnr2_label_alt_id 
_struct_conn.pdbx_ptnr2_PDB_ins_code 
_struct_conn.ptnr1_auth_asym_id 
_struct_conn.ptnr1_auth_comp_id 
_struct_conn.ptnr1_auth_seq_id 
_struct_conn.ptnr2_auth_asym_id 
_struct_conn.ptnr2_auth_comp_id 
_struct_conn.ptnr2_auth_seq_id 
_struct_conn.ptnr2_symmetry 
_struct_conn.pdbx_ptnr3_label_atom_id 
_struct_conn.pdbx_ptnr3_label_seq_id 
_struct_conn.pdbx_ptnr3_label_comp_id 
_struct_conn.pdbx_ptnr3_label_asym_id 
_struct_conn.pdbx_ptnr3_label_alt_id 
_struct_conn.pdbx_ptnr3_PDB_ins_code 
_struct_conn.details 
_struct_conn.pdbx_dist_value 
_struct_conn.pdbx_value_order 
_struct_conn.pdbx_role 
disulf1  disulf ? ? A CYS 46 SG  ? ? ? 1_555 A CYS 95 SG ? ? A CYS 46   A CYS 95   1_555 ? ? ? ? ? ? ? 2.117 ? ? 
metalc1  metalc ? ? A HIS 17 NE2 ? ? ? 7_555 D ZN  .  ZN ? ? A HIS 17   A ZN  1099 1_555 ? ? ? ? ? ? ? 1.999 ? ? 
metalc2  metalc ? ? A ASP 24 OD1 ? ? ? 7_555 D ZN  .  ZN ? ? A ASP 24   A ZN  1099 1_555 ? ? ? ? ? ? ? 2.015 ? ? 
metalc3  metalc ? ? A ASP 62 OD1 ? ? ? 1_555 B CA  .  CA ? ? A ASP 62   A CA  1097 1_555 ? ? ? ? ? ? ? 2.309 ? ? 
metalc4  metalc ? ? A ASN 64 OD1 ? ? ? 1_555 B CA  .  CA ? ? A ASN 64   A CA  1097 1_555 ? ? ? ? ? ? ? 2.391 ? ? 
metalc5  metalc ? ? A ASP 66 OD1 ? ? ? 1_555 B CA  .  CA ? ? A ASP 66   A CA  1097 1_555 ? ? ? ? ? ? ? 2.387 ? ? 
metalc6  metalc ? ? A LYS 68 O   ? ? ? 1_555 B CA  .  CA ? ? A LYS 68   A CA  1097 1_555 ? ? ? ? ? ? ? 2.325 ? ? 
metalc7  metalc ? ? A GLU 73 OE2 ? ? ? 1_555 B CA  .  CA ? ? A GLU 73   A CA  1097 1_555 ? ? ? ? ? ? ? 2.552 ? ? 
metalc8  metalc ? ? A GLU 73 OE1 ? ? ? 1_555 B CA  .  CA ? ? A GLU 73   A CA  1097 1_555 ? ? ? ? ? ? ? 2.380 ? ? 
metalc9  metalc ? ? A HIS 86 NE2 ? ? ? 1_555 D ZN  .  ZN ? ? A HIS 86   A ZN  1099 1_555 ? ? ? ? ? ? ? 2.074 ? ? 
metalc10 metalc ? ? A HIS 90 NE2 ? ? ? 1_555 D ZN  .  ZN ? ? A HIS 90   A ZN  1099 1_555 ? ? ? ? ? ? ? 2.012 ? ? 
metalc11 metalc ? ? B CA  .  CA  ? ? ? 1_555 E HOH .  O  ? ? A CA  1097 A HOH 2071 1_555 ? ? ? ? ? ? ? 2.403 ? ? 
# 
loop_
_struct_conn_type.id 
_struct_conn_type.criteria 
_struct_conn_type.reference 
disulf ? ? 
metalc ? ? 
# 
loop_
_pdbx_struct_conn_angle.id 
_pdbx_struct_conn_angle.ptnr1_label_atom_id 
_pdbx_struct_conn_angle.ptnr1_label_alt_id 
_pdbx_struct_conn_angle.ptnr1_label_asym_id 
_pdbx_struct_conn_angle.ptnr1_label_comp_id 
_pdbx_struct_conn_angle.ptnr1_label_seq_id 
_pdbx_struct_conn_angle.ptnr1_auth_atom_id 
_pdbx_struct_conn_angle.ptnr1_auth_asym_id 
_pdbx_struct_conn_angle.ptnr1_auth_comp_id 
_pdbx_struct_conn_angle.ptnr1_auth_seq_id 
_pdbx_struct_conn_angle.ptnr1_PDB_ins_code 
_pdbx_struct_conn_angle.ptnr1_symmetry 
_pdbx_struct_conn_angle.ptnr2_label_atom_id 
_pdbx_struct_conn_angle.ptnr2_label_alt_id 
_pdbx_struct_conn_angle.ptnr2_label_asym_id 
_pdbx_struct_conn_angle.ptnr2_label_comp_id 
_pdbx_struct_conn_angle.ptnr2_label_seq_id 
_pdbx_struct_conn_angle.ptnr2_auth_atom_id 
_pdbx_struct_conn_angle.ptnr2_auth_asym_id 
_pdbx_struct_conn_angle.ptnr2_auth_comp_id 
_pdbx_struct_conn_angle.ptnr2_auth_seq_id 
_pdbx_struct_conn_angle.ptnr2_PDB_ins_code 
_pdbx_struct_conn_angle.ptnr2_symmetry 
_pdbx_struct_conn_angle.ptnr3_label_atom_id 
_pdbx_struct_conn_angle.ptnr3_label_alt_id 
_pdbx_struct_conn_angle.ptnr3_label_asym_id 
_pdbx_struct_conn_angle.ptnr3_label_comp_id 
_pdbx_struct_conn_angle.ptnr3_label_seq_id 
_pdbx_struct_conn_angle.ptnr3_auth_atom_id 
_pdbx_struct_conn_angle.ptnr3_auth_asym_id 
_pdbx_struct_conn_angle.ptnr3_auth_comp_id 
_pdbx_struct_conn_angle.ptnr3_auth_seq_id 
_pdbx_struct_conn_angle.ptnr3_PDB_ins_code 
_pdbx_struct_conn_angle.ptnr3_symmetry 
_pdbx_struct_conn_angle.value 
_pdbx_struct_conn_angle.value_esd 
1  NE2 ? A HIS 17 ? A HIS 17 ? 7_555 ZN ? D ZN . ? A ZN 1099 ? 1_555 OD1 ? A ASP 24 ? A ASP 24   ? 7_555 101.2 ? 
2  NE2 ? A HIS 17 ? A HIS 17 ? 7_555 ZN ? D ZN . ? A ZN 1099 ? 1_555 NE2 ? A HIS 86 ? A HIS 86   ? 1_555 107.0 ? 
3  OD1 ? A ASP 24 ? A ASP 24 ? 7_555 ZN ? D ZN . ? A ZN 1099 ? 1_555 NE2 ? A HIS 86 ? A HIS 86   ? 1_555 130.6 ? 
4  NE2 ? A HIS 17 ? A HIS 17 ? 7_555 ZN ? D ZN . ? A ZN 1099 ? 1_555 NE2 ? A HIS 90 ? A HIS 90   ? 1_555 111.6 ? 
5  OD1 ? A ASP 24 ? A ASP 24 ? 7_555 ZN ? D ZN . ? A ZN 1099 ? 1_555 NE2 ? A HIS 90 ? A HIS 90   ? 1_555 104.5 ? 
6  NE2 ? A HIS 86 ? A HIS 86 ? 1_555 ZN ? D ZN . ? A ZN 1099 ? 1_555 NE2 ? A HIS 90 ? A HIS 90   ? 1_555 101.8 ? 
7  OD1 ? A ASP 62 ? A ASP 62 ? 1_555 CA ? B CA . ? A CA 1097 ? 1_555 OD1 ? A ASN 64 ? A ASN 64   ? 1_555 83.1  ? 
8  OD1 ? A ASP 62 ? A ASP 62 ? 1_555 CA ? B CA . ? A CA 1097 ? 1_555 OD1 ? A ASP 66 ? A ASP 66   ? 1_555 83.2  ? 
9  OD1 ? A ASN 64 ? A ASN 64 ? 1_555 CA ? B CA . ? A CA 1097 ? 1_555 OD1 ? A ASP 66 ? A ASP 66   ? 1_555 78.3  ? 
10 OD1 ? A ASP 62 ? A ASP 62 ? 1_555 CA ? B CA . ? A CA 1097 ? 1_555 O   ? A LYS 68 ? A LYS 68   ? 1_555 85.7  ? 
11 OD1 ? A ASN 64 ? A ASN 64 ? 1_555 CA ? B CA . ? A CA 1097 ? 1_555 O   ? A LYS 68 ? A LYS 68   ? 1_555 155.4 ? 
12 OD1 ? A ASP 66 ? A ASP 66 ? 1_555 CA ? B CA . ? A CA 1097 ? 1_555 O   ? A LYS 68 ? A LYS 68   ? 1_555 78.7  ? 
13 OD1 ? A ASP 62 ? A ASP 62 ? 1_555 CA ? B CA . ? A CA 1097 ? 1_555 OE2 ? A GLU 73 ? A GLU 73   ? 1_555 96.0  ? 
14 OD1 ? A ASN 64 ? A ASN 64 ? 1_555 CA ? B CA . ? A CA 1097 ? 1_555 OE2 ? A GLU 73 ? A GLU 73   ? 1_555 76.9  ? 
15 OD1 ? A ASP 66 ? A ASP 66 ? 1_555 CA ? B CA . ? A CA 1097 ? 1_555 OE2 ? A GLU 73 ? A GLU 73   ? 1_555 155.0 ? 
16 O   ? A LYS 68 ? A LYS 68 ? 1_555 CA ? B CA . ? A CA 1097 ? 1_555 OE2 ? A GLU 73 ? A GLU 73   ? 1_555 126.2 ? 
17 OD1 ? A ASP 62 ? A ASP 62 ? 1_555 CA ? B CA . ? A CA 1097 ? 1_555 OE1 ? A GLU 73 ? A GLU 73   ? 1_555 114.3 ? 
18 OD1 ? A ASN 64 ? A ASN 64 ? 1_555 CA ? B CA . ? A CA 1097 ? 1_555 OE1 ? A GLU 73 ? A GLU 73   ? 1_555 126.8 ? 
19 OD1 ? A ASP 66 ? A ASP 66 ? 1_555 CA ? B CA . ? A CA 1097 ? 1_555 OE1 ? A GLU 73 ? A GLU 73   ? 1_555 149.3 ? 
20 O   ? A LYS 68 ? A LYS 68 ? 1_555 CA ? B CA . ? A CA 1097 ? 1_555 OE1 ? A GLU 73 ? A GLU 73   ? 1_555 77.8  ? 
21 OE2 ? A GLU 73 ? A GLU 73 ? 1_555 CA ? B CA . ? A CA 1097 ? 1_555 OE1 ? A GLU 73 ? A GLU 73   ? 1_555 52.5  ? 
22 OD1 ? A ASP 62 ? A ASP 62 ? 1_555 CA ? B CA . ? A CA 1097 ? 1_555 O   ? E HOH .  ? A HOH 2071 ? 1_555 162.0 ? 
23 OD1 ? A ASN 64 ? A ASN 64 ? 1_555 CA ? B CA . ? A CA 1097 ? 1_555 O   ? E HOH .  ? A HOH 2071 ? 1_555 89.4  ? 
24 OD1 ? A ASP 66 ? A ASP 66 ? 1_555 CA ? B CA . ? A CA 1097 ? 1_555 O   ? E HOH .  ? A HOH 2071 ? 1_555 79.2  ? 
25 O   ? A LYS 68 ? A LYS 68 ? 1_555 CA ? B CA . ? A CA 1097 ? 1_555 O   ? E HOH .  ? A HOH 2071 ? 1_555 94.7  ? 
26 OE2 ? A GLU 73 ? A GLU 73 ? 1_555 CA ? B CA . ? A CA 1097 ? 1_555 O   ? E HOH .  ? A HOH 2071 ? 1_555 98.2  ? 
27 OE1 ? A GLU 73 ? A GLU 73 ? 1_555 CA ? B CA . ? A CA 1097 ? 1_555 O   ? E HOH .  ? A HOH 2071 ? 1_555 83.3  ? 
# 
_pdbx_modification_feature.ordinal                            1 
_pdbx_modification_feature.label_comp_id                      CYS 
_pdbx_modification_feature.label_asym_id                      A 
_pdbx_modification_feature.label_seq_id                       46 
_pdbx_modification_feature.label_alt_id                       ? 
_pdbx_modification_feature.modified_residue_label_comp_id     CYS 
_pdbx_modification_feature.modified_residue_label_asym_id     A 
_pdbx_modification_feature.modified_residue_label_seq_id      95 
_pdbx_modification_feature.modified_residue_label_alt_id      ? 
_pdbx_modification_feature.auth_comp_id                       CYS 
_pdbx_modification_feature.auth_asym_id                       A 
_pdbx_modification_feature.auth_seq_id                        46 
_pdbx_modification_feature.PDB_ins_code                       ? 
_pdbx_modification_feature.symmetry                           1_555 
_pdbx_modification_feature.modified_residue_auth_comp_id      CYS 
_pdbx_modification_feature.modified_residue_auth_asym_id      A 
_pdbx_modification_feature.modified_residue_auth_seq_id       95 
_pdbx_modification_feature.modified_residue_PDB_ins_code      ? 
_pdbx_modification_feature.modified_residue_symmetry          1_555 
_pdbx_modification_feature.comp_id_linking_atom               SG 
_pdbx_modification_feature.modified_residue_id_linking_atom   SG 
_pdbx_modification_feature.modified_residue_id                . 
_pdbx_modification_feature.ref_pcm_id                         . 
_pdbx_modification_feature.ref_comp_id                        . 
_pdbx_modification_feature.type                               None 
_pdbx_modification_feature.category                           'Disulfide bridge' 
# 
loop_
_struct_site.id 
_struct_site.pdbx_evidence_code 
_struct_site.pdbx_auth_asym_id 
_struct_site.pdbx_auth_comp_id 
_struct_site.pdbx_auth_seq_id 
_struct_site.pdbx_auth_ins_code 
_struct_site.pdbx_num_residues 
_struct_site.details 
AC1 Software A CA  1097 ? 6 'BINDING SITE FOR RESIDUE CA A 1097'  
AC2 Software A 6AN 1098 ? 9 'BINDING SITE FOR RESIDUE 6AN A 1098' 
AC3 Software A ZN  1099 ? 4 'BINDING SITE FOR RESIDUE ZN A 1099'  
# 
loop_
_struct_site_gen.id 
_struct_site_gen.site_id 
_struct_site_gen.pdbx_num_res 
_struct_site_gen.label_comp_id 
_struct_site_gen.label_asym_id 
_struct_site_gen.label_seq_id 
_struct_site_gen.pdbx_auth_ins_code 
_struct_site_gen.auth_comp_id 
_struct_site_gen.auth_asym_id 
_struct_site_gen.auth_seq_id 
_struct_site_gen.label_atom_id 
_struct_site_gen.label_alt_id 
_struct_site_gen.symmetry 
_struct_site_gen.details 
1  AC1 6 ASP A 62 ? ASP A 62   . ? 1_555 ? 
2  AC1 6 ASN A 64 ? ASN A 64   . ? 1_555 ? 
3  AC1 6 ASP A 66 ? ASP A 66   . ? 1_555 ? 
4  AC1 6 LYS A 68 ? LYS A 68   . ? 1_555 ? 
5  AC1 6 GLU A 73 ? GLU A 73   . ? 1_555 ? 
6  AC1 6 HOH E .  ? HOH A 2071 . ? 1_555 ? 
7  AC2 9 GLN A 4  ? GLN A 4    . ? 7_555 ? 
8  AC2 9 ALA A 5  ? ALA A 5    . ? 7_555 ? 
9  AC2 9 ARG A 7  ? ARG A 7    . ? 1_555 ? 
10 AC2 9 SER A 8  ? SER A 8    . ? 7_555 ? 
11 AC2 9 SER A 8  ? SER A 8    . ? 1_555 ? 
12 AC2 9 GLY A 11 ? GLY A 11   . ? 1_555 ? 
13 AC2 9 MET A 12 ? MET A 12   . ? 1_555 ? 
14 AC2 9 LYS A 67 ? LYS A 67   . ? 6_555 ? 
15 AC2 9 HOH E .  ? HOH A 2099 . ? 1_555 ? 
16 AC3 4 HIS A 17 ? HIS A 17   . ? 7_555 ? 
17 AC3 4 ASP A 24 ? ASP A 24   . ? 7_555 ? 
18 AC3 4 HIS A 86 ? HIS A 86   . ? 1_555 ? 
19 AC3 4 HIS A 90 ? HIS A 90   . ? 1_555 ? 
# 
_pdbx_entry_details.entry_id                   2WOS 
_pdbx_entry_details.compound_details           ? 
_pdbx_entry_details.source_details             ? 
_pdbx_entry_details.nonpolymer_details         ? 
_pdbx_entry_details.sequence_details           ? 
_pdbx_entry_details.has_ligand_of_interest     ? 
_pdbx_entry_details.has_protein_modification   Y 
# 
loop_
_pdbx_validate_rmsd_bond.id 
_pdbx_validate_rmsd_bond.PDB_model_num 
_pdbx_validate_rmsd_bond.auth_atom_id_1 
_pdbx_validate_rmsd_bond.auth_asym_id_1 
_pdbx_validate_rmsd_bond.auth_comp_id_1 
_pdbx_validate_rmsd_bond.auth_seq_id_1 
_pdbx_validate_rmsd_bond.PDB_ins_code_1 
_pdbx_validate_rmsd_bond.label_alt_id_1 
_pdbx_validate_rmsd_bond.auth_atom_id_2 
_pdbx_validate_rmsd_bond.auth_asym_id_2 
_pdbx_validate_rmsd_bond.auth_comp_id_2 
_pdbx_validate_rmsd_bond.auth_seq_id_2 
_pdbx_validate_rmsd_bond.PDB_ins_code_2 
_pdbx_validate_rmsd_bond.label_alt_id_2 
_pdbx_validate_rmsd_bond.bond_value 
_pdbx_validate_rmsd_bond.bond_target_value 
_pdbx_validate_rmsd_bond.bond_deviation 
_pdbx_validate_rmsd_bond.bond_standard_deviation 
_pdbx_validate_rmsd_bond.linker_flag 
1 1 CD1 A TYR 19 ? ? CE1 A TYR 19 ? ? 1.481 1.389 0.092 0.015 N 
2 1 CB  A SER 30 ? ? OG  A SER 30 ? ? 1.504 1.418 0.086 0.013 N 
# 
loop_
_pdbx_validate_rmsd_angle.id 
_pdbx_validate_rmsd_angle.PDB_model_num 
_pdbx_validate_rmsd_angle.auth_atom_id_1 
_pdbx_validate_rmsd_angle.auth_asym_id_1 
_pdbx_validate_rmsd_angle.auth_comp_id_1 
_pdbx_validate_rmsd_angle.auth_seq_id_1 
_pdbx_validate_rmsd_angle.PDB_ins_code_1 
_pdbx_validate_rmsd_angle.label_alt_id_1 
_pdbx_validate_rmsd_angle.auth_atom_id_2 
_pdbx_validate_rmsd_angle.auth_asym_id_2 
_pdbx_validate_rmsd_angle.auth_comp_id_2 
_pdbx_validate_rmsd_angle.auth_seq_id_2 
_pdbx_validate_rmsd_angle.PDB_ins_code_2 
_pdbx_validate_rmsd_angle.label_alt_id_2 
_pdbx_validate_rmsd_angle.auth_atom_id_3 
_pdbx_validate_rmsd_angle.auth_asym_id_3 
_pdbx_validate_rmsd_angle.auth_comp_id_3 
_pdbx_validate_rmsd_angle.auth_seq_id_3 
_pdbx_validate_rmsd_angle.PDB_ins_code_3 
_pdbx_validate_rmsd_angle.label_alt_id_3 
_pdbx_validate_rmsd_angle.angle_value 
_pdbx_validate_rmsd_angle.angle_target_value 
_pdbx_validate_rmsd_angle.angle_deviation 
_pdbx_validate_rmsd_angle.angle_standard_deviation 
_pdbx_validate_rmsd_angle.linker_flag 
1 1 NE A ARG 22 ? ? CZ A ARG 22 ? ? NH1 A ARG 22 ? ? 125.37 120.30 5.07   0.50 N 
2 1 NE A ARG 22 ? ? CZ A ARG 22 ? ? NH2 A ARG 22 ? ? 116.50 120.30 -3.80  0.50 N 
3 1 CB A ASP 23 ? ? CG A ASP 23 ? ? OD1 A ASP 23 ? ? 125.59 118.30 7.29   0.90 N 
4 1 CB A ASP 27 ? ? CG A ASP 27 ? ? OD1 A ASP 27 ? ? 124.95 118.30 6.65   0.90 N 
5 1 CB A PHE 39 ? ? CG A PHE 39 ? ? CD1 A PHE 39 ? ? 115.94 120.80 -4.86  0.70 N 
6 1 CD A LYS 61 ? ? CE A LYS 61 ? ? NZ  A LYS 61 ? ? 96.63  111.70 -15.07 2.30 N 
7 1 CB A ASP 62 ? ? CG A ASP 62 ? ? OD2 A ASP 62 ? ? 111.50 118.30 -6.80  0.90 N 
8 1 CB A PHE 74 ? ? CG A PHE 74 ? ? CD2 A PHE 74 ? ? 114.39 120.80 -6.41  0.70 N 
# 
_pdbx_distant_solvent_atoms.id                                1 
_pdbx_distant_solvent_atoms.PDB_model_num                     1 
_pdbx_distant_solvent_atoms.auth_atom_id                      O 
_pdbx_distant_solvent_atoms.label_alt_id                      ? 
_pdbx_distant_solvent_atoms.auth_asym_id                      A 
_pdbx_distant_solvent_atoms.auth_comp_id                      HOH 
_pdbx_distant_solvent_atoms.auth_seq_id                       2003 
_pdbx_distant_solvent_atoms.PDB_ins_code                      ? 
_pdbx_distant_solvent_atoms.neighbor_macromolecule_distance   6.99 
_pdbx_distant_solvent_atoms.neighbor_ligand_distance          . 
# 
loop_
_pdbx_unobs_or_zero_occ_residues.id 
_pdbx_unobs_or_zero_occ_residues.PDB_model_num 
_pdbx_unobs_or_zero_occ_residues.polymer_flag 
_pdbx_unobs_or_zero_occ_residues.occupancy_flag 
_pdbx_unobs_or_zero_occ_residues.auth_asym_id 
_pdbx_unobs_or_zero_occ_residues.auth_comp_id 
_pdbx_unobs_or_zero_occ_residues.auth_seq_id 
_pdbx_unobs_or_zero_occ_residues.PDB_ins_code 
_pdbx_unobs_or_zero_occ_residues.label_asym_id 
_pdbx_unobs_or_zero_occ_residues.label_comp_id 
_pdbx_unobs_or_zero_occ_residues.label_seq_id 
1 1 Y 1 A GLY 97  ? A GLY 97  
2 1 Y 1 A GLY 98  ? A GLY 98  
3 1 Y 1 A SER 99  ? A SER 99  
4 1 Y 1 A GLN 100 ? A GLN 100 
# 
loop_
_chem_comp_atom.comp_id 
_chem_comp_atom.atom_id 
_chem_comp_atom.type_symbol 
_chem_comp_atom.pdbx_aromatic_flag 
_chem_comp_atom.pdbx_stereo_config 
_chem_comp_atom.pdbx_ordinal 
6AN C7   C  Y N 1   
6AN C8   C  Y N 2   
6AN C16  C  Y N 3   
6AN C15  C  Y N 4   
6AN C14  C  Y N 5   
6AN S    S  N N 6   
6AN O3   O  N N 7   
6AN O1   O  N N 8   
6AN O2   O  N N 9   
6AN C13  C  Y N 10  
6AN C12  C  Y N 11  
6AN C11  C  Y N 12  
6AN C10  C  Y N 13  
6AN C9   C  Y N 14  
6AN N    N  N N 15  
6AN C6   C  N N 16  
6AN C1   C  N N 17  
6AN C2   C  N N 18  
6AN C3   C  N N 19  
6AN C4   C  N N 20  
6AN C5   C  N N 21  
6AN H7   H  N N 22  
6AN H16  H  N N 23  
6AN H15  H  N N 24  
6AN H13  H  N N 25  
6AN H3   H  N N 26  
6AN H11  H  N N 27  
6AN H10  H  N N 28  
6AN H1   H  N N 29  
6AN H5   H  N N 30  
6AN H2   H  N N 31  
6AN H31C H  N N 32  
6AN H32C H  N N 33  
6AN H4   H  N N 34  
ALA N    N  N N 35  
ALA CA   C  N S 36  
ALA C    C  N N 37  
ALA O    O  N N 38  
ALA CB   C  N N 39  
ALA OXT  O  N N 40  
ALA H    H  N N 41  
ALA H2   H  N N 42  
ALA HA   H  N N 43  
ALA HB1  H  N N 44  
ALA HB2  H  N N 45  
ALA HB3  H  N N 46  
ALA HXT  H  N N 47  
ARG N    N  N N 48  
ARG CA   C  N S 49  
ARG C    C  N N 50  
ARG O    O  N N 51  
ARG CB   C  N N 52  
ARG CG   C  N N 53  
ARG CD   C  N N 54  
ARG NE   N  N N 55  
ARG CZ   C  N N 56  
ARG NH1  N  N N 57  
ARG NH2  N  N N 58  
ARG OXT  O  N N 59  
ARG H    H  N N 60  
ARG H2   H  N N 61  
ARG HA   H  N N 62  
ARG HB2  H  N N 63  
ARG HB3  H  N N 64  
ARG HG2  H  N N 65  
ARG HG3  H  N N 66  
ARG HD2  H  N N 67  
ARG HD3  H  N N 68  
ARG HE   H  N N 69  
ARG HH11 H  N N 70  
ARG HH12 H  N N 71  
ARG HH21 H  N N 72  
ARG HH22 H  N N 73  
ARG HXT  H  N N 74  
ASN N    N  N N 75  
ASN CA   C  N S 76  
ASN C    C  N N 77  
ASN O    O  N N 78  
ASN CB   C  N N 79  
ASN CG   C  N N 80  
ASN OD1  O  N N 81  
ASN ND2  N  N N 82  
ASN OXT  O  N N 83  
ASN H    H  N N 84  
ASN H2   H  N N 85  
ASN HA   H  N N 86  
ASN HB2  H  N N 87  
ASN HB3  H  N N 88  
ASN HD21 H  N N 89  
ASN HD22 H  N N 90  
ASN HXT  H  N N 91  
ASP N    N  N N 92  
ASP CA   C  N S 93  
ASP C    C  N N 94  
ASP O    O  N N 95  
ASP CB   C  N N 96  
ASP CG   C  N N 97  
ASP OD1  O  N N 98  
ASP OD2  O  N N 99  
ASP OXT  O  N N 100 
ASP H    H  N N 101 
ASP H2   H  N N 102 
ASP HA   H  N N 103 
ASP HB2  H  N N 104 
ASP HB3  H  N N 105 
ASP HD2  H  N N 106 
ASP HXT  H  N N 107 
CA  CA   CA N N 108 
CYS N    N  N N 109 
CYS CA   C  N R 110 
CYS C    C  N N 111 
CYS O    O  N N 112 
CYS CB   C  N N 113 
CYS SG   S  N N 114 
CYS OXT  O  N N 115 
CYS H    H  N N 116 
CYS H2   H  N N 117 
CYS HA   H  N N 118 
CYS HB2  H  N N 119 
CYS HB3  H  N N 120 
CYS HG   H  N N 121 
CYS HXT  H  N N 122 
GLN N    N  N N 123 
GLN CA   C  N S 124 
GLN C    C  N N 125 
GLN O    O  N N 126 
GLN CB   C  N N 127 
GLN CG   C  N N 128 
GLN CD   C  N N 129 
GLN OE1  O  N N 130 
GLN NE2  N  N N 131 
GLN OXT  O  N N 132 
GLN H    H  N N 133 
GLN H2   H  N N 134 
GLN HA   H  N N 135 
GLN HB2  H  N N 136 
GLN HB3  H  N N 137 
GLN HG2  H  N N 138 
GLN HG3  H  N N 139 
GLN HE21 H  N N 140 
GLN HE22 H  N N 141 
GLN HXT  H  N N 142 
GLU N    N  N N 143 
GLU CA   C  N S 144 
GLU C    C  N N 145 
GLU O    O  N N 146 
GLU CB   C  N N 147 
GLU CG   C  N N 148 
GLU CD   C  N N 149 
GLU OE1  O  N N 150 
GLU OE2  O  N N 151 
GLU OXT  O  N N 152 
GLU H    H  N N 153 
GLU H2   H  N N 154 
GLU HA   H  N N 155 
GLU HB2  H  N N 156 
GLU HB3  H  N N 157 
GLU HG2  H  N N 158 
GLU HG3  H  N N 159 
GLU HE2  H  N N 160 
GLU HXT  H  N N 161 
GLY N    N  N N 162 
GLY CA   C  N N 163 
GLY C    C  N N 164 
GLY O    O  N N 165 
GLY OXT  O  N N 166 
GLY H    H  N N 167 
GLY H2   H  N N 168 
GLY HA2  H  N N 169 
GLY HA3  H  N N 170 
GLY HXT  H  N N 171 
HIS N    N  N N 172 
HIS CA   C  N S 173 
HIS C    C  N N 174 
HIS O    O  N N 175 
HIS CB   C  N N 176 
HIS CG   C  Y N 177 
HIS ND1  N  Y N 178 
HIS CD2  C  Y N 179 
HIS CE1  C  Y N 180 
HIS NE2  N  Y N 181 
HIS OXT  O  N N 182 
HIS H    H  N N 183 
HIS H2   H  N N 184 
HIS HA   H  N N 185 
HIS HB2  H  N N 186 
HIS HB3  H  N N 187 
HIS HD1  H  N N 188 
HIS HD2  H  N N 189 
HIS HE1  H  N N 190 
HIS HE2  H  N N 191 
HIS HXT  H  N N 192 
HOH O    O  N N 193 
HOH H1   H  N N 194 
HOH H2   H  N N 195 
ILE N    N  N N 196 
ILE CA   C  N S 197 
ILE C    C  N N 198 
ILE O    O  N N 199 
ILE CB   C  N S 200 
ILE CG1  C  N N 201 
ILE CG2  C  N N 202 
ILE CD1  C  N N 203 
ILE OXT  O  N N 204 
ILE H    H  N N 205 
ILE H2   H  N N 206 
ILE HA   H  N N 207 
ILE HB   H  N N 208 
ILE HG12 H  N N 209 
ILE HG13 H  N N 210 
ILE HG21 H  N N 211 
ILE HG22 H  N N 212 
ILE HG23 H  N N 213 
ILE HD11 H  N N 214 
ILE HD12 H  N N 215 
ILE HD13 H  N N 216 
ILE HXT  H  N N 217 
LEU N    N  N N 218 
LEU CA   C  N S 219 
LEU C    C  N N 220 
LEU O    O  N N 221 
LEU CB   C  N N 222 
LEU CG   C  N N 223 
LEU CD1  C  N N 224 
LEU CD2  C  N N 225 
LEU OXT  O  N N 226 
LEU H    H  N N 227 
LEU H2   H  N N 228 
LEU HA   H  N N 229 
LEU HB2  H  N N 230 
LEU HB3  H  N N 231 
LEU HG   H  N N 232 
LEU HD11 H  N N 233 
LEU HD12 H  N N 234 
LEU HD13 H  N N 235 
LEU HD21 H  N N 236 
LEU HD22 H  N N 237 
LEU HD23 H  N N 238 
LEU HXT  H  N N 239 
LYS N    N  N N 240 
LYS CA   C  N S 241 
LYS C    C  N N 242 
LYS O    O  N N 243 
LYS CB   C  N N 244 
LYS CG   C  N N 245 
LYS CD   C  N N 246 
LYS CE   C  N N 247 
LYS NZ   N  N N 248 
LYS OXT  O  N N 249 
LYS H    H  N N 250 
LYS H2   H  N N 251 
LYS HA   H  N N 252 
LYS HB2  H  N N 253 
LYS HB3  H  N N 254 
LYS HG2  H  N N 255 
LYS HG3  H  N N 256 
LYS HD2  H  N N 257 
LYS HD3  H  N N 258 
LYS HE2  H  N N 259 
LYS HE3  H  N N 260 
LYS HZ1  H  N N 261 
LYS HZ2  H  N N 262 
LYS HZ3  H  N N 263 
LYS HXT  H  N N 264 
MET N    N  N N 265 
MET CA   C  N S 266 
MET C    C  N N 267 
MET O    O  N N 268 
MET CB   C  N N 269 
MET CG   C  N N 270 
MET SD   S  N N 271 
MET CE   C  N N 272 
MET OXT  O  N N 273 
MET H    H  N N 274 
MET H2   H  N N 275 
MET HA   H  N N 276 
MET HB2  H  N N 277 
MET HB3  H  N N 278 
MET HG2  H  N N 279 
MET HG3  H  N N 280 
MET HE1  H  N N 281 
MET HE2  H  N N 282 
MET HE3  H  N N 283 
MET HXT  H  N N 284 
PHE N    N  N N 285 
PHE CA   C  N S 286 
PHE C    C  N N 287 
PHE O    O  N N 288 
PHE CB   C  N N 289 
PHE CG   C  Y N 290 
PHE CD1  C  Y N 291 
PHE CD2  C  Y N 292 
PHE CE1  C  Y N 293 
PHE CE2  C  Y N 294 
PHE CZ   C  Y N 295 
PHE OXT  O  N N 296 
PHE H    H  N N 297 
PHE H2   H  N N 298 
PHE HA   H  N N 299 
PHE HB2  H  N N 300 
PHE HB3  H  N N 301 
PHE HD1  H  N N 302 
PHE HD2  H  N N 303 
PHE HE1  H  N N 304 
PHE HE2  H  N N 305 
PHE HZ   H  N N 306 
PHE HXT  H  N N 307 
PRO N    N  N N 308 
PRO CA   C  N S 309 
PRO C    C  N N 310 
PRO O    O  N N 311 
PRO CB   C  N N 312 
PRO CG   C  N N 313 
PRO CD   C  N N 314 
PRO OXT  O  N N 315 
PRO H    H  N N 316 
PRO HA   H  N N 317 
PRO HB2  H  N N 318 
PRO HB3  H  N N 319 
PRO HG2  H  N N 320 
PRO HG3  H  N N 321 
PRO HD2  H  N N 322 
PRO HD3  H  N N 323 
PRO HXT  H  N N 324 
SER N    N  N N 325 
SER CA   C  N S 326 
SER C    C  N N 327 
SER O    O  N N 328 
SER CB   C  N N 329 
SER OG   O  N N 330 
SER OXT  O  N N 331 
SER H    H  N N 332 
SER H2   H  N N 333 
SER HA   H  N N 334 
SER HB2  H  N N 335 
SER HB3  H  N N 336 
SER HG   H  N N 337 
SER HXT  H  N N 338 
THR N    N  N N 339 
THR CA   C  N S 340 
THR C    C  N N 341 
THR O    O  N N 342 
THR CB   C  N R 343 
THR OG1  O  N N 344 
THR CG2  C  N N 345 
THR OXT  O  N N 346 
THR H    H  N N 347 
THR H2   H  N N 348 
THR HA   H  N N 349 
THR HB   H  N N 350 
THR HG1  H  N N 351 
THR HG21 H  N N 352 
THR HG22 H  N N 353 
THR HG23 H  N N 354 
THR HXT  H  N N 355 
TYR N    N  N N 356 
TYR CA   C  N S 357 
TYR C    C  N N 358 
TYR O    O  N N 359 
TYR CB   C  N N 360 
TYR CG   C  Y N 361 
TYR CD1  C  Y N 362 
TYR CD2  C  Y N 363 
TYR CE1  C  Y N 364 
TYR CE2  C  Y N 365 
TYR CZ   C  Y N 366 
TYR OH   O  N N 367 
TYR OXT  O  N N 368 
TYR H    H  N N 369 
TYR H2   H  N N 370 
TYR HA   H  N N 371 
TYR HB2  H  N N 372 
TYR HB3  H  N N 373 
TYR HD1  H  N N 374 
TYR HD2  H  N N 375 
TYR HE1  H  N N 376 
TYR HE2  H  N N 377 
TYR HH   H  N N 378 
TYR HXT  H  N N 379 
VAL N    N  N N 380 
VAL CA   C  N S 381 
VAL C    C  N N 382 
VAL O    O  N N 383 
VAL CB   C  N N 384 
VAL CG1  C  N N 385 
VAL CG2  C  N N 386 
VAL OXT  O  N N 387 
VAL H    H  N N 388 
VAL H2   H  N N 389 
VAL HA   H  N N 390 
VAL HB   H  N N 391 
VAL HG11 H  N N 392 
VAL HG12 H  N N 393 
VAL HG13 H  N N 394 
VAL HG21 H  N N 395 
VAL HG22 H  N N 396 
VAL HG23 H  N N 397 
VAL HXT  H  N N 398 
ZN  ZN   ZN N N 399 
# 
loop_
_chem_comp_bond.comp_id 
_chem_comp_bond.atom_id_1 
_chem_comp_bond.atom_id_2 
_chem_comp_bond.value_order 
_chem_comp_bond.pdbx_aromatic_flag 
_chem_comp_bond.pdbx_stereo_config 
_chem_comp_bond.pdbx_ordinal 
6AN C7  C8   sing Y N 1   
6AN C7  C9   doub Y N 2   
6AN C8  C16  sing Y N 3   
6AN C8  C12  doub Y N 4   
6AN C16 C15  doub Y N 5   
6AN C15 C14  sing Y N 6   
6AN C14 S    sing N N 7   
6AN C14 C13  doub Y N 8   
6AN S   O3   sing N N 9   
6AN S   O1   doub N N 10  
6AN S   O2   doub N N 11  
6AN C13 C12  sing Y N 12  
6AN C12 C11  sing Y N 13  
6AN C11 C10  doub Y N 14  
6AN C10 C9   sing Y N 15  
6AN C9  N    sing N N 16  
6AN N   C6   doub N N 17  
6AN C6  C1   sing N N 18  
6AN C6  C5   sing N N 19  
6AN C1  C2   doub N N 20  
6AN C2  C3   sing N N 21  
6AN C3  C4   sing N N 22  
6AN C4  C5   doub N N 23  
6AN C7  H7   sing N N 24  
6AN C16 H16  sing N N 25  
6AN C15 H15  sing N N 26  
6AN C13 H13  sing N N 27  
6AN O3  H3   sing N N 28  
6AN C11 H11  sing N N 29  
6AN C10 H10  sing N N 30  
6AN C1  H1   sing N N 31  
6AN C5  H5   sing N N 32  
6AN C2  H2   sing N N 33  
6AN C3  H31C sing N N 34  
6AN C3  H32C sing N N 35  
6AN C4  H4   sing N N 36  
ALA N   CA   sing N N 37  
ALA N   H    sing N N 38  
ALA N   H2   sing N N 39  
ALA CA  C    sing N N 40  
ALA CA  CB   sing N N 41  
ALA CA  HA   sing N N 42  
ALA C   O    doub N N 43  
ALA C   OXT  sing N N 44  
ALA CB  HB1  sing N N 45  
ALA CB  HB2  sing N N 46  
ALA CB  HB3  sing N N 47  
ALA OXT HXT  sing N N 48  
ARG N   CA   sing N N 49  
ARG N   H    sing N N 50  
ARG N   H2   sing N N 51  
ARG CA  C    sing N N 52  
ARG CA  CB   sing N N 53  
ARG CA  HA   sing N N 54  
ARG C   O    doub N N 55  
ARG C   OXT  sing N N 56  
ARG CB  CG   sing N N 57  
ARG CB  HB2  sing N N 58  
ARG CB  HB3  sing N N 59  
ARG CG  CD   sing N N 60  
ARG CG  HG2  sing N N 61  
ARG CG  HG3  sing N N 62  
ARG CD  NE   sing N N 63  
ARG CD  HD2  sing N N 64  
ARG CD  HD3  sing N N 65  
ARG NE  CZ   sing N N 66  
ARG NE  HE   sing N N 67  
ARG CZ  NH1  sing N N 68  
ARG CZ  NH2  doub N N 69  
ARG NH1 HH11 sing N N 70  
ARG NH1 HH12 sing N N 71  
ARG NH2 HH21 sing N N 72  
ARG NH2 HH22 sing N N 73  
ARG OXT HXT  sing N N 74  
ASN N   CA   sing N N 75  
ASN N   H    sing N N 76  
ASN N   H2   sing N N 77  
ASN CA  C    sing N N 78  
ASN CA  CB   sing N N 79  
ASN CA  HA   sing N N 80  
ASN C   O    doub N N 81  
ASN C   OXT  sing N N 82  
ASN CB  CG   sing N N 83  
ASN CB  HB2  sing N N 84  
ASN CB  HB3  sing N N 85  
ASN CG  OD1  doub N N 86  
ASN CG  ND2  sing N N 87  
ASN ND2 HD21 sing N N 88  
ASN ND2 HD22 sing N N 89  
ASN OXT HXT  sing N N 90  
ASP N   CA   sing N N 91  
ASP N   H    sing N N 92  
ASP N   H2   sing N N 93  
ASP CA  C    sing N N 94  
ASP CA  CB   sing N N 95  
ASP CA  HA   sing N N 96  
ASP C   O    doub N N 97  
ASP C   OXT  sing N N 98  
ASP CB  CG   sing N N 99  
ASP CB  HB2  sing N N 100 
ASP CB  HB3  sing N N 101 
ASP CG  OD1  doub N N 102 
ASP CG  OD2  sing N N 103 
ASP OD2 HD2  sing N N 104 
ASP OXT HXT  sing N N 105 
CYS N   CA   sing N N 106 
CYS N   H    sing N N 107 
CYS N   H2   sing N N 108 
CYS CA  C    sing N N 109 
CYS CA  CB   sing N N 110 
CYS CA  HA   sing N N 111 
CYS C   O    doub N N 112 
CYS C   OXT  sing N N 113 
CYS CB  SG   sing N N 114 
CYS CB  HB2  sing N N 115 
CYS CB  HB3  sing N N 116 
CYS SG  HG   sing N N 117 
CYS OXT HXT  sing N N 118 
GLN N   CA   sing N N 119 
GLN N   H    sing N N 120 
GLN N   H2   sing N N 121 
GLN CA  C    sing N N 122 
GLN CA  CB   sing N N 123 
GLN CA  HA   sing N N 124 
GLN C   O    doub N N 125 
GLN C   OXT  sing N N 126 
GLN CB  CG   sing N N 127 
GLN CB  HB2  sing N N 128 
GLN CB  HB3  sing N N 129 
GLN CG  CD   sing N N 130 
GLN CG  HG2  sing N N 131 
GLN CG  HG3  sing N N 132 
GLN CD  OE1  doub N N 133 
GLN CD  NE2  sing N N 134 
GLN NE2 HE21 sing N N 135 
GLN NE2 HE22 sing N N 136 
GLN OXT HXT  sing N N 137 
GLU N   CA   sing N N 138 
GLU N   H    sing N N 139 
GLU N   H2   sing N N 140 
GLU CA  C    sing N N 141 
GLU CA  CB   sing N N 142 
GLU CA  HA   sing N N 143 
GLU C   O    doub N N 144 
GLU C   OXT  sing N N 145 
GLU CB  CG   sing N N 146 
GLU CB  HB2  sing N N 147 
GLU CB  HB3  sing N N 148 
GLU CG  CD   sing N N 149 
GLU CG  HG2  sing N N 150 
GLU CG  HG3  sing N N 151 
GLU CD  OE1  doub N N 152 
GLU CD  OE2  sing N N 153 
GLU OE2 HE2  sing N N 154 
GLU OXT HXT  sing N N 155 
GLY N   CA   sing N N 156 
GLY N   H    sing N N 157 
GLY N   H2   sing N N 158 
GLY CA  C    sing N N 159 
GLY CA  HA2  sing N N 160 
GLY CA  HA3  sing N N 161 
GLY C   O    doub N N 162 
GLY C   OXT  sing N N 163 
GLY OXT HXT  sing N N 164 
HIS N   CA   sing N N 165 
HIS N   H    sing N N 166 
HIS N   H2   sing N N 167 
HIS CA  C    sing N N 168 
HIS CA  CB   sing N N 169 
HIS CA  HA   sing N N 170 
HIS C   O    doub N N 171 
HIS C   OXT  sing N N 172 
HIS CB  CG   sing N N 173 
HIS CB  HB2  sing N N 174 
HIS CB  HB3  sing N N 175 
HIS CG  ND1  sing Y N 176 
HIS CG  CD2  doub Y N 177 
HIS ND1 CE1  doub Y N 178 
HIS ND1 HD1  sing N N 179 
HIS CD2 NE2  sing Y N 180 
HIS CD2 HD2  sing N N 181 
HIS CE1 NE2  sing Y N 182 
HIS CE1 HE1  sing N N 183 
HIS NE2 HE2  sing N N 184 
HIS OXT HXT  sing N N 185 
HOH O   H1   sing N N 186 
HOH O   H2   sing N N 187 
ILE N   CA   sing N N 188 
ILE N   H    sing N N 189 
ILE N   H2   sing N N 190 
ILE CA  C    sing N N 191 
ILE CA  CB   sing N N 192 
ILE CA  HA   sing N N 193 
ILE C   O    doub N N 194 
ILE C   OXT  sing N N 195 
ILE CB  CG1  sing N N 196 
ILE CB  CG2  sing N N 197 
ILE CB  HB   sing N N 198 
ILE CG1 CD1  sing N N 199 
ILE CG1 HG12 sing N N 200 
ILE CG1 HG13 sing N N 201 
ILE CG2 HG21 sing N N 202 
ILE CG2 HG22 sing N N 203 
ILE CG2 HG23 sing N N 204 
ILE CD1 HD11 sing N N 205 
ILE CD1 HD12 sing N N 206 
ILE CD1 HD13 sing N N 207 
ILE OXT HXT  sing N N 208 
LEU N   CA   sing N N 209 
LEU N   H    sing N N 210 
LEU N   H2   sing N N 211 
LEU CA  C    sing N N 212 
LEU CA  CB   sing N N 213 
LEU CA  HA   sing N N 214 
LEU C   O    doub N N 215 
LEU C   OXT  sing N N 216 
LEU CB  CG   sing N N 217 
LEU CB  HB2  sing N N 218 
LEU CB  HB3  sing N N 219 
LEU CG  CD1  sing N N 220 
LEU CG  CD2  sing N N 221 
LEU CG  HG   sing N N 222 
LEU CD1 HD11 sing N N 223 
LEU CD1 HD12 sing N N 224 
LEU CD1 HD13 sing N N 225 
LEU CD2 HD21 sing N N 226 
LEU CD2 HD22 sing N N 227 
LEU CD2 HD23 sing N N 228 
LEU OXT HXT  sing N N 229 
LYS N   CA   sing N N 230 
LYS N   H    sing N N 231 
LYS N   H2   sing N N 232 
LYS CA  C    sing N N 233 
LYS CA  CB   sing N N 234 
LYS CA  HA   sing N N 235 
LYS C   O    doub N N 236 
LYS C   OXT  sing N N 237 
LYS CB  CG   sing N N 238 
LYS CB  HB2  sing N N 239 
LYS CB  HB3  sing N N 240 
LYS CG  CD   sing N N 241 
LYS CG  HG2  sing N N 242 
LYS CG  HG3  sing N N 243 
LYS CD  CE   sing N N 244 
LYS CD  HD2  sing N N 245 
LYS CD  HD3  sing N N 246 
LYS CE  NZ   sing N N 247 
LYS CE  HE2  sing N N 248 
LYS CE  HE3  sing N N 249 
LYS NZ  HZ1  sing N N 250 
LYS NZ  HZ2  sing N N 251 
LYS NZ  HZ3  sing N N 252 
LYS OXT HXT  sing N N 253 
MET N   CA   sing N N 254 
MET N   H    sing N N 255 
MET N   H2   sing N N 256 
MET CA  C    sing N N 257 
MET CA  CB   sing N N 258 
MET CA  HA   sing N N 259 
MET C   O    doub N N 260 
MET C   OXT  sing N N 261 
MET CB  CG   sing N N 262 
MET CB  HB2  sing N N 263 
MET CB  HB3  sing N N 264 
MET CG  SD   sing N N 265 
MET CG  HG2  sing N N 266 
MET CG  HG3  sing N N 267 
MET SD  CE   sing N N 268 
MET CE  HE1  sing N N 269 
MET CE  HE2  sing N N 270 
MET CE  HE3  sing N N 271 
MET OXT HXT  sing N N 272 
PHE N   CA   sing N N 273 
PHE N   H    sing N N 274 
PHE N   H2   sing N N 275 
PHE CA  C    sing N N 276 
PHE CA  CB   sing N N 277 
PHE CA  HA   sing N N 278 
PHE C   O    doub N N 279 
PHE C   OXT  sing N N 280 
PHE CB  CG   sing N N 281 
PHE CB  HB2  sing N N 282 
PHE CB  HB3  sing N N 283 
PHE CG  CD1  doub Y N 284 
PHE CG  CD2  sing Y N 285 
PHE CD1 CE1  sing Y N 286 
PHE CD1 HD1  sing N N 287 
PHE CD2 CE2  doub Y N 288 
PHE CD2 HD2  sing N N 289 
PHE CE1 CZ   doub Y N 290 
PHE CE1 HE1  sing N N 291 
PHE CE2 CZ   sing Y N 292 
PHE CE2 HE2  sing N N 293 
PHE CZ  HZ   sing N N 294 
PHE OXT HXT  sing N N 295 
PRO N   CA   sing N N 296 
PRO N   CD   sing N N 297 
PRO N   H    sing N N 298 
PRO CA  C    sing N N 299 
PRO CA  CB   sing N N 300 
PRO CA  HA   sing N N 301 
PRO C   O    doub N N 302 
PRO C   OXT  sing N N 303 
PRO CB  CG   sing N N 304 
PRO CB  HB2  sing N N 305 
PRO CB  HB3  sing N N 306 
PRO CG  CD   sing N N 307 
PRO CG  HG2  sing N N 308 
PRO CG  HG3  sing N N 309 
PRO CD  HD2  sing N N 310 
PRO CD  HD3  sing N N 311 
PRO OXT HXT  sing N N 312 
SER N   CA   sing N N 313 
SER N   H    sing N N 314 
SER N   H2   sing N N 315 
SER CA  C    sing N N 316 
SER CA  CB   sing N N 317 
SER CA  HA   sing N N 318 
SER C   O    doub N N 319 
SER C   OXT  sing N N 320 
SER CB  OG   sing N N 321 
SER CB  HB2  sing N N 322 
SER CB  HB3  sing N N 323 
SER OG  HG   sing N N 324 
SER OXT HXT  sing N N 325 
THR N   CA   sing N N 326 
THR N   H    sing N N 327 
THR N   H2   sing N N 328 
THR CA  C    sing N N 329 
THR CA  CB   sing N N 330 
THR CA  HA   sing N N 331 
THR C   O    doub N N 332 
THR C   OXT  sing N N 333 
THR CB  OG1  sing N N 334 
THR CB  CG2  sing N N 335 
THR CB  HB   sing N N 336 
THR OG1 HG1  sing N N 337 
THR CG2 HG21 sing N N 338 
THR CG2 HG22 sing N N 339 
THR CG2 HG23 sing N N 340 
THR OXT HXT  sing N N 341 
TYR N   CA   sing N N 342 
TYR N   H    sing N N 343 
TYR N   H2   sing N N 344 
TYR CA  C    sing N N 345 
TYR CA  CB   sing N N 346 
TYR CA  HA   sing N N 347 
TYR C   O    doub N N 348 
TYR C   OXT  sing N N 349 
TYR CB  CG   sing N N 350 
TYR CB  HB2  sing N N 351 
TYR CB  HB3  sing N N 352 
TYR CG  CD1  doub Y N 353 
TYR CG  CD2  sing Y N 354 
TYR CD1 CE1  sing Y N 355 
TYR CD1 HD1  sing N N 356 
TYR CD2 CE2  doub Y N 357 
TYR CD2 HD2  sing N N 358 
TYR CE1 CZ   doub Y N 359 
TYR CE1 HE1  sing N N 360 
TYR CE2 CZ   sing Y N 361 
TYR CE2 HE2  sing N N 362 
TYR CZ  OH   sing N N 363 
TYR OH  HH   sing N N 364 
TYR OXT HXT  sing N N 365 
VAL N   CA   sing N N 366 
VAL N   H    sing N N 367 
VAL N   H2   sing N N 368 
VAL CA  C    sing N N 369 
VAL CA  CB   sing N N 370 
VAL CA  HA   sing N N 371 
VAL C   O    doub N N 372 
VAL C   OXT  sing N N 373 
VAL CB  CG1  sing N N 374 
VAL CB  CG2  sing N N 375 
VAL CB  HB   sing N N 376 
VAL CG1 HG11 sing N N 377 
VAL CG1 HG12 sing N N 378 
VAL CG1 HG13 sing N N 379 
VAL CG2 HG21 sing N N 380 
VAL CG2 HG22 sing N N 381 
VAL CG2 HG23 sing N N 382 
VAL OXT HXT  sing N N 383 
# 
_pdbx_initial_refinement_model.id               1 
_pdbx_initial_refinement_model.entity_id_list   ? 
_pdbx_initial_refinement_model.type             'experimental model' 
_pdbx_initial_refinement_model.source_name      PDB 
_pdbx_initial_refinement_model.accession_code   2PSR 
_pdbx_initial_refinement_model.details          'PDB ENTRY 2PSR' 
# 
_atom_sites.entry_id                    2WOS 
_atom_sites.fract_transf_matrix[1][1]   -0.01419484 
_atom_sites.fract_transf_matrix[1][2]   0.00406885 
_atom_sites.fract_transf_matrix[1][3]   0.01254514 
_atom_sites.fract_transf_matrix[2][1]   -0.01186900 
_atom_sites.fract_transf_matrix[2][2]   0.00409444 
_atom_sites.fract_transf_matrix[2][3]   -0.01475777 
_atom_sites.fract_transf_matrix[3][1]   -0.00253849 
_atom_sites.fract_transf_matrix[3][2]   -0.00816559 
_atom_sites.fract_transf_matrix[3][3]   -0.00022390 
_atom_sites.fract_transf_vector[1]      0.216049 
_atom_sites.fract_transf_vector[2]      0.334391 
_atom_sites.fract_transf_vector[3]      0.072404 
# 
loop_
_atom_type.symbol 
C  
CA 
N  
O  
S  
ZN 
# 
loop_
_atom_site.group_PDB 
_atom_site.id 
_atom_site.type_symbol 
_atom_site.label_atom_id 
_atom_site.label_alt_id 
_atom_site.label_comp_id 
_atom_site.label_asym_id 
_atom_site.label_entity_id 
_atom_site.label_seq_id 
_atom_site.pdbx_PDB_ins_code 
_atom_site.Cartn_x 
_atom_site.Cartn_y 
_atom_site.Cartn_z 
_atom_site.occupancy 
_atom_site.B_iso_or_equiv 
_atom_site.pdbx_formal_charge 
_atom_site.auth_seq_id 
_atom_site.auth_comp_id 
_atom_site.auth_asym_id 
_atom_site.auth_atom_id 
_atom_site.pdbx_PDB_model_num 
ATOM   1   N  N   . SER A 1 1  ? -13.474 17.884  14.748  1.00 37.02 ? 1    SER A N   1 
ATOM   2   C  CA  . SER A 1 1  ? -12.496 18.936  15.100  1.00 34.06 ? 1    SER A CA  1 
ATOM   3   C  C   . SER A 1 1  ? -11.103 18.535  14.461  1.00 30.77 ? 1    SER A C   1 
ATOM   4   O  O   . SER A 1 1  ? -10.304 19.444  14.100  1.00 29.10 ? 1    SER A O   1 
ATOM   5   C  CB  . SER A 1 1  ? -12.484 19.149  16.643  1.00 36.87 ? 1    SER A CB  1 
ATOM   6   O  OG  . SER A 1 1  ? -11.215 19.548  17.194  1.00 41.30 ? 1    SER A OG  1 
ATOM   7   N  N   . ASN A 1 2  ? -10.862 17.224  14.235  1.00 23.88 ? 2    ASN A N   1 
ATOM   8   C  CA  . ASN A 1 2  ? -9.654  16.916  13.390  1.00 18.91 ? 2    ASN A CA  1 
ATOM   9   C  C   . ASN A 1 2  ? -9.719  17.493  11.995  1.00 17.56 ? 2    ASN A C   1 
ATOM   10  O  O   . ASN A 1 2  ? -10.800 17.637  11.344  1.00 19.42 ? 2    ASN A O   1 
ATOM   11  C  CB  . ASN A 1 2  ? -9.446  15.388  13.278  1.00 17.31 ? 2    ASN A CB  1 
ATOM   12  C  CG  . ASN A 1 2  ? -9.049  14.760  14.574  1.00 19.49 ? 2    ASN A CG  1 
ATOM   13  O  OD1 . ASN A 1 2  ? -8.159  15.245  15.300  1.00 22.05 ? 2    ASN A OD1 1 
ATOM   14  N  ND2 . ASN A 1 2  ? -9.605  13.567  14.825  1.00 22.03 ? 2    ASN A ND2 1 
ATOM   15  N  N   . THR A 1 3  ? -8.550  17.878  11.472  1.00 15.13 ? 3    THR A N   1 
ATOM   16  C  CA  . THR A 1 3  ? -8.446  18.376  10.125  1.00 12.52 ? 3    THR A CA  1 
ATOM   17  C  C   . THR A 1 3  ? -8.478  17.241  9.070   1.00 11.01 ? 3    THR A C   1 
ATOM   18  O  O   . THR A 1 3  ? -8.350  16.050  9.482   1.00 11.67 ? 3    THR A O   1 
ATOM   19  C  CB  . THR A 1 3  ? -7.066  19.058  9.792   1.00 11.14 ? 3    THR A CB  1 
ATOM   20  O  OG1 . THR A 1 3  ? -6.035  18.071  10.003  1.00 12.30 ? 3    THR A OG1 1 
ATOM   21  C  CG2 . THR A 1 3  ? -6.831  20.146  10.830  1.00 15.37 ? 3    THR A CG2 1 
ATOM   22  N  N   . GLN A 1 4  ? -8.520  17.560  7.770   1.00 13.14 ? 4    GLN A N   1 
ATOM   23  C  CA  . GLN A 1 4  ? -8.496  16.517  6.728   1.00 12.73 ? 4    GLN A CA  1 
ATOM   24  C  C   . GLN A 1 4  ? -7.197  15.706  6.820   1.00 14.11 ? 4    GLN A C   1 
ATOM   25  O  O   . GLN A 1 4  ? -7.201  14.433  6.754   1.00 13.01 ? 4    GLN A O   1 
ATOM   26  C  CB  . GLN A 1 4  ? -8.547  16.951  5.257   1.00 17.31 ? 4    GLN A CB  1 
ATOM   27  C  CG  . GLN A 1 4  ? -9.799  17.535  4.814   1.00 29.45 ? 4    GLN A CG  1 
ATOM   28  C  CD  . GLN A 1 4  ? -9.718  17.710  3.287   1.00 36.00 ? 4    GLN A CD  1 
ATOM   29  O  OE1 . GLN A 1 4  ? -8.767  18.342  2.777   1.00 35.90 ? 4    GLN A OE1 1 
ATOM   30  N  NE2 . GLN A 1 4  ? -10.683 17.131  2.555   1.00 35.54 ? 4    GLN A NE2 1 
ATOM   31  N  N   . ALA A 1 5  ? -6.097  16.403  7.103   1.00 9.82  ? 5    ALA A N   1 
ATOM   32  C  CA  . ALA A 1 5  ? -4.791  15.640  7.205   1.00 10.90 ? 5    ALA A CA  1 
ATOM   33  C  C   . ALA A 1 5  ? -4.757  14.685  8.425   1.00 12.08 ? 5    ALA A C   1 
ATOM   34  O  O   . ALA A 1 5  ? -4.298  13.548  8.275   1.00 11.26 ? 5    ALA A O   1 
ATOM   35  C  CB  . ALA A 1 5  ? -3.589  16.618  7.286   1.00 12.02 ? 5    ALA A CB  1 
ATOM   36  N  N   . GLU A 1 6  ? -5.302  15.132  9.539   1.00 10.19 ? 6    GLU A N   1 
ATOM   37  C  CA  . GLU A 1 6  ? -5.333  14.288  10.760  1.00 9.55  ? 6    GLU A CA  1 
ATOM   38  C  C   . GLU A 1 6  ? -6.304  13.125  10.518  1.00 11.56 ? 6    GLU A C   1 
ATOM   39  O  O   . GLU A 1 6  ? -5.929  11.997  10.862  1.00 12.26 ? 6    GLU A O   1 
ATOM   40  C  CB  . GLU A 1 6  ? -5.816  15.129  11.956  1.00 10.16 ? 6    GLU A CB  1 
ATOM   41  C  CG  . GLU A 1 6  ? -4.620  16.110  12.361  1.00 11.34 ? 6    GLU A CG  1 
ATOM   42  C  CD  . GLU A 1 6  ? -5.146  17.217  13.305  1.00 13.23 ? 6    GLU A CD  1 
ATOM   43  O  OE1 . GLU A 1 6  ? -6.383  17.525  13.322  1.00 15.48 ? 6    GLU A OE1 1 
ATOM   44  O  OE2 . GLU A 1 6  ? -4.244  17.728  14.075  1.00 14.11 ? 6    GLU A OE2 1 
ATOM   45  N  N   . ARG A 1 7  ? -7.444  13.427  9.879   1.00 9.94  ? 7    ARG A N   1 
ATOM   46  C  CA  . ARG A 1 7  ? -8.356  12.309  9.582   1.00 12.02 ? 7    ARG A CA  1 
ATOM   47  C  C   . ARG A 1 7  ? -7.723  11.257  8.670   1.00 13.42 ? 7    ARG A C   1 
ATOM   48  O  O   . ARG A 1 7  ? -7.992  10.001  8.795   1.00 12.84 ? 7    ARG A O   1 
ATOM   49  C  CB  . ARG A 1 7  ? -9.678  12.796  9.015   1.00 12.55 ? 7    ARG A CB  1 
ATOM   50  C  CG  . ARG A 1 7  ? -10.533 13.580  9.995   1.00 15.56 ? 7    ARG A CG  1 
ATOM   51  C  CD  . ARG A 1 7  ? -11.927 13.839  9.413   1.00 22.24 ? 7    ARG A CD  1 
ATOM   52  N  NE  . ARG A 1 7  ? -11.961 14.482  8.090   1.00 25.84 ? 7    ARG A NE  1 
ATOM   53  C  CZ  . ARG A 1 7  ? -11.943 15.830  7.863   1.00 28.80 ? 7    ARG A CZ  1 
ATOM   54  N  NH1 . ARG A 1 7  ? -11.901 16.712  8.865   1.00 30.76 ? 7    ARG A NH1 1 
ATOM   55  N  NH2 . ARG A 1 7  ? -11.963 16.311  6.611   1.00 31.73 ? 7    ARG A NH2 1 
ATOM   56  N  N   . SER A 1 8  ? -6.897  11.695  7.716   1.00 10.36 ? 8    SER A N   1 
ATOM   57  C  CA  . SER A 1 8  ? -6.238  10.784  6.780   1.00 10.71 ? 8    SER A CA  1 
ATOM   58  C  C   . SER A 1 8  ? -5.222  9.935   7.526   1.00 12.60 ? 8    SER A C   1 
ATOM   59  O  O   . SER A 1 8  ? -5.168  8.700   7.269   1.00 13.68 ? 8    SER A O   1 
ATOM   60  C  CB  . SER A 1 8  ? -5.594  11.490  5.590   1.00 12.33 ? 8    SER A CB  1 
ATOM   61  O  OG  . SER A 1 8  ? -6.630  11.960  4.763   1.00 15.10 ? 8    SER A OG  1 
ATOM   62  N  N   . ILE A 1 9  ? -4.470  10.528  8.461   1.00 12.21 ? 9    ILE A N   1 
ATOM   63  C  CA  . ILE A 1 9  ? -3.526  9.695   9.202   1.00 14.75 ? 9    ILE A CA  1 
ATOM   64  C  C   . ILE A 1 9  ? -4.265  8.688   10.065  1.00 12.67 ? 9    ILE A C   1 
ATOM   65  O  O   . ILE A 1 9  ? -3.909  7.478   10.071  1.00 13.40 ? 9    ILE A O   1 
ATOM   66  C  CB  . ILE A 1 9  ? -2.657  10.564  10.125  1.00 17.38 ? 9    ILE A CB  1 
ATOM   67  C  CG1 . ILE A 1 9  ? -1.728  11.479  9.301   1.00 18.91 ? 9    ILE A CG1 1 
ATOM   68  C  CG2 . ILE A 1 9  ? -1.878  9.666   11.255  1.00 20.47 ? 9    ILE A CG2 1 
ATOM   69  C  CD1 . ILE A 1 9  ? -0.504  10.860  8.698   1.00 21.82 ? 9    ILE A CD1 1 
ATOM   70  N  N   . ILE A 1 10 ? -5.251  9.146   10.783  1.00 10.39 ? 10   ILE A N   1 
ATOM   71  C  CA  . ILE A 1 10 ? -6.049  8.213   11.652  1.00 12.15 ? 10   ILE A CA  1 
ATOM   72  C  C   . ILE A 1 10 ? -6.645  7.097   10.766  1.00 13.43 ? 10   ILE A C   1 
ATOM   73  O  O   . ILE A 1 10 ? -6.586  5.905   11.143  1.00 15.27 ? 10   ILE A O   1 
ATOM   74  C  CB  . ILE A 1 10 ? -7.094  8.987   12.458  1.00 12.99 ? 10   ILE A CB  1 
ATOM   75  C  CG1 . ILE A 1 10 ? -6.373  9.896   13.479  1.00 14.93 ? 10   ILE A CG1 1 
ATOM   76  C  CG2 . ILE A 1 10 ? -8.074  8.023   13.124  1.00 16.67 ? 10   ILE A CG2 1 
ATOM   77  C  CD1 . ILE A 1 10 ? -7.426  10.878  14.032  1.00 18.92 ? 10   ILE A CD1 1 
ATOM   78  N  N   . GLY A 1 11 ? -7.258  7.469   9.618   1.00 12.51 ? 11   GLY A N   1 
ATOM   79  C  CA  . GLY A 1 11 ? -7.831  6.449   8.743   1.00 12.40 ? 11   GLY A CA  1 
ATOM   80  C  C   . GLY A 1 11 ? -6.790  5.477   8.238   1.00 10.96 ? 11   GLY A C   1 
ATOM   81  O  O   . GLY A 1 11 ? -7.151  4.309   7.946   1.00 11.67 ? 11   GLY A O   1 
ATOM   82  N  N   . MET A 1 12 ? -5.528  5.901   8.057   1.00 13.10 ? 12   MET A N   1 
ATOM   83  C  CA  . MET A 1 12 ? -4.491  4.987   7.624   1.00 13.84 ? 12   MET A CA  1 
ATOM   84  C  C   . MET A 1 12 ? -4.221  3.858   8.657   1.00 11.90 ? 12   MET A C   1 
ATOM   85  O  O   . MET A 1 12 ? -4.026  2.677   8.302   1.00 12.26 ? 12   MET A O   1 
ATOM   86  C  CB  . MET A 1 12 ? -3.134  5.829   7.488   1.00 16.05 ? 12   MET A CB  1 
ATOM   87  C  CG  . MET A 1 12 ? -2.087  5.045   6.765   1.00 25.95 ? 12   MET A CG  1 
ATOM   88  S  SD  . MET A 1 12 ? -0.389  5.842   7.290   1.00 34.96 ? 12   MET A SD  1 
ATOM   89  C  CE  . MET A 1 12 ? -0.553  7.472   6.584   1.00 35.06 ? 12   MET A CE  1 
ATOM   90  N  N   . ILE A 1 13 ? -4.232  4.242   9.927   1.00 11.43 ? 13   ILE A N   1 
ATOM   91  C  CA  . ILE A 1 13 ? -4.015  3.265   11.009  1.00 11.09 ? 13   ILE A CA  1 
ATOM   92  C  C   . ILE A 1 13 ? -5.256  2.344   11.008  1.00 8.48  ? 13   ILE A C   1 
ATOM   93  O  O   . ILE A 1 13 ? -5.133  1.123   11.221  1.00 10.04 ? 13   ILE A O   1 
ATOM   94  C  CB  . ILE A 1 13 ? -3.841  3.988   12.388  1.00 9.75  ? 13   ILE A CB  1 
ATOM   95  C  CG1 . ILE A 1 13 ? -2.350  4.386   12.595  1.00 13.07 ? 13   ILE A CG1 1 
ATOM   96  C  CG2 . ILE A 1 13 ? -4.079  3.038   13.519  1.00 12.89 ? 13   ILE A CG2 1 
ATOM   97  C  CD1 . ILE A 1 13 ? -1.837  5.377   11.576  1.00 15.74 ? 13   ILE A CD1 1 
ATOM   98  N  N   . ASP A 1 14 ? -6.405  2.991   10.940  1.00 9.46  ? 14   ASP A N   1 
ATOM   99  C  CA  . ASP A 1 14 ? -7.645  2.120   10.965  1.00 9.43  ? 14   ASP A CA  1 
ATOM   100 C  C   . ASP A 1 14 ? -7.664  1.159   9.784   1.00 11.00 ? 14   ASP A C   1 
ATOM   101 O  O   . ASP A 1 14 ? -8.170  0.019   9.930   1.00 11.54 ? 14   ASP A O   1 
ATOM   102 C  CB  . ASP A 1 14 ? -8.890  3.035   10.995  1.00 11.16 ? 14   ASP A CB  1 
ATOM   103 C  CG  . ASP A 1 14 ? -9.019  3.771   12.351  1.00 12.65 ? 14   ASP A CG  1 
ATOM   104 O  OD1 . ASP A 1 14 ? -8.345  3.397   13.381  1.00 13.66 ? 14   ASP A OD1 1 
ATOM   105 O  OD2 . ASP A 1 14 ? -9.771  4.806   12.324  1.00 14.32 ? 14   ASP A OD2 1 
ATOM   106 N  N   . MET A 1 15 ? -7.158  1.592   8.619   1.00 9.60  ? 15   MET A N   1 
ATOM   107 C  CA  . MET A 1 15 ? -7.117  0.717   7.445   1.00 9.87  ? 15   MET A CA  1 
ATOM   108 C  C   . MET A 1 15 ? -6.130  -0.440  7.724   1.00 10.74 ? 15   MET A C   1 
ATOM   109 O  O   . MET A 1 15 ? -6.523  -1.599  7.436   1.00 10.74 ? 15   MET A O   1 
ATOM   110 C  CB  . MET A 1 15 ? -6.676  1.502   6.203   1.00 10.89 ? 15   MET A CB  1 
ATOM   111 C  CG  . MET A 1 15 ? -6.743  0.591   4.942   1.00 12.96 ? 15   MET A CG  1 
ATOM   112 S  SD  . MET A 1 15 ? -6.264  1.589   3.445   1.00 14.35 ? 15   MET A SD  1 
ATOM   113 C  CE  . MET A 1 15 ? -4.502  1.716   3.607   1.00 13.20 ? 15   MET A CE  1 
ATOM   114 N  N   . PHE A 1 16 ? -4.932  -0.174  8.239   1.00 9.66  ? 16   PHE A N   1 
ATOM   115 C  CA  . PHE A 1 16 ? -4.032  -1.249  8.645   1.00 8.55  ? 16   PHE A CA  1 
ATOM   116 C  C   . PHE A 1 16 ? -4.772  -2.262  9.529   1.00 9.85  ? 16   PHE A C   1 
ATOM   117 O  O   . PHE A 1 16 ? -4.621  -3.486  9.285   1.00 10.40 ? 16   PHE A O   1 
ATOM   118 C  CB  . PHE A 1 16 ? -2.879  -0.575  9.442   1.00 10.52 ? 16   PHE A CB  1 
ATOM   119 C  CG  . PHE A 1 16 ? -1.779  -1.506  9.857   1.00 6.96  ? 16   PHE A CG  1 
ATOM   120 C  CD1 . PHE A 1 16 ? -0.957  -2.098  8.892   1.00 9.44  ? 16   PHE A CD1 1 
ATOM   121 C  CD2 . PHE A 1 16 ? -1.522  -1.793  11.225  1.00 10.58 ? 16   PHE A CD2 1 
ATOM   122 C  CE1 . PHE A 1 16 ? 0.130   -3.005  9.288   1.00 11.35 ? 16   PHE A CE1 1 
ATOM   123 C  CE2 . PHE A 1 16 ? -0.495  -2.633  11.667  1.00 12.80 ? 16   PHE A CE2 1 
ATOM   124 C  CZ  . PHE A 1 16 ? 0.359   -3.270  10.683  1.00 12.20 ? 16   PHE A CZ  1 
ATOM   125 N  N   . HIS A 1 17 ? -5.513  -1.737  10.480  1.00 9.70  ? 17   HIS A N   1 
ATOM   126 C  CA  . HIS A 1 17 ? -6.174  -2.677  11.480  1.00 10.78 ? 17   HIS A CA  1 
ATOM   127 C  C   . HIS A 1 17 ? -7.362  -3.399  10.909  1.00 11.13 ? 17   HIS A C   1 
ATOM   128 O  O   . HIS A 1 17 ? -7.871  -4.312  11.614  1.00 11.64 ? 17   HIS A O   1 
ATOM   129 C  CB  . HIS A 1 17 ? -6.509  -1.824  12.768  1.00 9.39  ? 17   HIS A CB  1 
ATOM   130 C  CG  . HIS A 1 17 ? -5.308  -1.553  13.605  1.00 8.02  ? 17   HIS A CG  1 
ATOM   131 N  ND1 . HIS A 1 17 ? -5.247  -0.438  14.442  1.00 9.30  ? 17   HIS A ND1 1 
ATOM   132 C  CD2 . HIS A 1 17 ? -4.139  -2.215  13.767  1.00 8.45  ? 17   HIS A CD2 1 
ATOM   133 C  CE1 . HIS A 1 17 ? -4.079  -0.447  15.086  1.00 9.28  ? 17   HIS A CE1 1 
ATOM   134 N  NE2 . HIS A 1 17 ? -3.355  -1.518  14.684  1.00 10.00 ? 17   HIS A NE2 1 
ATOM   135 N  N   . LYS A 1 18 ? -7.821  -3.093  9.687   1.00 9.43  ? 18   LYS A N   1 
ATOM   136 C  CA  . LYS A 1 18 ? -8.877  -3.914  9.042   1.00 10.65 ? 18   LYS A CA  1 
ATOM   137 C  C   . LYS A 1 18 ? -8.229  -5.257  8.625   1.00 12.90 ? 18   LYS A C   1 
ATOM   138 O  O   . LYS A 1 18 ? -8.980  -6.241  8.391   1.00 13.13 ? 18   LYS A O   1 
ATOM   139 C  CB  . LYS A 1 18 ? -9.479  -3.177  7.900   1.00 9.97  ? 18   LYS A CB  1 
ATOM   140 C  CG  . LYS A 1 18 ? -10.417 -2.048  8.453   1.00 14.30 ? 18   LYS A CG  1 
ATOM   141 C  CD  . LYS A 1 18 ? -11.167 -1.278  7.312   1.00 21.88 ? 18   LYS A CD  1 
ATOM   142 C  CE  . LYS A 1 18 ? -11.939 -0.089  7.935   1.00 21.94 ? 18   LYS A CE  1 
ATOM   143 N  NZ  . LYS A 1 18 ? -12.712 0.778   6.881   1.00 23.15 ? 18   LYS A NZ  1 
ATOM   144 N  N   . TYR A 1 19 ? -6.903  -5.284  8.455   1.00 10.25 ? 19   TYR A N   1 
ATOM   145 C  CA  . TYR A 1 19 ? -6.266  -6.425  7.755   1.00 10.72 ? 19   TYR A CA  1 
ATOM   146 C  C   . TYR A 1 19 ? -5.267  -7.198  8.615   1.00 10.57 ? 19   TYR A C   1 
ATOM   147 O  O   . TYR A 1 19 ? -4.739  -8.262  8.167   1.00 14.07 ? 19   TYR A O   1 
ATOM   148 C  CB  . TYR A 1 19 ? -5.583  -5.929  6.497   1.00 11.52 ? 19   TYR A CB  1 
ATOM   149 C  CG  . TYR A 1 19 ? -6.598  -5.370  5.514   1.00 10.08 ? 19   TYR A CG  1 
ATOM   150 C  CD1 . TYR A 1 19 ? -7.388  -6.157  4.685   1.00 11.38 ? 19   TYR A CD1 1 
ATOM   151 C  CD2 . TYR A 1 19 ? -6.803  -3.923  5.422   1.00 8.68  ? 19   TYR A CD2 1 
ATOM   152 C  CE1 . TYR A 1 19 ? -8.388  -5.560  3.771   1.00 13.20 ? 19   TYR A CE1 1 
ATOM   153 C  CE2 . TYR A 1 19 ? -7.738  -3.357  4.595   1.00 10.95 ? 19   TYR A CE2 1 
ATOM   154 C  CZ  . TYR A 1 19 ? -8.526  -4.148  3.771   1.00 12.47 ? 19   TYR A CZ  1 
ATOM   155 O  OH  . TYR A 1 19 ? -9.379  -3.599  2.940   1.00 14.94 ? 19   TYR A OH  1 
ATOM   156 N  N   . THR A 1 20 ? -4.893  -6.709  9.775   1.00 10.01 ? 20   THR A N   1 
ATOM   157 C  CA  . THR A 1 20 ? -3.892  -7.383  10.629  1.00 11.03 ? 20   THR A CA  1 
ATOM   158 C  C   . THR A 1 20 ? -4.430  -8.739  11.220  1.00 12.97 ? 20   THR A C   1 
ATOM   159 O  O   . THR A 1 20 ? -5.674  -8.915  11.404  1.00 13.28 ? 20   THR A O   1 
ATOM   160 C  CB  . THR A 1 20 ? -3.461  -6.533  11.838  1.00 10.90 ? 20   THR A CB  1 
ATOM   161 O  OG1 . THR A 1 20 ? -4.662  -5.952  12.458  1.00 11.10 ? 20   THR A OG1 1 
ATOM   162 C  CG2 . THR A 1 20 ? -2.574  -5.312  11.337  1.00 10.31 ? 20   THR A CG2 1 
ATOM   163 N  N   . ARG A 1 21 ? -3.470  -9.612  11.487  1.00 13.63 ? 21   ARG A N   1 
ATOM   164 C  CA  . ARG A 1 21 ? -3.782  -10.780 12.400  1.00 16.88 ? 21   ARG A CA  1 
ATOM   165 C  C   . ARG A 1 21 ? -3.549  -10.372 13.839  1.00 15.43 ? 21   ARG A C   1 
ATOM   166 O  O   . ARG A 1 21 ? -3.224  -9.177  14.241  1.00 14.44 ? 21   ARG A O   1 
ATOM   167 C  CB  . ARG A 1 21 ? -2.912  -12.005 11.936  1.00 18.98 ? 21   ARG A CB  1 
ATOM   168 C  CG  . ARG A 1 21 ? -3.205  -12.374 10.497  1.00 28.03 ? 21   ARG A CG  1 
ATOM   169 C  CD  . ARG A 1 21 ? -3.065  -13.862 10.165  1.00 45.59 ? 21   ARG A CD  1 
ATOM   170 N  NE  . ARG A 1 21 ? -4.407  -14.415 10.076  1.00 53.88 ? 21   ARG A NE  1 
ATOM   171 C  CZ  . ARG A 1 21 ? -4.878  -15.460 10.763  1.00 60.05 ? 21   ARG A CZ  1 
ATOM   172 N  NH1 . ARG A 1 21 ? -4.098  -16.150 11.596  1.00 62.01 ? 21   ARG A NH1 1 
ATOM   173 N  NH2 . ARG A 1 21 ? -6.150  -15.839 10.586  1.00 61.79 ? 21   ARG A NH2 1 
ATOM   174 N  N   . ARG A 1 22 ? -3.643  -11.365 14.769  1.00 15.15 ? 22   ARG A N   1 
ATOM   175 C  CA  . ARG A 1 22 ? -3.465  -11.015 16.145  1.00 16.99 ? 22   ARG A CA  1 
ATOM   176 C  C   . ARG A 1 22 ? -2.090  -10.566 16.556  1.00 17.64 ? 22   ARG A C   1 
ATOM   177 O  O   . ARG A 1 22 ? -1.967  -9.953  17.631  1.00 20.13 ? 22   ARG A O   1 
ATOM   178 C  CB  . ARG A 1 22 ? -3.833  -12.249 17.089  1.00 20.68 ? 22   ARG A CB  1 
ATOM   179 C  CG  . ARG A 1 22 ? -5.250  -12.639 17.040  1.00 27.45 ? 22   ARG A CG  1 
ATOM   180 C  CD  . ARG A 1 22 ? -5.528  -14.087 17.633  1.00 39.74 ? 22   ARG A CD  1 
ATOM   181 N  NE  . ARG A 1 22 ? -6.897  -14.567 17.296  1.00 47.75 ? 22   ARG A NE  1 
ATOM   182 C  CZ  . ARG A 1 22 ? -7.959  -14.684 18.130  1.00 52.78 ? 22   ARG A CZ  1 
ATOM   183 N  NH1 . ARG A 1 22 ? -7.953  -14.392 19.466  1.00 48.89 ? 22   ARG A NH1 1 
ATOM   184 N  NH2 . ARG A 1 22 ? -9.084  -15.120 17.594  1.00 53.90 ? 22   ARG A NH2 1 
ATOM   185 N  N   . ASP A 1 23 ? -1.070  -10.706 15.687  1.00 15.41 ? 23   ASP A N   1 
ATOM   186 C  CA  . ASP A 1 23 ? 0.249   -10.195 16.015  1.00 15.03 ? 23   ASP A CA  1 
ATOM   187 C  C   . ASP A 1 23 ? 0.446   -8.736  15.444  1.00 12.92 ? 23   ASP A C   1 
ATOM   188 O  O   . ASP A 1 23 ? 1.583   -8.300  15.438  1.00 12.40 ? 23   ASP A O   1 
ATOM   189 C  CB  . ASP A 1 23 ? 1.309   -11.079 15.306  1.00 17.28 ? 23   ASP A CB  1 
ATOM   190 C  CG  . ASP A 1 23 ? 1.158   -11.130 13.824  1.00 18.16 ? 23   ASP A CG  1 
ATOM   191 O  OD1 . ASP A 1 23 ? 0.203   -10.658 13.174  1.00 17.67 ? 23   ASP A OD1 1 
ATOM   192 O  OD2 . ASP A 1 23 ? 2.041   -11.823 13.179  1.00 25.70 ? 23   ASP A OD2 1 
ATOM   193 N  N   . ASP A 1 24 ? -0.643  -8.074  15.046  1.00 12.90 ? 24   ASP A N   1 
ATOM   194 C  CA  . ASP A 1 24 ? -0.578  -6.658  14.575  1.00 11.16 ? 24   ASP A CA  1 
ATOM   195 C  C   . ASP A 1 24 ? 0.239   -6.567  13.301  1.00 13.24 ? 24   ASP A C   1 
ATOM   196 O  O   . ASP A 1 24 ? 0.799   -5.482  13.014  1.00 12.77 ? 24   ASP A O   1 
ATOM   197 C  CB  . ASP A 1 24 ? -0.023  -5.778  15.658  1.00 10.70 ? 24   ASP A CB  1 
ATOM   198 C  CG  . ASP A 1 24 ? -0.283  -4.269  15.393  1.00 11.21 ? 24   ASP A CG  1 
ATOM   199 O  OD1 . ASP A 1 24 ? -1.457  -3.949  15.003  1.00 11.64 ? 24   ASP A OD1 1 
ATOM   200 O  OD2 . ASP A 1 24 ? 0.673   -3.466  15.592  1.00 13.07 ? 24   ASP A OD2 1 
ATOM   201 N  N   . LYS A 1 25 ? 0.225   -7.651  12.525  1.00 11.75 ? 25   LYS A N   1 
ATOM   202 C  CA  . LYS A 1 25 ? 0.908   -7.628  11.202  1.00 12.61 ? 25   LYS A CA  1 
ATOM   203 C  C   . LYS A 1 25 ? -0.003  -8.211  10.161  1.00 13.36 ? 25   LYS A C   1 
ATOM   204 O  O   . LYS A 1 25 ? -0.929  -8.976  10.470  1.00 14.11 ? 25   LYS A O   1 
ATOM   205 C  CB  . LYS A 1 25 ? 2.259   -8.385  11.273  1.00 10.92 ? 25   LYS A CB  1 
ATOM   206 C  CG  . LYS A 1 25 ? 3.182   -7.935  12.345  1.00 13.25 ? 25   LYS A CG  1 
ATOM   207 C  CD  . LYS A 1 25 ? 4.470   -8.792  12.313  1.00 16.39 ? 25   LYS A CD  1 
ATOM   208 C  CE  . LYS A 1 25 ? 5.265   -8.379  13.606  1.00 21.58 ? 25   LYS A CE  1 
ATOM   209 N  NZ  . LYS A 1 25 ? 6.490   -9.308  13.716  1.00 31.22 ? 25   LYS A NZ  1 
ATOM   210 N  N   . ILE A 1 26 ? 0.241   -7.918  8.861   1.00 11.12 ? 26   ILE A N   1 
ATOM   211 C  CA  . ILE A 1 26 ? -0.613  -8.275  7.750   1.00 9.84  ? 26   ILE A CA  1 
ATOM   212 C  C   . ILE A 1 26 ? 0.057   -9.450  7.014   1.00 10.32 ? 26   ILE A C   1 
ATOM   213 O  O   . ILE A 1 26 ? 1.256   -9.375  6.613   1.00 12.31 ? 26   ILE A O   1 
ATOM   214 C  CB  . ILE A 1 26 ? -0.817  -7.087  6.807   1.00 9.59  ? 26   ILE A CB  1 
ATOM   215 C  CG1 . ILE A 1 26 ? -1.582  -5.968  7.599   1.00 11.30 ? 26   ILE A CG1 1 
ATOM   216 C  CG2 . ILE A 1 26 ? -1.680  -7.570  5.612   1.00 9.68  ? 26   ILE A CG2 1 
ATOM   217 C  CD1 . ILE A 1 26 ? -1.816  -4.691  6.685   1.00 12.89 ? 26   ILE A CD1 1 
ATOM   218 N  N   . ASP A 1 27 ? -0.667  -10.577 6.881   1.00 10.62 ? 27   ASP A N   1 
ATOM   219 C  CA  . ASP A 1 27 ? -0.084  -11.642 6.057   1.00 13.08 ? 27   ASP A CA  1 
ATOM   220 C  C   . ASP A 1 27 ? -0.305  -11.434 4.565   1.00 12.86 ? 27   ASP A C   1 
ATOM   221 O  O   . ASP A 1 27 ? -0.947  -10.453 4.090   1.00 12.01 ? 27   ASP A O   1 
ATOM   222 C  CB  . ASP A 1 27 ? -0.661  -13.043 6.455   1.00 13.61 ? 27   ASP A CB  1 
ATOM   223 C  CG  . ASP A 1 27 ? -2.162  -13.145 6.204   1.00 14.64 ? 27   ASP A CG  1 
ATOM   224 O  OD1 . ASP A 1 27 ? -2.748  -12.580 5.338   1.00 15.69 ? 27   ASP A OD1 1 
ATOM   225 O  OD2 . ASP A 1 27 ? -2.759  -14.125 6.789   1.00 19.31 ? 27   ASP A OD2 1 
ATOM   226 N  N   . LYS A 1 28 ? 0.299   -12.343 3.751   1.00 13.46 ? 28   LYS A N   1 
ATOM   227 C  CA  . LYS A 1 28 ? 0.286   -12.052 2.320   1.00 11.74 ? 28   LYS A CA  1 
ATOM   228 C  C   . LYS A 1 28 ? -1.057  -11.976 1.640   1.00 11.42 ? 28   LYS A C   1 
ATOM   229 O  O   . LYS A 1 28 ? -1.382  -11.039 0.943   1.00 13.00 ? 28   LYS A O   1 
ATOM   230 C  CB  . LYS A 1 28 ? 1.297   -13.023 1.580   1.00 12.30 ? 28   LYS A CB  1 
ATOM   231 C  CG  . LYS A 1 28 ? 1.204   -12.815 0.031   1.00 11.05 ? 28   LYS A CG  1 
ATOM   232 C  CD  . LYS A 1 28 ? 2.457   -13.578 -0.600  1.00 11.67 ? 28   LYS A CD  1 
ATOM   233 C  CE  . LYS A 1 28 ? 2.364   -13.294 -2.032  1.00 13.24 ? 28   LYS A CE  1 
ATOM   234 N  NZ  . LYS A 1 28 ? 3.593   -14.107 -2.651  1.00 14.66 ? 28   LYS A NZ  1 
ATOM   235 N  N   . PRO A 1 29 ? -2.002  -12.977 1.850   1.00 11.78 ? 29   PRO A N   1 
ATOM   236 C  CA  . PRO A 1 29 ? -3.325  -12.878 1.200   1.00 11.72 ? 29   PRO A CA  1 
ATOM   237 C  C   . PRO A 1 29 ? -4.072  -11.607 1.660   1.00 10.93 ? 29   PRO A C   1 
ATOM   238 O  O   . PRO A 1 29 ? -4.745  -11.014 0.804   1.00 12.03 ? 29   PRO A O   1 
ATOM   239 C  CB  . PRO A 1 29 ? -4.069  -14.136 1.722   1.00 18.18 ? 29   PRO A CB  1 
ATOM   240 C  CG  . PRO A 1 29 ? -2.972  -14.965 2.049   1.00 18.14 ? 29   PRO A CG  1 
ATOM   241 C  CD  . PRO A 1 29 ? -1.749  -14.246 2.556   1.00 12.66 ? 29   PRO A CD  1 
ATOM   242 N  N   . SER A 1 30 ? -3.878  -11.283 2.956   1.00 12.72 ? 30   SER A N   1 
ATOM   243 C  CA  . SER A 1 30 ? -4.639  -10.042 3.475   1.00 10.19 ? 30   SER A CA  1 
ATOM   244 C  C   . SER A 1 30 ? -3.985  -8.787  2.853   1.00 10.83 ? 30   SER A C   1 
ATOM   245 O  O   . SER A 1 30 ? -4.768  -7.852  2.492   1.00 11.99 ? 30   SER A O   1 
ATOM   246 C  CB  . SER A 1 30 ? -4.534  -9.941  4.952   1.00 12.76 ? 30   SER A CB  1 
ATOM   247 O  OG  . SER A 1 30 ? -5.265  -11.124 5.525   1.00 17.28 ? 30   SER A OG  1 
ATOM   248 N  N   . LEU A 1 31 ? -2.670  -8.794  2.669   1.00 9.56  ? 31   LEU A N   1 
ATOM   249 C  CA  . LEU A 1 31 ? -2.093  -7.569  1.981   1.00 9.47  ? 31   LEU A CA  1 
ATOM   250 C  C   . LEU A 1 31 ? -2.600  -7.392  0.556   1.00 11.40 ? 31   LEU A C   1 
ATOM   251 O  O   . LEU A 1 31 ? -2.950  -6.286  0.143   1.00 10.26 ? 31   LEU A O   1 
ATOM   252 C  CB  . LEU A 1 31 ? -0.500  -7.631  1.978   1.00 9.48  ? 31   LEU A CB  1 
ATOM   253 C  CG  . LEU A 1 31 ? 0.133   -6.304  1.449   1.00 11.08 ? 31   LEU A CG  1 
ATOM   254 C  CD1 . LEU A 1 31 ? 0.174   -5.375  2.698   1.00 13.88 ? 31   LEU A CD1 1 
ATOM   255 C  CD2 . LEU A 1 31 ? 1.531   -6.628  0.954   1.00 9.95  ? 31   LEU A CD2 1 
ATOM   256 N  N   . LEU A 1 32 ? -2.674  -8.482  -0.227  1.00 10.16 ? 32   LEU A N   1 
ATOM   257 C  CA  . LEU A 1 32 ? -3.249  -8.377  -1.574  1.00 11.92 ? 32   LEU A CA  1 
ATOM   258 C  C   . LEU A 1 32 ? -4.716  -7.916  -1.554  1.00 10.28 ? 32   LEU A C   1 
ATOM   259 O  O   . LEU A 1 32 ? -5.060  -7.096  -2.412  1.00 12.09 ? 32   LEU A O   1 
ATOM   260 C  CB  . LEU A 1 32 ? -3.089  -9.765  -2.280  1.00 12.90 ? 32   LEU A CB  1 
ATOM   261 C  CG  . LEU A 1 32 ? -1.602  -10.192 -2.343  1.00 18.39 ? 32   LEU A CG  1 
ATOM   262 C  CD1 . LEU A 1 32 ? -1.478  -11.502 -3.152  1.00 17.81 ? 32   LEU A CD1 1 
ATOM   263 C  CD2 . LEU A 1 32 ? -0.553  -9.221  -2.807  1.00 18.14 ? 32   LEU A CD2 1 
ATOM   264 N  N   . THR A 1 33 ? -5.536  -8.420  -0.626  1.00 12.43 ? 33   THR A N   1 
ATOM   265 C  CA  . THR A 1 33 ? -6.950  -7.991  -0.476  1.00 13.94 ? 33   THR A CA  1 
ATOM   266 C  C   . THR A 1 33 ? -6.958  -6.478  -0.143  1.00 12.01 ? 33   THR A C   1 
ATOM   267 O  O   . THR A 1 33 ? -7.727  -5.714  -0.766  1.00 12.13 ? 33   THR A O   1 
ATOM   268 C  CB  . THR A 1 33 ? -7.585  -8.780  0.636   1.00 16.38 ? 33   THR A CB  1 
ATOM   269 O  OG1 . THR A 1 33 ? -7.646  -10.147 0.096   1.00 15.76 ? 33   THR A OG1 1 
ATOM   270 C  CG2 . THR A 1 33 ? -9.042  -8.229  0.848   1.00 16.62 ? 33   THR A CG2 1 
ATOM   271 N  N   . MET A 1 34 ? -6.157  -6.124  0.814   1.00 12.19 ? 34   MET A N   1 
ATOM   272 C  CA  . MET A 1 34 ? -6.095  -4.651  1.128   1.00 10.21 ? 34   MET A CA  1 
ATOM   273 C  C   . MET A 1 34 ? -5.829  -3.813  -0.147  1.00 11.40 ? 34   MET A C   1 
ATOM   274 O  O   . MET A 1 34 ? -6.438  -2.733  -0.340  1.00 11.50 ? 34   MET A O   1 
ATOM   275 C  CB  . MET A 1 34 ? -4.977  -4.393  2.224   1.00 9.91  ? 34   MET A CB  1 
ATOM   276 C  CG  . MET A 1 34 ? -4.949  -2.932  2.584   1.00 13.22 ? 34   MET A CG  1 
ATOM   277 S  SD  . MET A 1 34 ? -3.811  -1.866  1.565   1.00 17.90 ? 34   MET A SD  1 
ATOM   278 C  CE  . MET A 1 34 ? -2.155  -2.615  1.794   1.00 15.36 ? 34   MET A CE  1 
ATOM   279 N  N   . MET A 1 35 ? -4.812  -4.199  -0.936  1.00 8.61  ? 35   MET A N   1 
ATOM   280 C  CA  . MET A 1 35 ? -4.512  -3.451  -2.171  1.00 9.39  ? 35   MET A CA  1 
ATOM   281 C  C   . MET A 1 35 ? -5.686  -3.422  -3.157  1.00 10.60 ? 35   MET A C   1 
ATOM   282 O  O   . MET A 1 35 ? -6.012  -2.380  -3.737  1.00 11.07 ? 35   MET A O   1 
ATOM   283 C  CB  . MET A 1 35 ? -3.228  -4.043  -2.865  1.00 10.13 ? 35   MET A CB  1 
ATOM   284 C  CG  . MET A 1 35 ? -1.968  -3.825  -2.083  1.00 9.60  ? 35   MET A CG  1 
ATOM   285 S  SD  . MET A 1 35 ? -1.541  -2.046  -1.978  1.00 14.03 ? 35   MET A SD  1 
ATOM   286 C  CE  . MET A 1 35 ? -1.190  -1.606  -3.665  1.00 14.67 ? 35   MET A CE  1 
ATOM   287 N  N   . LYS A 1 36 ? -6.315  -4.602  -3.376  1.00 10.89 ? 36   LYS A N   1 
ATOM   288 C  CA  . LYS A 1 36 ? -7.460  -4.630  -4.299  1.00 10.71 ? 36   LYS A CA  1 
ATOM   289 C  C   . LYS A 1 36 ? -8.637  -3.739  -3.823  1.00 10.89 ? 36   LYS A C   1 
ATOM   290 O  O   . LYS A 1 36 ? -9.311  -3.101  -4.744  1.00 14.48 ? 36   LYS A O   1 
ATOM   291 C  CB  . LYS A 1 36 ? -7.914  -6.087  -4.467  1.00 12.89 ? 36   LYS A CB  1 
ATOM   292 C  CG  . LYS A 1 36 ? -6.900  -6.894  -5.365  1.00 13.31 ? 36   LYS A CG  1 
ATOM   293 C  CD  . LYS A 1 36 ? -7.340  -8.414  -5.250  1.00 19.20 ? 36   LYS A CD  1 
ATOM   294 C  CE  . LYS A 1 36 ? -6.332  -9.315  -5.971  1.00 23.74 ? 36   LYS A CE  1 
ATOM   295 N  NZ  . LYS A 1 36 ? -6.764  -10.831 -6.006  1.00 27.92 ? 36   LYS A NZ  1 
ATOM   296 N  N   . GLU A 1 37 ? -8.811  -3.697  -2.504  1.00 13.05 ? 37   GLU A N   1 
ATOM   297 C  CA  . GLU A 1 37 ? -10.046 -3.039  -1.952  1.00 11.85 ? 37   GLU A CA  1 
ATOM   298 C  C   . GLU A 1 37 ? -9.785  -1.559  -1.882  1.00 14.18 ? 37   GLU A C   1 
ATOM   299 O  O   . GLU A 1 37 ? -10.707 -0.711  -2.127  1.00 15.75 ? 37   GLU A O   1 
ATOM   300 C  CB  . GLU A 1 37 ? -10.399 -3.513  -0.552  1.00 12.84 ? 37   GLU A CB  1 
ATOM   301 C  CG  . GLU A 1 37 ? -10.968 -4.994  -0.693  1.00 15.39 ? 37   GLU A CG  1 
ATOM   302 C  CD  . GLU A 1 37 ? -11.436 -5.594  0.572   1.00 18.65 ? 37   GLU A CD  1 
ATOM   303 O  OE1 . GLU A 1 37 ? -11.072 -5.245  1.709   1.00 17.17 ? 37   GLU A OE1 1 
ATOM   304 O  OE2 . GLU A 1 37 ? -12.240 -6.611  0.396   1.00 21.82 ? 37   GLU A OE2 1 
ATOM   305 N  N   . ASN A 1 38 ? -8.514  -1.189  -1.615  1.00 11.18 ? 38   ASN A N   1 
ATOM   306 C  CA  . ASN A 1 38 ? -8.185  0.283   -1.308  1.00 9.30  ? 38   ASN A CA  1 
ATOM   307 C  C   . ASN A 1 38 ? -7.497  1.032   -2.426  1.00 11.12 ? 38   ASN A C   1 
ATOM   308 O  O   . ASN A 1 38 ? -7.545  2.296   -2.458  1.00 10.88 ? 38   ASN A O   1 
ATOM   309 C  CB  . ASN A 1 38 ? -7.394  0.398   0.020   1.00 11.10 ? 38   ASN A CB  1 
ATOM   310 C  CG  . ASN A 1 38 ? -8.251  -0.053  1.165   1.00 11.99 ? 38   ASN A CG  1 
ATOM   311 O  OD1 . ASN A 1 38 ? -9.124  0.680   1.632   1.00 13.15 ? 38   ASN A OD1 1 
ATOM   312 N  ND2 . ASN A 1 38 ? -8.100  -1.343  1.592   1.00 11.98 ? 38   ASN A ND2 1 
ATOM   313 N  N   . PHE A 1 39 ? -6.789  0.275   -3.338  1.00 9.91  ? 39   PHE A N   1 
ATOM   314 C  CA  . PHE A 1 39 ? -6.033  0.998   -4.382  1.00 11.36 ? 39   PHE A CA  1 
ATOM   315 C  C   . PHE A 1 39 ? -6.379  0.403   -5.751  1.00 11.59 ? 39   PHE A C   1 
ATOM   316 O  O   . PHE A 1 39 ? -5.499  0.134   -6.578  1.00 13.43 ? 39   PHE A O   1 
ATOM   317 C  CB  . PHE A 1 39 ? -4.506  0.817   -4.120  1.00 10.57 ? 39   PHE A CB  1 
ATOM   318 C  CG  . PHE A 1 39 ? -4.068  1.542   -2.839  1.00 9.61  ? 39   PHE A CG  1 
ATOM   319 C  CD1 . PHE A 1 39 ? -4.044  2.940   -2.904  1.00 11.96 ? 39   PHE A CD1 1 
ATOM   320 C  CD2 . PHE A 1 39 ? -3.932  0.874   -1.625  1.00 12.29 ? 39   PHE A CD2 1 
ATOM   321 C  CE1 . PHE A 1 39 ? -3.746  3.671   -1.747  1.00 10.04 ? 39   PHE A CE1 1 
ATOM   322 C  CE2 . PHE A 1 39 ? -3.586  1.652   -0.444  1.00 11.39 ? 39   PHE A CE2 1 
ATOM   323 C  CZ  . PHE A 1 39 ? -3.513  3.059   -0.546  1.00 11.10 ? 39   PHE A CZ  1 
ATOM   324 N  N   . PRO A 1 40 ? -7.695  0.172   -5.983  1.00 11.17 ? 40   PRO A N   1 
ATOM   325 C  CA  . PRO A 1 40 ? -8.013  -0.456  -7.314  1.00 13.39 ? 40   PRO A CA  1 
ATOM   326 C  C   . PRO A 1 40 ? -7.705  0.354   -8.567  1.00 14.60 ? 40   PRO A C   1 
ATOM   327 O  O   . PRO A 1 40 ? -7.345  -0.220  -9.620  1.00 15.94 ? 40   PRO A O   1 
ATOM   328 C  CB  . PRO A 1 40 ? -9.526  -0.753  -7.177  1.00 13.83 ? 40   PRO A CB  1 
ATOM   329 C  CG  . PRO A 1 40 ? -10.008 0.480   -6.323  1.00 13.44 ? 40   PRO A CG  1 
ATOM   330 C  CD  . PRO A 1 40 ? -8.895  0.569   -5.175  1.00 12.74 ? 40   PRO A CD  1 
ATOM   331 N  N   . ASN A 1 41 ? -7.765  1.694   -8.433  1.00 12.61 ? 41   ASN A N   1 
ATOM   332 C  CA  . ASN A 1 41 ? -7.432  2.550   -9.576  1.00 16.31 ? 41   ASN A CA  1 
ATOM   333 C  C   . ASN A 1 41 ? -5.965  2.649   -9.815  1.00 15.12 ? 41   ASN A C   1 
ATOM   334 O  O   . ASN A 1 41 ? -5.483  2.610   -10.977 1.00 16.29 ? 41   ASN A O   1 
ATOM   335 C  CB  . ASN A 1 41 ? -8.131  3.931   -9.442  1.00 15.84 ? 41   ASN A CB  1 
ATOM   336 C  CG  . ASN A 1 41 ? -9.629  3.787   -9.363  1.00 22.09 ? 41   ASN A CG  1 
ATOM   337 O  OD1 . ASN A 1 41 ? -10.256 3.370   -10.395 1.00 22.03 ? 41   ASN A OD1 1 
ATOM   338 N  ND2 . ASN A 1 41 ? -10.227 3.949   -8.138  1.00 19.44 ? 41   ASN A ND2 1 
ATOM   339 N  N   . PHE A 1 42 ? -5.199  2.665   -8.703  1.00 14.75 ? 42   PHE A N   1 
ATOM   340 C  CA  . PHE A 1 42 ? -3.764  2.601   -8.809  1.00 13.88 ? 42   PHE A CA  1 
ATOM   341 C  C   . PHE A 1 42 ? -3.377  1.272   -9.535  1.00 13.65 ? 42   PHE A C   1 
ATOM   342 O  O   . PHE A 1 42 ? -2.471  1.267   -10.432 1.00 14.39 ? 42   PHE A O   1 
ATOM   343 C  CB  . PHE A 1 42 ? -3.169  2.635   -7.372  1.00 14.05 ? 42   PHE A CB  1 
ATOM   344 C  CG  . PHE A 1 42 ? -1.681  2.404   -7.302  1.00 16.06 ? 42   PHE A CG  1 
ATOM   345 C  CD1 . PHE A 1 42 ? -0.763  3.405   -7.568  1.00 19.15 ? 42   PHE A CD1 1 
ATOM   346 C  CD2 . PHE A 1 42 ? -1.190  1.106   -6.968  1.00 17.47 ? 42   PHE A CD2 1 
ATOM   347 C  CE1 . PHE A 1 42 ? 0.687   3.144   -7.525  1.00 19.88 ? 42   PHE A CE1 1 
ATOM   348 C  CE2 . PHE A 1 42 ? 0.221   0.877   -6.935  1.00 15.95 ? 42   PHE A CE2 1 
ATOM   349 C  CZ  . PHE A 1 42 ? 1.140   1.850   -7.157  1.00 17.46 ? 42   PHE A CZ  1 
ATOM   350 N  N   . LEU A 1 43 ? -3.990  0.175   -9.102  1.00 13.08 ? 43   LEU A N   1 
ATOM   351 C  CA  . LEU A 1 43 ? -3.651  -1.150  -9.623  1.00 12.25 ? 43   LEU A CA  1 
ATOM   352 C  C   . LEU A 1 43 ? -4.015  -1.184  -11.130 1.00 14.07 ? 43   LEU A C   1 
ATOM   353 O  O   . LEU A 1 43 ? -3.227  -1.723  -11.943 1.00 16.38 ? 43   LEU A O   1 
ATOM   354 C  CB  . LEU A 1 43 ? -4.376  -2.277  -8.916  1.00 13.98 ? 43   LEU A CB  1 
ATOM   355 C  CG  . LEU A 1 43 ? -3.830  -2.535  -7.504  1.00 10.49 ? 43   LEU A CG  1 
ATOM   356 C  CD1 . LEU A 1 43 ? -4.620  -3.662  -6.813  1.00 14.42 ? 43   LEU A CD1 1 
ATOM   357 C  CD2 . LEU A 1 43 ? -2.246  -2.882  -7.459  1.00 14.31 ? 43   LEU A CD2 1 
ATOM   358 N  N   . SER A 1 44 ? -5.177  -0.667  -11.437 1.00 16.92 ? 44   SER A N   1 
ATOM   359 C  CA  . SER A 1 44 ? -5.610  -0.652  -12.860 1.00 18.50 ? 44   SER A CA  1 
ATOM   360 C  C   . SER A 1 44 ? -4.641  0.172   -13.739 1.00 19.00 ? 44   SER A C   1 
ATOM   361 O  O   . SER A 1 44 ? -4.321  -0.222  -14.917 1.00 20.21 ? 44   SER A O   1 
ATOM   362 C  CB  . SER A 1 44 ? -7.078  -0.172  -12.932 1.00 19.88 ? 44   SER A CB  1 
ATOM   363 O  OG  . SER A 1 44 ? -7.379  0.019   -14.304 1.00 31.22 ? 44   SER A OG  1 
ATOM   364 N  N   . ALA A 1 45 ? -4.109  1.298   -13.209 1.00 16.26 ? 45   ALA A N   1 
ATOM   365 C  CA  . ALA A 1 45 ? -3.121  2.081   -13.957 1.00 17.31 ? 45   ALA A CA  1 
ATOM   366 C  C   . ALA A 1 45 ? -1.862  1.254   -14.207 1.00 17.69 ? 45   ALA A C   1 
ATOM   367 O  O   . ALA A 1 45 ? -1.243  1.313   -15.287 1.00 19.82 ? 45   ALA A O   1 
ATOM   368 C  CB  . ALA A 1 45 ? -2.793  3.395   -13.230 1.00 19.09 ? 45   ALA A CB  1 
ATOM   369 N  N   . CYS A 1 46 ? -1.410  0.520   -13.181 1.00 16.44 ? 46   CYS A N   1 
ATOM   370 C  CA  . CYS A 1 46 ? -0.240  -0.358  -13.323 1.00 16.04 ? 46   CYS A CA  1 
ATOM   371 C  C   . CYS A 1 46 ? -0.520  -1.392  -14.401 1.00 17.70 ? 46   CYS A C   1 
ATOM   372 O  O   . CYS A 1 46 ? 0.366   -1.655  -15.252 1.00 19.32 ? 46   CYS A O   1 
ATOM   373 C  CB  . CYS A 1 46 ? -0.041  -1.106  -11.996 1.00 17.32 ? 46   CYS A CB  1 
ATOM   374 S  SG  . CYS A 1 46 ? 0.806   0.060   -10.799 1.00 21.85 ? 46   CYS A SG  1 
ATOM   375 N  N   . ASP A 1 47 ? -1.690  -1.983  -14.378 1.00 20.13 ? 47   ASP A N   1 
ATOM   376 C  CA  . ASP A 1 47 ? -2.009  -3.129  -15.334 1.00 24.68 ? 47   ASP A CA  1 
ATOM   377 C  C   . ASP A 1 47 ? -1.985  -2.567  -16.757 1.00 26.04 ? 47   ASP A C   1 
ATOM   378 O  O   . ASP A 1 47 ? -1.456  -3.223  -17.674 1.00 26.14 ? 47   ASP A O   1 
ATOM   379 C  CB  . ASP A 1 47 ? -3.398  -3.732  -15.147 1.00 20.62 ? 47   ASP A CB  1 
ATOM   380 C  CG  . ASP A 1 47 ? -3.551  -4.469  -13.867 1.00 32.59 ? 47   ASP A CG  1 
ATOM   381 O  OD1 . ASP A 1 47 ? -2.534  -5.021  -13.342 1.00 37.65 ? 47   ASP A OD1 1 
ATOM   382 O  OD2 . ASP A 1 47 ? -4.702  -4.518  -13.373 1.00 39.18 ? 47   ASP A OD2 1 
ATOM   383 N  N   . LYS A 1 48 ? -2.513  -1.368  -16.957 1.00 25.91 ? 48   LYS A N   1 
ATOM   384 C  CA  . LYS A 1 48 ? -2.440  -0.709  -18.283 1.00 28.08 ? 48   LYS A CA  1 
ATOM   385 C  C   . LYS A 1 48 ? -1.046  -0.543  -18.844 1.00 28.26 ? 48   LYS A C   1 
ATOM   386 O  O   . LYS A 1 48 ? -0.873  -0.671  -20.069 1.00 30.31 ? 48   LYS A O   1 
ATOM   387 C  CB  . LYS A 1 48 ? -3.195  0.607   -18.300 1.00 27.90 ? 48   LYS A CB  1 
ATOM   388 C  CG  . LYS A 1 48 ? -4.677  0.296   -18.320 1.00 36.74 ? 48   LYS A CG  1 
ATOM   389 C  CD  . LYS A 1 48 ? -5.530  1.564   -18.402 1.00 46.82 ? 48   LYS A CD  1 
ATOM   390 C  CE  . LYS A 1 48 ? -6.600  1.570   -17.268 1.00 47.12 ? 48   LYS A CE  1 
ATOM   391 N  NZ  . LYS A 1 48 ? -7.600  0.462   -17.386 1.00 51.99 ? 48   LYS A NZ  1 
ATOM   392 N  N   . LYS A 1 49 ? -0.050  -0.355  -17.972 1.00 26.72 ? 49   LYS A N   1 
ATOM   393 C  CA  . LYS A 1 49 ? 1.364   -0.158  -18.287 1.00 26.15 ? 49   LYS A CA  1 
ATOM   394 C  C   . LYS A 1 49 ? 2.096   -1.510  -18.402 1.00 26.09 ? 49   LYS A C   1 
ATOM   395 O  O   . LYS A 1 49 ? 3.288   -1.512  -18.597 1.00 27.96 ? 49   LYS A O   1 
ATOM   396 C  CB  . LYS A 1 49 ? 2.022   0.755   -17.208 1.00 29.72 ? 49   LYS A CB  1 
ATOM   397 C  CG  . LYS A 1 49 ? 1.671   2.228   -17.409 1.00 34.38 ? 49   LYS A CG  1 
ATOM   398 C  CD  . LYS A 1 49 ? 2.490   2.830   -18.627 1.00 45.35 ? 49   LYS A CD  1 
ATOM   399 C  CE  . LYS A 1 49 ? 1.921   4.143   -19.184 1.00 52.78 ? 49   LYS A CE  1 
ATOM   400 N  NZ  . LYS A 1 49 ? 1.353   4.879   -17.993 1.00 57.25 ? 49   LYS A NZ  1 
ATOM   401 N  N   . GLY A 1 50 ? 1.372   -2.609  -18.210 1.00 25.45 ? 50   GLY A N   1 
ATOM   402 C  CA  . GLY A 1 50 ? 1.912   -3.986  -18.192 1.00 25.59 ? 50   GLY A CA  1 
ATOM   403 C  C   . GLY A 1 50 ? 2.546   -4.452  -16.874 1.00 25.79 ? 50   GLY A C   1 
ATOM   404 O  O   . GLY A 1 50 ? 3.329   -5.422  -16.892 1.00 26.94 ? 50   GLY A O   1 
ATOM   405 N  N   . THR A 1 51 ? 2.291   -3.759  -15.746 1.00 22.41 ? 51   THR A N   1 
ATOM   406 C  CA  . THR A 1 51 ? 2.900   -4.129  -14.484 1.00 20.83 ? 51   THR A CA  1 
ATOM   407 C  C   . THR A 1 51 ? 1.804   -4.811  -13.624 1.00 20.02 ? 51   THR A C   1 
ATOM   408 O  O   . THR A 1 51 ? 0.680   -4.261  -13.501 1.00 20.05 ? 51   THR A O   1 
ATOM   409 C  CB  . THR A 1 51 ? 3.458   -2.884  -13.776 1.00 22.54 ? 51   THR A CB  1 
ATOM   410 O  OG1 . THR A 1 51 ? 4.594   -2.423  -14.538 1.00 22.22 ? 51   THR A OG1 1 
ATOM   411 C  CG2 . THR A 1 51 ? 3.788   -3.160  -12.283 1.00 21.82 ? 51   THR A CG2 1 
ATOM   412 N  N   . ASN A 1 52 ? 2.061   -5.997  -13.051 1.00 18.01 ? 52   ASN A N   1 
ATOM   413 C  CA  . ASN A 1 52 ? 1.101   -6.544  -12.137 1.00 16.02 ? 52   ASN A CA  1 
ATOM   414 C  C   . ASN A 1 52 ? 1.679   -6.290  -10.768 1.00 16.07 ? 52   ASN A C   1 
ATOM   415 O  O   . ASN A 1 52 ? 2.584   -6.993  -10.309 1.00 14.52 ? 52   ASN A O   1 
ATOM   416 C  CB  . ASN A 1 52 ? 0.940   -8.069  -12.303 1.00 19.68 ? 52   ASN A CB  1 
ATOM   417 C  CG  . ASN A 1 52 ? -0.086  -8.636  -11.418 1.00 18.71 ? 52   ASN A CG  1 
ATOM   418 O  OD1 . ASN A 1 52 ? -0.659  -9.684  -11.884 1.00 34.85 ? 52   ASN A OD1 1 
ATOM   419 N  ND2 . ASN A 1 52 ? -0.534  -8.023  -10.192 1.00 24.79 ? 52   ASN A ND2 1 
ATOM   420 N  N   . TYR A 1 53 ? 1.205   -5.212  -10.115 1.00 12.63 ? 53   TYR A N   1 
ATOM   421 C  CA  . TYR A 1 53 ? 1.883   -4.820  -8.887  1.00 11.52 ? 53   TYR A CA  1 
ATOM   422 C  C   . TYR A 1 53 ? 1.737   -5.830  -7.776  1.00 11.18 ? 53   TYR A C   1 
ATOM   423 O  O   . TYR A 1 53 ? 2.629   -5.891  -6.872  1.00 13.18 ? 53   TYR A O   1 
ATOM   424 C  CB  . TYR A 1 53 ? 1.142   -3.534  -8.450  1.00 12.52 ? 53   TYR A CB  1 
ATOM   425 C  CG  . TYR A 1 53 ? 1.918   -2.647  -7.517  1.00 11.86 ? 53   TYR A CG  1 
ATOM   426 C  CD1 . TYR A 1 53 ? 2.821   -1.698  -8.041  1.00 17.03 ? 53   TYR A CD1 1 
ATOM   427 C  CD2 . TYR A 1 53 ? 1.728   -2.730  -6.116  1.00 13.32 ? 53   TYR A CD2 1 
ATOM   428 C  CE1 . TYR A 1 53 ? 3.536   -0.846  -7.145  1.00 16.68 ? 53   TYR A CE1 1 
ATOM   429 C  CE2 . TYR A 1 53 ? 2.495   -1.839  -5.248  1.00 14.15 ? 53   TYR A CE2 1 
ATOM   430 C  CZ  . TYR A 1 53 ? 3.338   -0.916  -5.794  1.00 15.59 ? 53   TYR A CZ  1 
ATOM   431 O  OH  . TYR A 1 53 ? 4.000   -0.050  -4.929  1.00 17.85 ? 53   TYR A OH  1 
ATOM   432 N  N   . LEU A 1 54 ? 0.721   -6.716  -7.857  1.00 11.35 ? 54   LEU A N   1 
ATOM   433 C  CA  . LEU A 1 54 ? 0.514   -7.659  -6.766  1.00 12.70 ? 54   LEU A CA  1 
ATOM   434 C  C   . LEU A 1 54 ? 1.409   -8.924  -6.853  1.00 11.60 ? 54   LEU A C   1 
ATOM   435 O  O   . LEU A 1 54 ? 1.520   -9.668  -5.867  1.00 12.74 ? 54   LEU A O   1 
ATOM   436 C  CB  . LEU A 1 54 ? -0.959  -8.119  -6.677  1.00 14.41 ? 54   LEU A CB  1 
ATOM   437 C  CG  . LEU A 1 54 ? -2.009  -6.959  -6.499  1.00 19.11 ? 54   LEU A CG  1 
ATOM   438 C  CD1 . LEU A 1 54 ? -3.398  -7.569  -6.301  1.00 18.72 ? 54   LEU A CD1 1 
ATOM   439 C  CD2 . LEU A 1 54 ? -1.584  -6.074  -5.293  1.00 18.47 ? 54   LEU A CD2 1 
ATOM   440 N  N   . ALA A 1 55 ? 2.053   -9.061  -8.024  1.00 10.87 ? 55   ALA A N   1 
ATOM   441 C  CA  . ALA A 1 55 ? 2.890   -10.275 -8.162  1.00 10.94 ? 55   ALA A CA  1 
ATOM   442 C  C   . ALA A 1 55 ? 4.058   -10.217 -7.151  1.00 10.58 ? 55   ALA A C   1 
ATOM   443 O  O   . ALA A 1 55 ? 4.439   -11.289 -6.596  1.00 12.06 ? 55   ALA A O   1 
ATOM   444 C  CB  . ALA A 1 55 ? 3.476   -10.353 -9.579  1.00 11.58 ? 55   ALA A CB  1 
ATOM   445 N  N   . ASP A 1 56 ? 4.681   -9.035  -6.924  1.00 9.41  ? 56   ASP A N   1 
ATOM   446 C  CA  . ASP A 1 56 ? 5.869   -8.923  -6.123  1.00 9.05  ? 56   ASP A CA  1 
ATOM   447 C  C   . ASP A 1 56 ? 5.812   -7.988  -4.896  1.00 8.92  ? 56   ASP A C   1 
ATOM   448 O  O   . ASP A 1 56 ? 6.750   -7.974  -4.163  1.00 10.13 ? 56   ASP A O   1 
ATOM   449 C  CB  . ASP A 1 56 ? 7.142   -8.483  -6.962  1.00 8.31  ? 56   ASP A CB  1 
ATOM   450 C  CG  . ASP A 1 56 ? 6.967   -7.047  -7.531  1.00 12.45 ? 56   ASP A CG  1 
ATOM   451 O  OD1 . ASP A 1 56 ? 5.768   -6.647  -7.696  1.00 12.96 ? 56   ASP A OD1 1 
ATOM   452 O  OD2 . ASP A 1 56 ? 7.988   -6.391  -7.767  1.00 14.19 ? 56   ASP A OD2 1 
ATOM   453 N  N   . VAL A 1 57 ? 4.646   -7.286  -4.735  1.00 9.57  ? 57   VAL A N   1 
ATOM   454 C  CA  . VAL A 1 57 ? 4.593   -6.279  -3.602  1.00 9.32  ? 57   VAL A CA  1 
ATOM   455 C  C   . VAL A 1 57 ? 4.986   -6.914  -2.260  1.00 7.96  ? 57   VAL A C   1 
ATOM   456 O  O   . VAL A 1 57 ? 5.703   -6.345  -1.454  1.00 8.78  ? 57   VAL A O   1 
ATOM   457 C  CB  . VAL A 1 57 ? 3.210   -5.592  -3.610  1.00 8.95  ? 57   VAL A CB  1 
ATOM   458 C  CG1 . VAL A 1 57 ? 2.036   -6.600  -3.279  1.00 10.38 ? 57   VAL A CG1 1 
ATOM   459 C  CG2 . VAL A 1 57 ? 3.267   -4.422  -2.565  1.00 10.92 ? 57   VAL A CG2 1 
ATOM   460 N  N   . PHE A 1 58 ? 4.449   -8.130  -1.917  1.00 8.91  ? 58   PHE A N   1 
ATOM   461 C  CA  . PHE A 1 58 ? 4.760   -8.656  -0.600  1.00 8.71  ? 58   PHE A CA  1 
ATOM   462 C  C   . PHE A 1 58 ? 6.257   -8.930  -0.431  1.00 8.19  ? 58   PHE A C   1 
ATOM   463 O  O   . PHE A 1 58 ? 6.852   -8.628  0.620   1.00 10.29 ? 58   PHE A O   1 
ATOM   464 C  CB  . PHE A 1 58 ? 3.885   -9.935  -0.402  1.00 9.70  ? 58   PHE A CB  1 
ATOM   465 C  CG  . PHE A 1 58 ? 3.990   -10.483 0.963   1.00 8.85  ? 58   PHE A CG  1 
ATOM   466 C  CD1 . PHE A 1 58 ? 3.099   -9.992  1.941   1.00 14.88 ? 58   PHE A CD1 1 
ATOM   467 C  CD2 . PHE A 1 58 ? 4.979   -11.375 1.340   1.00 12.92 ? 58   PHE A CD2 1 
ATOM   468 C  CE1 . PHE A 1 58 ? 3.163   -10.436 3.277   1.00 11.47 ? 58   PHE A CE1 1 
ATOM   469 C  CE2 . PHE A 1 58 ? 5.072   -11.825 2.709   1.00 15.33 ? 58   PHE A CE2 1 
ATOM   470 C  CZ  . PHE A 1 58 ? 4.121   -11.343 3.667   1.00 13.55 ? 58   PHE A CZ  1 
ATOM   471 N  N   . GLU A 1 59 ? 6.828   -9.586  -1.471  1.00 11.03 ? 59   GLU A N   1 
ATOM   472 C  CA  . GLU A 1 59 ? 8.245   -9.879  -1.394  1.00 10.44 ? 59   GLU A CA  1 
ATOM   473 C  C   . GLU A 1 59 ? 9.139   -8.644  -1.345  1.00 9.60  ? 59   GLU A C   1 
ATOM   474 O  O   . GLU A 1 59 ? 10.212  -8.620  -0.629  1.00 10.51 ? 59   GLU A O   1 
ATOM   475 C  CB  . GLU A 1 59 ? 8.636   -10.723 -2.601  1.00 10.69 ? 59   GLU A CB  1 
ATOM   476 C  CG  . GLU A 1 59 ? 8.041   -12.151 -2.516  1.00 13.02 ? 59   GLU A CG  1 
ATOM   477 C  CD  . GLU A 1 59 ? 6.571   -12.227 -2.633  1.00 14.66 ? 59   GLU A CD  1 
ATOM   478 O  OE1 . GLU A 1 59 ? 6.004   -11.585 -3.538  1.00 12.17 ? 59   GLU A OE1 1 
ATOM   479 O  OE2 . GLU A 1 59 ? 5.920   -12.924 -1.777  1.00 16.99 ? 59   GLU A OE2 1 
ATOM   480 N  N   . LYS A 1 60 ? 8.707   -7.578  -2.093  1.00 9.66  ? 60   LYS A N   1 
ATOM   481 C  CA  . LYS A 1 60 ? 9.488   -6.343  -2.005  1.00 9.91  ? 60   LYS A CA  1 
ATOM   482 C  C   . LYS A 1 60 ? 9.367   -5.612  -0.655  1.00 10.05 ? 60   LYS A C   1 
ATOM   483 O  O   . LYS A 1 60 ? 10.378  -4.997  -0.205  1.00 12.40 ? 60   LYS A O   1 
ATOM   484 C  CB  . LYS A 1 60 ? 8.961   -5.404  -3.130  1.00 11.19 ? 60   LYS A CB  1 
ATOM   485 C  CG  . LYS A 1 60 ? 9.365   -5.904  -4.540  1.00 9.64  ? 60   LYS A CG  1 
ATOM   486 C  CD  . LYS A 1 60 ? 10.878  -6.032  -4.715  1.00 9.09  ? 60   LYS A CD  1 
ATOM   487 C  CE  . LYS A 1 60 ? 11.289  -5.982  -6.208  1.00 11.49 ? 60   LYS A CE  1 
ATOM   488 N  NZ  . LYS A 1 60 ? 10.523  -6.943  -7.122  1.00 11.77 ? 60   LYS A NZ  1 
ATOM   489 N  N   . LYS A 1 61 ? 8.183   -5.734  -0.013  1.00 9.87  ? 61   LYS A N   1 
ATOM   490 C  CA  . LYS A 1 61 ? 7.967   -4.859  1.193   1.00 10.78 ? 61   LYS A CA  1 
ATOM   491 C  C   . LYS A 1 61 ? 8.240   -5.624  2.454   1.00 9.55  ? 61   LYS A C   1 
ATOM   492 O  O   . LYS A 1 61 ? 8.375   -5.002  3.509   1.00 10.36 ? 61   LYS A O   1 
ATOM   493 C  CB  . LYS A 1 61 ? 6.533   -4.262  1.142   1.00 11.43 ? 61   LYS A CB  1 
ATOM   494 C  CG  . LYS A 1 61 ? 6.333   -3.319  -0.047  1.00 9.31  ? 61   LYS A CG  1 
ATOM   495 C  CD  . LYS A 1 61 ? 7.622   -2.403  -0.459  1.00 15.58 ? 61   LYS A CD  1 
ATOM   496 C  CE  . LYS A 1 61 ? 7.616   -1.427  0.566   1.00 17.72 ? 61   LYS A CE  1 
ATOM   497 N  NZ  . LYS A 1 61 ? 8.887   -0.593  0.037   1.00 16.78 ? 61   LYS A NZ  1 
ATOM   498 N  N   . ASP A 1 62 ? 8.292   -7.002  2.409   1.00 9.23  ? 62   ASP A N   1 
ATOM   499 C  CA  . ASP A 1 62 ? 8.614   -7.766  3.632   1.00 10.73 ? 62   ASP A CA  1 
ATOM   500 C  C   . ASP A 1 62 ? 10.140  -7.739  3.859   1.00 12.14 ? 62   ASP A C   1 
ATOM   501 O  O   . ASP A 1 62 ? 10.914  -8.698  3.566   1.00 11.83 ? 62   ASP A O   1 
ATOM   502 C  CB  . ASP A 1 62 ? 8.118   -9.246  3.513   1.00 10.19 ? 62   ASP A CB  1 
ATOM   503 C  CG  . ASP A 1 62 ? 8.489   -10.033 4.770   1.00 10.85 ? 62   ASP A CG  1 
ATOM   504 O  OD1 . ASP A 1 62 ? 8.799   -9.494  5.827   1.00 10.76 ? 62   ASP A OD1 1 
ATOM   505 O  OD2 . ASP A 1 62 ? 8.464   -11.306 4.556   1.00 14.71 ? 62   ASP A OD2 1 
ATOM   506 N  N   . LYS A 1 63 ? 10.601  -6.615  4.366   1.00 11.03 ? 63   LYS A N   1 
ATOM   507 C  CA  . LYS A 1 63 ? 12.050  -6.325  4.316   1.00 13.66 ? 63   LYS A CA  1 
ATOM   508 C  C   . LYS A 1 63 ? 12.829  -7.248  5.264   1.00 14.56 ? 63   LYS A C   1 
ATOM   509 O  O   . LYS A 1 63 ? 13.984  -7.613  4.946   1.00 16.29 ? 63   LYS A O   1 
ATOM   510 C  CB  . LYS A 1 63 ? 12.165  -4.861  4.807   1.00 14.69 ? 63   LYS A CB  1 
ATOM   511 C  CG  . LYS A 1 63 ? 13.657  -4.404  5.074   1.00 21.55 ? 63   LYS A CG  1 
ATOM   512 C  CD  . LYS A 1 63 ? 13.570  -2.862  5.483   1.00 25.32 ? 63   LYS A CD  1 
ATOM   513 C  CE  . LYS A 1 63 ? 14.910  -2.261  5.832   1.00 37.54 ? 63   LYS A CE  1 
ATOM   514 N  NZ  . LYS A 1 63 ? 15.667  -2.276  4.566   1.00 42.11 ? 63   LYS A NZ  1 
ATOM   515 N  N   . ASN A 1 64 ? 12.203  -7.670  6.373   1.00 13.61 ? 64   ASN A N   1 
ATOM   516 C  CA  . ASN A 1 64 ? 12.948  -8.533  7.333   1.00 14.18 ? 64   ASN A CA  1 
ATOM   517 C  C   . ASN A 1 64 ? 12.660  -10.027 7.040   1.00 14.55 ? 64   ASN A C   1 
ATOM   518 O  O   . ASN A 1 64 ? 13.093  -10.945 7.876   1.00 16.39 ? 64   ASN A O   1 
ATOM   519 C  CB  . ASN A 1 64 ? 12.656  -8.123  8.813   1.00 15.10 ? 64   ASN A CB  1 
ATOM   520 C  CG  . ASN A 1 64 ? 11.213  -8.409  9.227   1.00 17.20 ? 64   ASN A CG  1 
ATOM   521 O  OD1 . ASN A 1 64 ? 10.389  -8.715  8.394   1.00 13.19 ? 64   ASN A OD1 1 
ATOM   522 N  ND2 . ASN A 1 64 ? 10.922  -8.368  10.545  1.00 20.76 ? 64   ASN A ND2 1 
ATOM   523 N  N   . GLU A 1 65 ? 11.910  -10.331 5.951   1.00 14.52 ? 65   GLU A N   1 
ATOM   524 C  CA  . GLU A 1 65 ? 11.644  -11.675 5.533   1.00 14.37 ? 65   GLU A CA  1 
ATOM   525 C  C   . GLU A 1 65 ? 11.051  -12.566 6.617   1.00 16.76 ? 65   GLU A C   1 
ATOM   526 O  O   . GLU A 1 65 ? 11.446  -13.758 6.770   1.00 17.57 ? 65   GLU A O   1 
ATOM   527 C  CB  . GLU A 1 65 ? 13.003  -12.273 5.005   1.00 14.28 ? 65   GLU A CB  1 
ATOM   528 C  CG  . GLU A 1 65 ? 13.393  -11.528 3.715   1.00 15.91 ? 65   GLU A CG  1 
ATOM   529 C  CD  . GLU A 1 65 ? 14.774  -11.887 3.181   1.00 25.39 ? 65   GLU A CD  1 
ATOM   530 O  OE1 . GLU A 1 65 ? 15.759  -11.524 3.844   1.00 26.68 ? 65   GLU A OE1 1 
ATOM   531 O  OE2 . GLU A 1 65 ? 14.821  -12.329 2.056   1.00 24.01 ? 65   GLU A OE2 1 
ATOM   532 N  N   . ASP A 1 66 ? 10.156  -12.002 7.415   1.00 11.72 ? 66   ASP A N   1 
ATOM   533 C  CA  . ASP A 1 66 ? 9.382   -12.781 8.404   1.00 15.08 ? 66   ASP A CA  1 
ATOM   534 C  C   . ASP A 1 66 ? 8.014   -13.265 7.955   1.00 14.51 ? 66   ASP A C   1 
ATOM   535 O  O   . ASP A 1 66 ? 7.271   -13.807 8.748   1.00 14.24 ? 66   ASP A O   1 
ATOM   536 C  CB  . ASP A 1 66 ? 9.437   -12.058 9.715   1.00 15.04 ? 66   ASP A CB  1 
ATOM   537 C  CG  . ASP A 1 66 ? 8.501   -10.803 9.760   1.00 15.16 ? 66   ASP A CG  1 
ATOM   538 O  OD1 . ASP A 1 66 ? 7.957   -10.480 8.661   1.00 13.33 ? 66   ASP A OD1 1 
ATOM   539 O  OD2 . ASP A 1 66 ? 8.346   -10.201 10.871  1.00 15.47 ? 66   ASP A OD2 1 
ATOM   540 N  N   . LYS A 1 67 ? 7.678   -13.054 6.675   1.00 13.71 ? 67   LYS A N   1 
ATOM   541 C  CA  . LYS A 1 67 ? 6.483   -13.474 6.049   1.00 14.56 ? 67   LYS A CA  1 
ATOM   542 C  C   . LYS A 1 67 ? 5.259   -12.729 6.636   1.00 12.58 ? 67   LYS A C   1 
ATOM   543 O  O   . LYS A 1 67 ? 4.123   -13.220 6.523   1.00 14.69 ? 67   LYS A O   1 
ATOM   544 C  CB  . LYS A 1 67 ? 6.223   -15.041 6.132   1.00 18.52 ? 67   LYS A CB  1 
ATOM   545 C  CG  . LYS A 1 67 ? 7.422   -15.794 5.620   1.00 25.18 ? 67   LYS A CG  1 
ATOM   546 C  CD  . LYS A 1 67 ? 7.440   -15.806 4.110   1.00 31.65 ? 67   LYS A CD  1 
ATOM   547 C  CE  . LYS A 1 67 ? 7.874   -17.254 3.576   1.00 36.78 ? 67   LYS A CE  1 
ATOM   548 N  NZ  . LYS A 1 67 ? 6.957   -17.883 2.522   1.00 32.43 ? 67   LYS A NZ  1 
ATOM   549 N  N   . LYS A 1 68 ? 5.500   -11.496 7.102   1.00 13.41 ? 68   LYS A N   1 
ATOM   550 C  CA  . LYS A 1 68 ? 4.420   -10.654 7.589   1.00 12.61 ? 68   LYS A CA  1 
ATOM   551 C  C   . LYS A 1 68 ? 4.817   -9.208  7.207   1.00 13.61 ? 68   LYS A C   1 
ATOM   552 O  O   . LYS A 1 68 ? 5.974   -8.894  7.086   1.00 14.11 ? 68   LYS A O   1 
ATOM   553 C  CB  . LYS A 1 68 ? 4.402   -10.702 9.145   1.00 14.72 ? 68   LYS A CB  1 
ATOM   554 C  CG  . LYS A 1 68 ? 4.047   -12.091 9.686   1.00 21.36 ? 68   LYS A CG  1 
ATOM   555 C  CD  . LYS A 1 68 ? 2.684   -12.522 9.290   1.00 30.16 ? 68   LYS A CD  1 
ATOM   556 C  CE  . LYS A 1 68 ? 2.140   -13.689 10.293  1.00 38.18 ? 68   LYS A CE  1 
ATOM   557 N  NZ  . LYS A 1 68 ? 0.754   -14.117 9.892   1.00 38.03 ? 68   LYS A NZ  1 
ATOM   558 N  N   . ILE A 1 69 ? 3.779   -8.354  7.063   1.00 11.64 ? 69   ILE A N   1 
ATOM   559 C  CA  . ILE A 1 69 ? 4.047   -6.905  6.843   1.00 8.88  ? 69   ILE A CA  1 
ATOM   560 C  C   . ILE A 1 69 ? 3.656   -6.176  8.158   1.00 10.00 ? 69   ILE A C   1 
ATOM   561 O  O   . ILE A 1 69 ? 2.450   -6.157  8.532   1.00 11.77 ? 69   ILE A O   1 
ATOM   562 C  CB  . ILE A 1 69 ? 3.150   -6.483  5.682   1.00 9.03  ? 69   ILE A CB  1 
ATOM   563 C  CG1 . ILE A 1 69 ? 3.552   -7.110  4.352   1.00 11.28 ? 69   ILE A CG1 1 
ATOM   564 C  CG2 . ILE A 1 69 ? 3.283   -4.849  5.533   1.00 10.97 ? 69   ILE A CG2 1 
ATOM   565 C  CD1 . ILE A 1 69 ? 5.020   -6.742  3.835   1.00 13.17 ? 69   ILE A CD1 1 
ATOM   566 N  N   . ASP A 1 70 ? 4.658   -5.598  8.825   1.00 9.38  ? 70   ASP A N   1 
ATOM   567 C  CA  . ASP A 1 70 ? 4.420   -4.923  10.094  1.00 8.65  ? 70   ASP A CA  1 
ATOM   568 C  C   . ASP A 1 70 ? 4.135   -3.470  9.767   1.00 9.30  ? 70   ASP A C   1 
ATOM   569 O  O   . ASP A 1 70 ? 4.109   -3.081  8.580   1.00 10.31 ? 70   ASP A O   1 
ATOM   570 C  CB  . ASP A 1 70 ? 5.580   -5.077  11.083  1.00 10.14 ? 70   ASP A CB  1 
ATOM   571 C  CG  . ASP A 1 70 ? 6.908   -4.590  10.555  1.00 13.38 ? 70   ASP A CG  1 
ATOM   572 O  OD1 . ASP A 1 70 ? 6.991   -3.544  9.896   1.00 11.90 ? 70   ASP A OD1 1 
ATOM   573 O  OD2 . ASP A 1 70 ? 7.954   -5.142  11.030  1.00 14.31 ? 70   ASP A OD2 1 
ATOM   574 N  N   . PHE A 1 71 ? 3.852   -2.667  10.823  1.00 10.20 ? 71   PHE A N   1 
ATOM   575 C  CA  . PHE A 1 71 ? 3.385   -1.313  10.485  1.00 10.65 ? 71   PHE A CA  1 
ATOM   576 C  C   . PHE A 1 71 ? 4.482   -0.541  9.724   1.00 10.69 ? 71   PHE A C   1 
ATOM   577 O  O   . PHE A 1 71 ? 4.160   0.254   8.804   1.00 9.95  ? 71   PHE A O   1 
ATOM   578 C  CB  . PHE A 1 71 ? 2.992   -0.589  11.797  1.00 10.03 ? 71   PHE A CB  1 
ATOM   579 C  CG  . PHE A 1 71 ? 2.304   0.742   11.569  1.00 8.18  ? 71   PHE A CG  1 
ATOM   580 C  CD1 . PHE A 1 71 ? 1.043   0.794   11.009  1.00 8.70  ? 71   PHE A CD1 1 
ATOM   581 C  CD2 . PHE A 1 71 ? 3.036   1.901   11.772  1.00 13.69 ? 71   PHE A CD2 1 
ATOM   582 C  CE1 . PHE A 1 71 ? 0.366   2.050   10.818  1.00 12.04 ? 71   PHE A CE1 1 
ATOM   583 C  CE2 . PHE A 1 71 ? 2.391   3.180   11.509  1.00 12.24 ? 71   PHE A CE2 1 
ATOM   584 C  CZ  . PHE A 1 71 ? 1.101   3.273   11.015  1.00 11.98 ? 71   PHE A CZ  1 
ATOM   585 N  N   . SER A 1 72 ? 5.730   -0.687  10.140  1.00 11.49 ? 72   SER A N   1 
ATOM   586 C  CA  . SER A 1 72 ? 6.827   0.049   9.415   1.00 11.02 ? 72   SER A CA  1 
ATOM   587 C  C   . SER A 1 72 ? 6.916   -0.297  7.931   1.00 10.62 ? 72   SER A C   1 
ATOM   588 O  O   . SER A 1 72 ? 7.074   0.591   7.052   1.00 10.09 ? 72   SER A O   1 
ATOM   589 C  CB  . SER A 1 72 ? 8.163   -0.161  10.107  1.00 12.80 ? 72   SER A CB  1 
ATOM   590 O  OG  . SER A 1 72 ? 8.688   -1.511  9.887   1.00 14.80 ? 72   SER A OG  1 
ATOM   591 N  N   . GLU A 1 73 ? 6.714   -1.586  7.629   1.00 8.52  ? 73   GLU A N   1 
ATOM   592 C  CA  . GLU A 1 73 ? 6.755   -2.022  6.201   1.00 8.59  ? 73   GLU A CA  1 
ATOM   593 C  C   . GLU A 1 73 ? 5.499   -1.568  5.439   1.00 7.52  ? 73   GLU A C   1 
ATOM   594 O  O   . GLU A 1 73 ? 5.570   -1.194  4.244   1.00 9.41  ? 73   GLU A O   1 
ATOM   595 C  CB  . GLU A 1 73 ? 6.869   -3.550  6.124   1.00 8.83  ? 73   GLU A CB  1 
ATOM   596 C  CG  . GLU A 1 73 ? 8.195   -3.954  6.761   1.00 10.26 ? 73   GLU A CG  1 
ATOM   597 C  CD  . GLU A 1 73 ? 8.225   -5.512  7.069   1.00 13.13 ? 73   GLU A CD  1 
ATOM   598 O  OE1 . GLU A 1 73 ? 7.161   -6.191  7.212   1.00 9.79  ? 73   GLU A OE1 1 
ATOM   599 O  OE2 . GLU A 1 73 ? 9.344   -6.143  7.073   1.00 12.75 ? 73   GLU A OE2 1 
ATOM   600 N  N   . PHE A 1 74 ? 4.337   -1.523  6.133   1.00 9.33  ? 74   PHE A N   1 
ATOM   601 C  CA  . PHE A 1 74 ? 3.160   -0.936  5.562   1.00 10.09 ? 74   PHE A CA  1 
ATOM   602 C  C   . PHE A 1 74 ? 3.379   0.579   5.249   1.00 10.47 ? 74   PHE A C   1 
ATOM   603 O  O   . PHE A 1 74 ? 2.913   1.009   4.163   1.00 8.85  ? 74   PHE A O   1 
ATOM   604 C  CB  . PHE A 1 74 ? 1.989   -1.149  6.580   1.00 8.95  ? 74   PHE A CB  1 
ATOM   605 C  CG  . PHE A 1 74 ? 0.673   -0.445  6.238   1.00 8.05  ? 74   PHE A CG  1 
ATOM   606 C  CD1 . PHE A 1 74 ? -0.228  -0.943  5.326   1.00 14.27 ? 74   PHE A CD1 1 
ATOM   607 C  CD2 . PHE A 1 74 ? 0.384   0.657   7.041   1.00 12.19 ? 74   PHE A CD2 1 
ATOM   608 C  CE1 . PHE A 1 74 ? -1.549  -0.259  5.154   1.00 16.11 ? 74   PHE A CE1 1 
ATOM   609 C  CE2 . PHE A 1 74 ? -0.829  1.347   6.905   1.00 17.22 ? 74   PHE A CE2 1 
ATOM   610 C  CZ  . PHE A 1 74 ? -1.765  0.874   5.962   1.00 14.35 ? 74   PHE A CZ  1 
ATOM   611 N  N   . LEU A 1 75 ? 3.985   1.355   6.202   1.00 9.63  ? 75   LEU A N   1 
ATOM   612 C  CA  . LEU A 1 75 ? 4.275   2.739   5.814   1.00 9.77  ? 75   LEU A CA  1 
ATOM   613 C  C   . LEU A 1 75 ? 5.143   2.774   4.598   1.00 9.96  ? 75   LEU A C   1 
ATOM   614 O  O   . LEU A 1 75 ? 4.966   3.669   3.747   1.00 9.81  ? 75   LEU A O   1 
ATOM   615 C  CB  . LEU A 1 75 ? 4.963   3.434   6.994   1.00 9.85  ? 75   LEU A CB  1 
ATOM   616 C  CG  . LEU A 1 75 ? 4.090   3.658   8.250   1.00 10.26 ? 75   LEU A CG  1 
ATOM   617 C  CD1 . LEU A 1 75 ? 4.981   4.445   9.289   1.00 11.07 ? 75   LEU A CD1 1 
ATOM   618 C  CD2 . LEU A 1 75 ? 2.799   4.471   7.859   1.00 14.75 ? 75   LEU A CD2 1 
ATOM   619 N  N   . SER A 1 76 ? 6.150   1.875   4.456   1.00 9.56  ? 76   SER A N   1 
ATOM   620 C  CA  . SER A 1 76 ? 7.028   1.972   3.269   1.00 10.74 ? 76   SER A CA  1 
ATOM   621 C  C   . SER A 1 76 ? 6.265   1.730   1.968   1.00 10.08 ? 76   SER A C   1 
ATOM   622 O  O   . SER A 1 76 ? 6.539   2.389   0.938   1.00 9.93  ? 76   SER A O   1 
ATOM   623 C  CB  . SER A 1 76 ? 8.172   0.960   3.513   1.00 11.71 ? 76   SER A CB  1 
ATOM   624 O  OG  . SER A 1 76 ? 9.111   1.020   2.424   1.00 13.23 ? 76   SER A OG  1 
ATOM   625 N  N   . LEU A 1 77 ? 5.273   0.781   2.031   1.00 8.97  ? 77   LEU A N   1 
ATOM   626 C  CA  . LEU A 1 77 ? 4.407   0.504   0.885   1.00 8.07  ? 77   LEU A CA  1 
ATOM   627 C  C   . LEU A 1 77 ? 3.591   1.768   0.564   1.00 8.49  ? 77   LEU A C   1 
ATOM   628 O  O   . LEU A 1 77 ? 3.520   2.188   -0.601  1.00 9.61  ? 77   LEU A O   1 
ATOM   629 C  CB  . LEU A 1 77 ? 3.476   -0.646  1.278   1.00 8.44  ? 77   LEU A CB  1 
ATOM   630 C  CG  . LEU A 1 77 ? 2.316   -0.845  0.259   1.00 10.78 ? 77   LEU A CG  1 
ATOM   631 C  CD1 . LEU A 1 77 ? 2.803   -1.067  -1.217  1.00 14.30 ? 77   LEU A CD1 1 
ATOM   632 C  CD2 . LEU A 1 77 ? 1.558   -2.174  0.800   1.00 12.86 ? 77   LEU A CD2 1 
ATOM   633 N  N   . LEU A 1 78 ? 2.960   2.386   1.590   1.00 8.63  ? 78   LEU A N   1 
ATOM   634 C  CA  . LEU A 1 78 ? 2.213   3.657   1.265   1.00 9.80  ? 78   LEU A CA  1 
ATOM   635 C  C   . LEU A 1 78 ? 3.147   4.722   0.716   1.00 9.57  ? 78   LEU A C   1 
ATOM   636 O  O   . LEU A 1 78 ? 2.697   5.495   -0.180  1.00 9.33  ? 78   LEU A O   1 
ATOM   637 C  CB  . LEU A 1 78 ? 1.556   4.183   2.543   1.00 10.10 ? 78   LEU A CB  1 
ATOM   638 C  CG  . LEU A 1 78 ? 0.440   3.237   3.053   1.00 13.32 ? 78   LEU A CG  1 
ATOM   639 C  CD1 . LEU A 1 78 ? -0.107  4.033   4.268   1.00 15.68 ? 78   LEU A CD1 1 
ATOM   640 C  CD2 . LEU A 1 78 ? -0.557  2.903   2.029   1.00 16.64 ? 78   LEU A CD2 1 
ATOM   641 N  N   . GLY A 1 79 ? 4.383   4.744   1.231   1.00 9.84  ? 79   GLY A N   1 
ATOM   642 C  CA  . GLY A 1 79 ? 5.388   5.732   0.669   1.00 9.78  ? 79   GLY A CA  1 
ATOM   643 C  C   . GLY A 1 79 ? 5.683   5.451   -0.821  1.00 9.86  ? 79   GLY A C   1 
ATOM   644 O  O   . GLY A 1 79 ? 5.805   6.374   -1.588  1.00 9.64  ? 79   GLY A O   1 
ATOM   645 N  N   . ASP A 1 80 ? 5.740   4.187   -1.246  1.00 8.32  ? 80   ASP A N   1 
ATOM   646 C  CA  . ASP A 1 80 ? 5.981   3.895   -2.651  1.00 9.43  ? 80   ASP A CA  1 
ATOM   647 C  C   . ASP A 1 80 ? 4.798   4.334   -3.479  1.00 9.21  ? 80   ASP A C   1 
ATOM   648 O  O   . ASP A 1 80 ? 5.002   4.890   -4.583  1.00 10.32 ? 80   ASP A O   1 
ATOM   649 C  CB  . ASP A 1 80 ? 6.151   2.347   -2.812  1.00 9.64  ? 80   ASP A CB  1 
ATOM   650 C  CG  . ASP A 1 80 ? 7.432   1.852   -2.273  1.00 12.25 ? 80   ASP A CG  1 
ATOM   651 O  OD1 . ASP A 1 80 ? 8.446   2.609   -2.059  1.00 14.25 ? 80   ASP A OD1 1 
ATOM   652 O  OD2 . ASP A 1 80 ? 7.554   0.577   -2.098  1.00 14.65 ? 80   ASP A OD2 1 
ATOM   653 N  N   . ILE A 1 81 ? 3.554   4.103   -2.950  1.00 8.75  ? 81   ILE A N   1 
ATOM   654 C  CA  . ILE A 1 81 ? 2.376   4.520   -3.745  1.00 8.51  ? 81   ILE A CA  1 
ATOM   655 C  C   . ILE A 1 81 ? 2.366   6.064   -3.847  1.00 9.08  ? 81   ILE A C   1 
ATOM   656 O  O   . ILE A 1 81 ? 2.176   6.582   -4.950  1.00 11.15 ? 81   ILE A O   1 
ATOM   657 C  CB  . ILE A 1 81 ? 1.117   4.004   -3.081  1.00 10.94 ? 81   ILE A CB  1 
ATOM   658 C  CG1 . ILE A 1 81 ? 1.118   2.388   -3.118  1.00 10.10 ? 81   ILE A CG1 1 
ATOM   659 C  CG2 . ILE A 1 81 ? -0.151  4.529   -3.799  1.00 10.93 ? 81   ILE A CG2 1 
ATOM   660 C  CD1 . ILE A 1 81 ? -0.064  1.792   -2.163  1.00 12.59 ? 81   ILE A CD1 1 
ATOM   661 N  N   . ALA A 1 82 ? 2.677   6.683   -2.710  1.00 9.31  ? 82   ALA A N   1 
ATOM   662 C  CA  . ALA A 1 82 ? 2.670   8.199   -2.702  1.00 9.29  ? 82   ALA A CA  1 
ATOM   663 C  C   . ALA A 1 82 ? 3.778   8.769   -3.631  1.00 10.24 ? 82   ALA A C   1 
ATOM   664 O  O   . ALA A 1 82 ? 3.546   9.720   -4.396  1.00 10.97 ? 82   ALA A O   1 
ATOM   665 C  CB  . ALA A 1 82 ? 2.890   8.698   -1.275  1.00 10.72 ? 82   ALA A CB  1 
ATOM   666 N  N   . THR A 1 83 ? 4.905   8.074   -3.647  1.00 9.36  ? 83   THR A N   1 
ATOM   667 C  CA  . THR A 1 83 ? 6.011   8.546   -4.537  1.00 11.19 ? 83   THR A CA  1 
ATOM   668 C  C   . THR A 1 83 ? 5.597   8.414   -6.006  1.00 11.37 ? 83   THR A C   1 
ATOM   669 O  O   . THR A 1 83 ? 5.863   9.313   -6.840  1.00 11.59 ? 83   THR A O   1 
ATOM   670 C  CB  . THR A 1 83 ? 7.300   7.768   -4.215  1.00 10.65 ? 83   THR A CB  1 
ATOM   671 O  OG1 . THR A 1 83 ? 7.710   8.097   -2.890  1.00 11.74 ? 83   THR A OG1 1 
ATOM   672 C  CG2 . THR A 1 83 ? 8.442   8.283   -5.252  1.00 13.37 ? 83   THR A CG2 1 
ATOM   673 N  N   . ASP A 1 84 ? 4.879   7.330   -6.403  1.00 12.50 ? 84   ASP A N   1 
ATOM   674 C  CA  . ASP A 1 84 ? 4.360   7.210   -7.777  1.00 13.89 ? 84   ASP A CA  1 
ATOM   675 C  C   . ASP A 1 84 ? 3.367   8.322   -8.120  1.00 13.53 ? 84   ASP A C   1 
ATOM   676 O  O   . ASP A 1 84 ? 3.510   9.001   -9.183  1.00 14.17 ? 84   ASP A O   1 
ATOM   677 C  CB  . ASP A 1 84 ? 3.615   5.865   -7.984  1.00 14.26 ? 84   ASP A CB  1 
ATOM   678 C  CG  . ASP A 1 84 ? 3.386   5.663   -9.492  1.00 24.21 ? 84   ASP A CG  1 
ATOM   679 O  OD1 . ASP A 1 84 ? 4.432   5.372   -10.135 1.00 35.83 ? 84   ASP A OD1 1 
ATOM   680 O  OD2 . ASP A 1 84 ? 2.340   6.056   -10.041 1.00 25.70 ? 84   ASP A OD2 1 
ATOM   681 N  N   . TYR A 1 85 ? 2.520   8.678   -7.170  1.00 11.91 ? 85   TYR A N   1 
ATOM   682 C  CA  . TYR A 1 85 ? 1.538   9.760   -7.451  1.00 11.85 ? 85   TYR A CA  1 
ATOM   683 C  C   . TYR A 1 85 ? 2.347   11.087  -7.508  1.00 12.90 ? 85   TYR A C   1 
ATOM   684 O  O   . TYR A 1 85 ? 1.974   11.965  -8.358  1.00 14.57 ? 85   TYR A O   1 
ATOM   685 C  CB  . TYR A 1 85 ? 0.430   9.848   -6.392  1.00 12.91 ? 85   TYR A CB  1 
ATOM   686 C  CG  . TYR A 1 85 ? -0.739  8.836   -6.552  1.00 15.90 ? 85   TYR A CG  1 
ATOM   687 C  CD1 . TYR A 1 85 ? -0.845  7.680   -5.779  1.00 20.60 ? 85   TYR A CD1 1 
ATOM   688 C  CD2 . TYR A 1 85 ? -1.722  9.052   -7.576  1.00 25.69 ? 85   TYR A CD2 1 
ATOM   689 C  CE1 . TYR A 1 85 ? -1.926  6.761   -5.962  1.00 28.25 ? 85   TYR A CE1 1 
ATOM   690 C  CE2 . TYR A 1 85 ? -2.826  8.112   -7.762  1.00 29.62 ? 85   TYR A CE2 1 
ATOM   691 C  CZ  . TYR A 1 85 ? -2.906  7.000   -6.960  1.00 30.70 ? 85   TYR A CZ  1 
ATOM   692 O  OH  . TYR A 1 85 ? -4.007  6.162   -7.173  1.00 30.42 ? 85   TYR A OH  1 
ATOM   693 N  N   . HIS A 1 86 ? 3.414   11.270  -6.728  1.00 9.77  ? 86   HIS A N   1 
ATOM   694 C  CA  . HIS A 1 86 ? 4.213   12.549  -6.736  1.00 10.04 ? 86   HIS A CA  1 
ATOM   695 C  C   . HIS A 1 86 ? 4.925   12.636  -8.096  1.00 11.20 ? 86   HIS A C   1 
ATOM   696 O  O   . HIS A 1 86 ? 4.836   13.683  -8.743  1.00 12.21 ? 86   HIS A O   1 
ATOM   697 C  CB  . HIS A 1 86 ? 5.211   12.601  -5.580  1.00 8.97  ? 86   HIS A CB  1 
ATOM   698 C  CG  . HIS A 1 86 ? 5.952   13.883  -5.533  1.00 10.20 ? 86   HIS A CG  1 
ATOM   699 N  ND1 . HIS A 1 86 ? 7.312   13.943  -5.514  1.00 12.42 ? 86   HIS A ND1 1 
ATOM   700 C  CD2 . HIS A 1 86 ? 5.485   15.159  -5.577  1.00 13.82 ? 86   HIS A CD2 1 
ATOM   701 C  CE1 . HIS A 1 86 ? 7.692   15.231  -5.513  1.00 13.44 ? 86   HIS A CE1 1 
ATOM   702 N  NE2 . HIS A 1 86 ? 6.591   15.955  -5.525  1.00 9.98  ? 86   HIS A NE2 1 
ATOM   703 N  N   . LYS A 1 87 ? 5.507   11.511  -8.571  1.00 13.21 ? 87   LYS A N   1 
ATOM   704 C  CA  . LYS A 1 87 ? 6.096   11.542  -9.943  1.00 14.71 ? 87   LYS A CA  1 
ATOM   705 C  C   . LYS A 1 87 ? 5.052   11.809  -10.983 1.00 13.88 ? 87   LYS A C   1 
ATOM   706 O  O   . LYS A 1 87 ? 5.348   12.658  -11.948 1.00 16.56 ? 87   LYS A O   1 
ATOM   707 C  CB  . LYS A 1 87 ? 6.788   10.176  -10.207 1.00 13.55 ? 87   LYS A CB  1 
ATOM   708 C  CG  . LYS A 1 87 ? 8.005   10.145  -9.308  1.00 17.21 ? 87   LYS A CG  1 
ATOM   709 C  CD  . LYS A 1 87 ? 8.768   8.837   -9.427  1.00 24.70 ? 87   LYS A CD  1 
ATOM   710 C  CE  . LYS A 1 87 ? 9.971   8.974   -8.546  1.00 34.66 ? 87   LYS A CE  1 
ATOM   711 N  NZ  . LYS A 1 87 ? 10.765  7.710   -8.278  1.00 42.35 ? 87   LYS A NZ  1 
ATOM   712 N  N   . GLN A 1 88 ? 3.858   11.229  -10.875 1.00 14.34 ? 88   GLN A N   1 
ATOM   713 C  CA  . GLN A 1 88 ? 2.819   11.595  -11.885 1.00 15.90 ? 88   GLN A CA  1 
ATOM   714 C  C   . GLN A 1 88 ? 2.501   13.061  -11.889 1.00 17.87 ? 88   GLN A C   1 
ATOM   715 O  O   . GLN A 1 88 ? 2.279   13.665  -12.966 1.00 18.06 ? 88   GLN A O   1 
ATOM   716 C  CB  . GLN A 1 88 ? 1.505   10.922  -11.625 1.00 17.02 ? 88   GLN A CB  1 
ATOM   717 C  CG  . GLN A 1 88 ? 1.555   9.430   -11.833 1.00 19.51 ? 88   GLN A CG  1 
ATOM   718 C  CD  . GLN A 1 88 ? 0.213   8.765   -11.547 1.00 17.85 ? 88   GLN A CD  1 
ATOM   719 O  OE1 . GLN A 1 88 ? -0.839  9.182   -12.049 1.00 23.20 ? 88   GLN A OE1 1 
ATOM   720 N  NE2 . GLN A 1 88 ? 0.244   7.729   -10.757 1.00 23.94 ? 88   GLN A NE2 1 
ATOM   721 N  N   . SER A 1 89 ? 2.485   13.660  -10.686 1.00 14.36 ? 89   SER A N   1 
ATOM   722 C  CA  . SER A 1 89 ? 2.122   15.073  -10.667 1.00 14.92 ? 89   SER A CA  1 
ATOM   723 C  C   . SER A 1 89 ? 3.165   15.969  -11.357 1.00 15.84 ? 89   SER A C   1 
ATOM   724 O  O   . SER A 1 89 ? 2.872   17.158  -11.682 1.00 16.69 ? 89   SER A O   1 
ATOM   725 C  CB  . SER A 1 89 ? 1.867   15.527  -9.224  1.00 16.10 ? 89   SER A CB  1 
ATOM   726 O  OG  . SER A 1 89 ? 3.047   15.620  -8.512  1.00 13.18 ? 89   SER A OG  1 
ATOM   727 N  N   . HIS A 1 90 ? 4.384   15.437  -11.519 1.00 13.81 ? 90   HIS A N   1 
ATOM   728 C  CA  . HIS A 1 90 ? 5.516   16.087  -12.201 1.00 15.05 ? 90   HIS A CA  1 
ATOM   729 C  C   . HIS A 1 90 ? 5.608   15.688  -13.697 1.00 18.41 ? 90   HIS A C   1 
ATOM   730 O  O   . HIS A 1 90 ? 6.631   15.981  -14.338 1.00 21.31 ? 90   HIS A O   1 
ATOM   731 C  CB  . HIS A 1 90 ? 6.790   15.824  -11.473 1.00 17.48 ? 90   HIS A CB  1 
ATOM   732 C  CG  . HIS A 1 90 ? 6.933   16.687  -10.245 1.00 14.28 ? 90   HIS A CG  1 
ATOM   733 N  ND1 . HIS A 1 90 ? 7.767   17.782  -10.194 1.00 15.80 ? 90   HIS A ND1 1 
ATOM   734 C  CD2 . HIS A 1 90 ? 6.318   16.614  -9.006  1.00 12.84 ? 90   HIS A CD2 1 
ATOM   735 C  CE1 . HIS A 1 90 ? 7.660   18.354  -8.987  1.00 15.42 ? 90   HIS A CE1 1 
ATOM   736 N  NE2 . HIS A 1 90 ? 6.836   17.612  -8.218  1.00 12.21 ? 90   HIS A NE2 1 
ATOM   737 N  N   . GLY A 1 91 ? 4.610   14.931  -14.114 1.00 18.21 ? 91   GLY A N   1 
ATOM   738 C  CA  . GLY A 1 91 ? 4.463   14.560  -15.553 1.00 22.02 ? 91   GLY A CA  1 
ATOM   739 C  C   . GLY A 1 91 ? 4.922   13.163  -15.902 1.00 24.13 ? 91   GLY A C   1 
ATOM   740 O  O   . GLY A 1 91 ? 4.931   12.766  -17.144 1.00 23.24 ? 91   GLY A O   1 
ATOM   741 N  N   . ALA A 1 92 ? 5.294   12.358  -14.909 1.00 21.56 ? 92   ALA A N   1 
ATOM   742 C  CA  . ALA A 1 92 ? 5.641   10.916  -15.205 1.00 20.28 ? 92   ALA A CA  1 
ATOM   743 C  C   . ALA A 1 92 ? 4.430   10.144  -15.519 1.00 20.48 ? 92   ALA A C   1 
ATOM   744 O  O   . ALA A 1 92 ? 3.318   10.442  -15.107 1.00 20.71 ? 92   ALA A O   1 
ATOM   745 C  CB  . ALA A 1 92 ? 6.385   10.242  -13.993 1.00 19.29 ? 92   ALA A CB  1 
ATOM   746 N  N   . ALA A 1 93 ? 4.606   9.045   -16.291 1.00 22.89 ? 93   ALA A N   1 
ATOM   747 C  CA  . ALA A 1 93 ? 3.503   8.180   -16.495 1.00 21.69 ? 93   ALA A CA  1 
ATOM   748 C  C   . ALA A 1 93 ? 3.134   7.434   -15.159 1.00 20.47 ? 93   ALA A C   1 
ATOM   749 O  O   . ALA A 1 93 ? 4.014   7.296   -14.332 1.00 20.83 ? 93   ALA A O   1 
ATOM   750 C  CB  . ALA A 1 93 ? 3.897   7.110   -17.590 1.00 25.37 ? 93   ALA A CB  1 
ATOM   751 N  N   . PRO A 1 94 ? 1.892   6.966   -14.985 1.00 21.54 ? 94   PRO A N   1 
ATOM   752 C  CA  . PRO A 1 94 ? 1.560   6.181   -13.762 1.00 20.81 ? 94   PRO A CA  1 
ATOM   753 C  C   . PRO A 1 94 ? 2.366   4.887   -13.658 1.00 23.15 ? 94   PRO A C   1 
ATOM   754 O  O   . PRO A 1 94 ? 2.770   4.310   -14.698 1.00 24.29 ? 94   PRO A O   1 
ATOM   755 C  CB  . PRO A 1 94 ? 0.111   5.843   -13.941 1.00 21.43 ? 94   PRO A CB  1 
ATOM   756 C  CG  . PRO A 1 94 ? -0.410  6.881   -14.904 1.00 24.15 ? 94   PRO A CG  1 
ATOM   757 C  CD  . PRO A 1 94 ? 0.704   7.127   -15.804 1.00 22.27 ? 94   PRO A CD  1 
ATOM   758 N  N   . CYS A 1 95 ? 2.682   4.562   -12.412 1.00 22.53 ? 95   CYS A N   1 
ATOM   759 C  CA  . CYS A 1 95 ? 3.234   3.244   -12.085 1.00 25.87 ? 95   CYS A CA  1 
ATOM   760 C  C   . CYS A 1 95 ? 4.579   3.175   -12.785 1.00 29.01 ? 95   CYS A C   1 
ATOM   761 O  O   . CYS A 1 95 ? 4.957   2.139   -13.388 1.00 29.20 ? 95   CYS A O   1 
ATOM   762 C  CB  . CYS A 1 95 ? 2.232   2.188   -12.576 1.00 22.94 ? 95   CYS A CB  1 
ATOM   763 S  SG  . CYS A 1 95 ? 2.629   0.561   -11.749 1.00 26.00 ? 95   CYS A SG  1 
ATOM   764 N  N   . SER A 1 96 ? 5.324   4.295   -12.722 1.00 30.76 ? 96   SER A N   1 
ATOM   765 C  CA  . SER A 1 96 ? 6.640   4.353   -13.383 1.00 32.85 ? 96   SER A CA  1 
ATOM   766 C  C   . SER A 1 96 ? 7.605   3.851   -12.334 1.00 33.86 ? 96   SER A C   1 
ATOM   767 O  O   . SER A 1 96 ? 8.770   4.194   -12.352 1.00 35.73 ? 96   SER A O   1 
ATOM   768 C  CB  . SER A 1 96 ? 7.004   5.809   -13.795 1.00 34.29 ? 96   SER A CB  1 
ATOM   769 O  OG  . SER A 1 96 ? 7.280   6.618   -12.620 1.00 38.71 ? 96   SER A OG  1 
HETATM 770 CA CA  . CA  B 2 .  ? 8.140   -8.306  7.693   1.00 12.36 ? 1097 CA  A CA  1 
HETATM 771 C  C7  . 6AN C 3 .  ? -8.037  7.427   4.857   1.00 24.48 ? 1098 6AN A C7  1 
HETATM 772 C  C8  . 6AN C 3 .  ? -9.193  8.017   5.456   1.00 27.46 ? 1098 6AN A C8  1 
HETATM 773 C  C16 . 6AN C 3 .  ? -9.441  9.453   5.544   1.00 22.29 ? 1098 6AN A C16 1 
HETATM 774 C  C15 . 6AN C 3 .  ? -10.544 9.975   6.191   1.00 29.99 ? 1098 6AN A C15 1 
HETATM 775 C  C14 . 6AN C 3 .  ? -11.459 9.003   6.728   1.00 31.69 ? 1098 6AN A C14 1 
HETATM 776 S  S   . 6AN C 3 .  ? -12.877 9.589   7.567   1.00 38.46 ? 1098 6AN A S   1 
HETATM 777 O  O3  . 6AN C 3 .  ? -13.364 10.895  6.913   1.00 39.04 ? 1098 6AN A O3  1 
HETATM 778 O  O1  . 6AN C 3 .  ? -12.401 10.050  8.951   1.00 38.04 ? 1098 6AN A O1  1 
HETATM 779 O  O2  . 6AN C 3 .  ? -13.944 8.493   7.719   1.00 44.88 ? 1098 6AN A O2  1 
HETATM 780 C  C13 . 6AN C 3 .  ? -11.272 7.604   6.585   1.00 30.96 ? 1098 6AN A C13 1 
HETATM 781 C  C12 . 6AN C 3 .  ? -10.129 7.112   5.972   1.00 27.57 ? 1098 6AN A C12 1 
HETATM 782 C  C11 . 6AN C 3 .  ? -9.934  5.705   5.810   1.00 29.14 ? 1098 6AN A C11 1 
HETATM 783 C  C10 . 6AN C 3 .  ? -8.840  5.123   5.175   1.00 27.18 ? 1098 6AN A C10 1 
HETATM 784 C  C9  . 6AN C 3 .  ? -7.838  6.006   4.719   1.00 27.07 ? 1098 6AN A C9  1 
HETATM 785 N  N   . 6AN C 3 .  ? -6.835  5.440   4.131   1.00 22.60 ? 1098 6AN A N   1 
HETATM 786 C  C6  . 6AN C 3 .  ? -5.573  6.081   3.867   1.00 24.76 ? 1098 6AN A C6  1 
HETATM 787 C  C1  . 6AN C 3 .  ? -4.686  5.673   2.831   1.00 24.36 ? 1098 6AN A C1  1 
HETATM 788 C  C2  . 6AN C 3 .  ? -3.445  6.210   2.502   1.00 23.96 ? 1098 6AN A C2  1 
HETATM 789 C  C3  . 6AN C 3 .  ? -2.955  7.266   3.251   1.00 22.58 ? 1098 6AN A C3  1 
HETATM 790 C  C4  . 6AN C 3 .  ? -3.784  7.755   4.305   1.00 19.67 ? 1098 6AN A C4  1 
HETATM 791 C  C5  . 6AN C 3 .  ? -5.048  7.144   4.638   1.00 18.59 ? 1098 6AN A C5  1 
HETATM 792 ZN ZN  . ZN  D 4 .  ? 6.528   17.897  -6.249  1.00 12.98 ? 1099 ZN  A ZN  1 
HETATM 793 O  O   . HOH E 5 .  ? -10.983 10.304  12.592  1.00 35.90 ? 2001 HOH A O   1 
HETATM 794 O  O   . HOH E 5 .  ? -12.151 12.817  13.408  1.00 34.43 ? 2002 HOH A O   1 
HETATM 795 O  O   . HOH E 5 .  ? -11.687 6.949   18.697  1.00 36.10 ? 2003 HOH A O   1 
HETATM 796 O  O   . HOH E 5 .  ? -1.451  -14.700 -1.617  1.00 28.22 ? 2004 HOH A O   1 
HETATM 797 O  O   . HOH E 5 .  ? -9.305  20.326  7.200   1.00 20.38 ? 2005 HOH A O   1 
HETATM 798 O  O   . HOH E 5 .  ? -6.763  19.839  3.758   1.00 27.37 ? 2006 HOH A O   1 
HETATM 799 O  O   . HOH E 5 .  ? -9.320  7.350   16.676  1.00 33.32 ? 2007 HOH A O   1 
HETATM 800 O  O   . HOH E 5 .  ? -10.638 -10.436 14.755  1.00 25.20 ? 2008 HOH A O   1 
HETATM 801 O  O   . HOH E 5 .  ? -1.271  14.153  -11.459 1.00 34.36 ? 2009 HOH A O   1 
HETATM 802 O  O   . HOH E 5 .  ? -3.984  -14.556 -2.063  1.00 28.38 ? 2010 HOH A O   1 
HETATM 803 O  O   . HOH E 5 .  ? -7.907  -14.274 -0.005  1.00 34.52 ? 2011 HOH A O   1 
HETATM 804 O  O   . HOH E 5 .  ? -9.825  3.191   7.673   1.00 20.82 ? 2012 HOH A O   1 
HETATM 805 O  O   . HOH E 5 .  ? -10.684 -8.184  -3.172  1.00 41.19 ? 2013 HOH A O   1 
HETATM 806 O  O   . HOH E 5 .  ? -10.491 5.493   14.810  1.00 20.72 ? 2014 HOH A O   1 
HETATM 807 O  O   . HOH E 5 .  ? -10.849 6.386   10.541  1.00 16.95 ? 2015 HOH A O   1 
HETATM 808 O  O   . HOH E 5 .  ? -7.080  4.465   15.618  1.00 21.23 ? 2016 HOH A O   1 
HETATM 809 O  O   . HOH E 5 .  ? -7.515  1.148   14.532  1.00 13.55 ? 2017 HOH A O   1 
HETATM 810 O  O   . HOH E 5 .  ? -8.005  -4.593  -7.980  1.00 39.96 ? 2018 HOH A O   1 
HETATM 811 O  O   . HOH E 5 .  ? -6.111  3.427   -15.570 1.00 34.91 ? 2019 HOH A O   1 
HETATM 812 O  O   . HOH E 5 .  ? -3.766  5.076   -16.327 1.00 30.16 ? 2020 HOH A O   1 
HETATM 813 O  O   . HOH E 5 .  ? -14.438 2.478   8.405   1.00 29.09 ? 2021 HOH A O   1 
HETATM 814 O  O   . HOH E 5 .  ? -10.630 1.969   5.469   1.00 22.44 ? 2022 HOH A O   1 
HETATM 815 O  O   . HOH E 5 .  ? -3.397  -10.566 7.912   1.00 13.54 ? 2023 HOH A O   1 
HETATM 816 O  O   . HOH E 5 .  ? 6.586   -3.204  -4.553  1.00 17.71 ? 2024 HOH A O   1 
HETATM 817 O  O   . HOH E 5 .  ? 5.877   -2.801  -9.175  1.00 25.07 ? 2025 HOH A O   1 
HETATM 818 O  O   . HOH E 5 .  ? -7.336  -11.173 13.705  1.00 34.54 ? 2026 HOH A O   1 
HETATM 819 O  O   . HOH E 5 .  ? -7.244  -10.437 9.093   1.00 34.49 ? 2027 HOH A O   1 
HETATM 820 O  O   . HOH E 5 .  ? -3.915  -5.369  15.013  1.00 12.51 ? 2028 HOH A O   1 
HETATM 821 O  O   . HOH E 5 .  ? 10.285  -0.918  5.556   1.00 16.94 ? 2029 HOH A O   1 
HETATM 822 O  O   . HOH E 5 .  ? 14.009  -4.691  8.531   1.00 22.75 ? 2030 HOH A O   1 
HETATM 823 O  O   . HOH E 5 .  ? -3.624  -7.230  17.031  1.00 28.36 ? 2031 HOH A O   1 
HETATM 824 O  O   . HOH E 5 .  ? 0.817   -16.896 1.829   1.00 30.70 ? 2032 HOH A O   1 
HETATM 825 O  O   . HOH E 5 .  ? 8.670   3.540   10.171  1.00 22.58 ? 2033 HOH A O   1 
HETATM 826 O  O   . HOH E 5 .  ? 3.154   -3.921  13.277  1.00 11.77 ? 2034 HOH A O   1 
HETATM 827 O  O   . HOH E 5 .  ? 9.063   4.598   -5.345  1.00 45.04 ? 2035 HOH A O   1 
HETATM 828 O  O   . HOH E 5 .  ? -3.053  -16.599 5.581   1.00 45.55 ? 2036 HOH A O   1 
HETATM 829 O  O   . HOH E 5 .  ? 11.067  11.051  -3.556  1.00 16.98 ? 2037 HOH A O   1 
HETATM 830 O  O   . HOH E 5 .  ? 3.004   -13.559 -5.429  1.00 16.71 ? 2038 HOH A O   1 
HETATM 831 O  O   . HOH E 5 .  ? -1.674  16.586  -12.462 1.00 29.26 ? 2039 HOH A O   1 
HETATM 832 O  O   . HOH E 5 .  ? -5.707  -12.534 -1.304  1.00 19.02 ? 2040 HOH A O   1 
HETATM 833 O  O   . HOH E 5 .  ? -8.142  -9.560  4.583   1.00 34.75 ? 2041 HOH A O   1 
HETATM 834 O  O   . HOH E 5 .  ? -6.853  -13.590 3.754   1.00 43.91 ? 2042 HOH A O   1 
HETATM 835 O  O   . HOH E 5 .  ? -8.100  -11.651 2.543   1.00 35.47 ? 2043 HOH A O   1 
HETATM 836 O  O   . HOH E 5 .  ? -9.209  -10.581 -2.229  1.00 33.82 ? 2044 HOH A O   1 
HETATM 837 O  O   . HOH E 5 .  ? -12.629 -8.036  -1.799  1.00 34.53 ? 2045 HOH A O   1 
HETATM 838 O  O   . HOH E 5 .  ? -12.961 -1.584  1.010   1.00 41.40 ? 2046 HOH A O   1 
HETATM 839 O  O   . HOH E 5 .  ? -10.140 -0.202  4.062   1.00 18.10 ? 2047 HOH A O   1 
HETATM 840 O  O   . HOH E 5 .  ? -10.221 3.175   0.870   1.00 15.68 ? 2048 HOH A O   1 
HETATM 841 O  O   . HOH E 5 .  ? -7.984  -2.881  -10.106 1.00 23.05 ? 2049 HOH A O   1 
HETATM 842 O  O   . HOH E 5 .  ? -6.827  3.802   -13.020 1.00 28.55 ? 2050 HOH A O   1 
HETATM 843 O  O   . HOH E 5 .  ? -0.405  3.570   -10.659 1.00 24.89 ? 2051 HOH A O   1 
HETATM 844 O  O   . HOH E 5 .  ? -1.388  3.666   -16.845 1.00 29.37 ? 2052 HOH A O   1 
HETATM 845 O  O   . HOH E 5 .  ? -1.253  -4.018  -11.033 1.00 17.78 ? 2053 HOH A O   1 
HETATM 846 O  O   . HOH E 5 .  ? -0.358  -6.269  -16.778 1.00 44.91 ? 2054 HOH A O   1 
HETATM 847 O  O   . HOH E 5 .  ? 4.737   -7.524  -15.866 1.00 57.41 ? 2055 HOH A O   1 
HETATM 848 O  O   . HOH E 5 .  ? 4.727   0.052   -15.156 1.00 42.53 ? 2056 HOH A O   1 
HETATM 849 O  O   . HOH E 5 .  ? 4.613   -7.314  -13.519 1.00 25.85 ? 2057 HOH A O   1 
HETATM 850 O  O   . HOH E 5 .  ? 5.575   1.627   -6.375  1.00 25.67 ? 2058 HOH A O   1 
HETATM 851 O  O   . HOH E 5 .  ? 4.995   -4.212  -6.800  1.00 13.62 ? 2059 HOH A O   1 
HETATM 852 O  O   . HOH E 5 .  ? 5.102   -5.547  -10.022 1.00 24.08 ? 2060 HOH A O   1 
HETATM 853 O  O   . HOH E 5 .  ? 8.190   -4.290  -9.327  1.00 28.20 ? 2061 HOH A O   1 
HETATM 854 O  O   . HOH E 5 .  ? 3.445   -10.304 -3.646  1.00 10.30 ? 2062 HOH A O   1 
HETATM 855 O  O   . HOH E 5 .  ? 10.907  -10.361 1.190   1.00 17.12 ? 2063 HOH A O   1 
HETATM 856 O  O   . HOH E 5 .  ? 11.111  -2.183  1.320   1.00 39.46 ? 2064 HOH A O   1 
HETATM 857 O  O   . HOH E 5 .  ? 9.437   -2.444  3.421   1.00 15.06 ? 2065 HOH A O   1 
HETATM 858 O  O   . HOH E 5 .  ? 9.015   -12.425 2.158   1.00 17.29 ? 2066 HOH A O   1 
HETATM 859 O  O   . HOH E 5 .  ? 15.824  -6.562  7.710   1.00 31.10 ? 2067 HOH A O   1 
HETATM 860 O  O   . HOH E 5 .  ? 13.303  -7.657  12.341  1.00 44.49 ? 2068 HOH A O   1 
HETATM 861 O  O   . HOH E 5 .  ? 10.674  -15.974 4.607   1.00 49.79 ? 2069 HOH A O   1 
HETATM 862 O  O   . HOH E 5 .  ? 15.892  -9.628  5.639   1.00 28.94 ? 2070 HOH A O   1 
HETATM 863 O  O   . HOH E 5 .  ? 7.564   -7.742  9.957   1.00 14.84 ? 2071 HOH A O   1 
HETATM 864 O  O   . HOH E 5 .  ? 9.850   -10.758 12.964  1.00 32.61 ? 2072 HOH A O   1 
HETATM 865 O  O   . HOH E 5 .  ? 2.163   -14.323 4.769   1.00 17.42 ? 2073 HOH A O   1 
HETATM 866 O  O   . HOH E 5 .  ? 5.229   -15.838 1.516   1.00 26.96 ? 2074 HOH A O   1 
HETATM 867 O  O   . HOH E 5 .  ? 10.026  -17.041 0.791   1.00 27.89 ? 2075 HOH A O   1 
HETATM 868 O  O   . HOH E 5 .  ? 2.952   -15.387 7.886   1.00 35.03 ? 2076 HOH A O   1 
HETATM 869 O  O   . HOH E 5 .  ? 0.086   -11.732 10.575  1.00 32.91 ? 2077 HOH A O   1 
HETATM 870 O  O   . HOH E 5 .  ? 10.467  -4.221  10.978  1.00 17.81 ? 2078 HOH A O   1 
HETATM 871 O  O   . HOH E 5 .  ? 8.435   -7.153  12.814  1.00 29.77 ? 2079 HOH A O   1 
HETATM 872 O  O   . HOH E 5 .  ? 10.688  -1.874  8.177   1.00 16.84 ? 2080 HOH A O   1 
HETATM 873 O  O   . HOH E 5 .  ? 6.597   -1.807  12.850  1.00 14.90 ? 2081 HOH A O   1 
HETATM 874 O  O   . HOH E 5 .  ? 8.782   2.764   7.516   1.00 21.68 ? 2082 HOH A O   1 
HETATM 875 O  O   . HOH E 5 .  ? 11.259  -4.649  8.293   1.00 16.74 ? 2083 HOH A O   1 
HETATM 876 O  O   . HOH E 5 .  ? 8.617   4.251   1.012   1.00 21.63 ? 2084 HOH A O   1 
HETATM 877 O  O   . HOH E 5 .  ? 12.303  0.958   4.127   1.00 43.12 ? 2085 HOH A O   1 
HETATM 878 O  O   . HOH E 5 .  ? 5.714   -1.207  -3.042  1.00 16.30 ? 2086 HOH A O   1 
HETATM 879 O  O   . HOH E 5 .  ? 6.888   4.354   -6.137  1.00 31.81 ? 2087 HOH A O   1 
HETATM 880 O  O   . HOH E 5 .  ? 10.793  1.758   -0.801  1.00 35.37 ? 2088 HOH A O   1 
HETATM 881 O  O   . HOH E 5 .  ? 8.935   6.050   -0.780  1.00 26.03 ? 2089 HOH A O   1 
HETATM 882 O  O   . HOH E 5 .  ? 10.008  9.345   -1.972  1.00 23.24 ? 2090 HOH A O   1 
HETATM 883 O  O   . HOH E 5 .  ? 6.881   5.218   -8.763  1.00 34.49 ? 2091 HOH A O   1 
HETATM 884 O  O   . HOH E 5 .  ? 9.214   11.924  -5.581  1.00 17.88 ? 2092 HOH A O   1 
HETATM 885 O  O   . HOH E 5 .  ? -2.044  5.820   -10.488 1.00 29.37 ? 2093 HOH A O   1 
HETATM 886 O  O   . HOH E 5 .  ? 1.410   12.424  -15.250 1.00 38.67 ? 2094 HOH A O   1 
HETATM 887 O  O   . HOH E 5 .  ? 0.444   18.451  -11.975 1.00 21.13 ? 2095 HOH A O   1 
HETATM 888 O  O   . HOH E 5 .  ? 9.650   17.914  -12.466 1.00 28.39 ? 2096 HOH A O   1 
HETATM 889 O  O   . HOH E 5 .  ? 4.782   7.587   -11.754 1.00 21.59 ? 2097 HOH A O   1 
HETATM 890 O  O   . HOH E 5 .  ? 7.259   8.395   -17.202 1.00 36.54 ? 2098 HOH A O   1 
HETATM 891 O  O   . HOH E 5 .  ? -10.238 9.104   10.238  1.00 18.62 ? 2099 HOH A O   1 
# 
